data_2HX6
#
_entry.id   2HX6
#
_cell.length_a   1.000
_cell.length_b   1.000
_cell.length_c   1.000
_cell.angle_alpha   90.00
_cell.angle_beta   90.00
_cell.angle_gamma   90.00
#
_symmetry.space_group_name_H-M   'P 1'
#
_entity_poly.entity_id   1
_entity_poly.type   'polypeptide(L)'
_entity_poly.pdbx_seq_one_letter_code
;MTINTEVFIRRNKLRRHFESEFRQINNEIREASKAAGVSSFHLKYSQALLDRAIQREIDETYVFELFHKIKDHVLEVNEF
LSMPPRPDIDEDFIDGVEYRPGRLEITDGNLWLGFTVCKPNEKFKDPSLQCRMAIINSRRLPGKASKAVIKTQ
;
_entity_poly.pdbx_strand_id   A
#
# COMPACT_ATOMS: atom_id res chain seq x y z
N MET A 1 -30.26 7.75 2.52
CA MET A 1 -31.46 7.98 1.71
C MET A 1 -31.09 8.30 0.27
N THR A 2 -30.89 7.22 -0.52
CA THR A 2 -30.42 7.19 -1.89
C THR A 2 -30.69 5.73 -2.27
N ILE A 3 -30.66 5.33 -3.57
CA ILE A 3 -30.92 3.99 -4.13
C ILE A 3 -29.70 3.06 -4.01
N ASN A 4 -29.25 2.97 -2.74
CA ASN A 4 -28.12 2.32 -2.03
C ASN A 4 -27.82 0.88 -2.39
N THR A 5 -28.79 0.22 -3.06
CA THR A 5 -28.83 -1.06 -3.74
C THR A 5 -27.76 -1.18 -4.81
N GLU A 6 -27.81 -0.23 -5.81
CA GLU A 6 -26.91 -0.11 -6.96
C GLU A 6 -25.52 0.36 -6.60
N VAL A 7 -25.47 1.11 -5.46
CA VAL A 7 -24.32 1.66 -4.79
C VAL A 7 -23.55 0.63 -3.98
N PHE A 8 -24.27 -0.32 -3.30
CA PHE A 8 -23.78 -1.48 -2.55
C PHE A 8 -23.11 -2.45 -3.47
N ILE A 9 -23.82 -2.68 -4.62
CA ILE A 9 -23.34 -3.39 -5.80
C ILE A 9 -22.07 -2.72 -6.38
N ARG A 10 -22.04 -1.36 -6.48
CA ARG A 10 -20.85 -0.58 -6.85
C ARG A 10 -19.67 -0.62 -5.85
N ARG A 11 -19.86 -0.43 -4.49
CA ARG A 11 -18.87 -0.69 -3.42
C ARG A 11 -18.35 -2.14 -3.25
N ASN A 12 -19.16 -3.16 -3.63
CA ASN A 12 -18.87 -4.62 -3.68
C ASN A 12 -18.04 -4.93 -4.91
N LYS A 13 -18.47 -4.42 -6.11
CA LYS A 13 -17.76 -4.40 -7.38
C LYS A 13 -16.43 -3.68 -7.24
N LEU A 14 -16.41 -2.71 -6.27
CA LEU A 14 -15.19 -2.09 -5.74
C LEU A 14 -14.33 -3.07 -4.98
N ARG A 15 -14.85 -3.86 -4.02
CA ARG A 15 -14.13 -4.97 -3.39
C ARG A 15 -13.58 -6.05 -4.36
N ARG A 16 -14.30 -6.36 -5.51
CA ARG A 16 -13.72 -7.21 -6.54
C ARG A 16 -12.63 -6.48 -7.39
N HIS A 17 -12.83 -5.16 -7.69
CA HIS A 17 -11.91 -4.19 -8.34
C HIS A 17 -10.63 -4.01 -7.53
N PHE A 18 -10.80 -3.88 -6.18
CA PHE A 18 -9.85 -3.77 -5.07
C PHE A 18 -8.99 -5.03 -4.99
N GLU A 19 -9.62 -6.24 -4.94
CA GLU A 19 -8.94 -7.54 -4.88
C GLU A 19 -8.27 -8.07 -6.14
N SER A 20 -8.89 -7.90 -7.33
CA SER A 20 -8.38 -8.32 -8.64
C SER A 20 -7.23 -7.43 -9.13
N GLU A 21 -7.33 -6.10 -8.92
CA GLU A 21 -6.27 -5.14 -9.16
C GLU A 21 -5.21 -5.22 -8.04
N PHE A 22 -5.57 -5.60 -6.76
CA PHE A 22 -4.60 -5.98 -5.70
C PHE A 22 -3.80 -7.23 -6.03
N ARG A 23 -4.38 -8.22 -6.78
CA ARG A 23 -3.63 -9.33 -7.38
C ARG A 23 -2.69 -8.85 -8.45
N GLN A 24 -3.08 -7.81 -9.24
CA GLN A 24 -2.10 -7.14 -10.14
C GLN A 24 -0.89 -6.44 -9.47
N ILE A 25 -1.13 -5.65 -8.38
CA ILE A 25 -0.08 -4.99 -7.60
C ILE A 25 0.77 -5.95 -6.80
N ASN A 26 0.15 -6.98 -6.11
CA ASN A 26 0.94 -7.99 -5.38
C ASN A 26 1.69 -8.94 -6.33
N ASN A 27 1.19 -9.16 -7.60
CA ASN A 27 1.89 -9.94 -8.63
C ASN A 27 3.14 -9.19 -9.11
N GLU A 28 3.10 -7.79 -9.29
CA GLU A 28 4.37 -7.07 -9.51
C GLU A 28 5.27 -7.08 -8.30
N ILE A 29 4.74 -7.02 -7.03
CA ILE A 29 5.55 -7.15 -5.81
C ILE A 29 6.27 -8.47 -5.65
N ARG A 30 5.60 -9.62 -5.91
CA ARG A 30 6.25 -10.93 -5.95
C ARG A 30 7.37 -11.08 -7.01
N GLU A 31 7.11 -10.64 -8.29
CA GLU A 31 8.03 -10.76 -9.41
C GLU A 31 9.14 -9.77 -9.41
N ALA A 32 8.83 -8.53 -8.98
CA ALA A 32 9.76 -7.44 -8.94
C ALA A 32 10.65 -7.50 -7.75
N SER A 33 10.10 -8.00 -6.61
CA SER A 33 10.86 -8.22 -5.40
C SER A 33 11.78 -9.43 -5.62
N LYS A 34 11.31 -10.47 -6.40
CA LYS A 34 12.19 -11.55 -6.89
C LYS A 34 13.30 -11.12 -7.86
N ALA A 35 12.94 -10.23 -8.83
CA ALA A 35 13.82 -9.62 -9.81
C ALA A 35 14.77 -8.57 -9.23
N ALA A 36 14.36 -7.82 -8.16
CA ALA A 36 15.20 -6.92 -7.37
C ALA A 36 16.10 -7.69 -6.40
N GLY A 37 15.75 -8.97 -6.08
CA GLY A 37 16.61 -9.87 -5.32
C GLY A 37 16.30 -9.95 -3.86
N VAL A 38 15.08 -9.52 -3.43
CA VAL A 38 14.69 -9.52 -2.04
C VAL A 38 13.43 -10.31 -1.88
N SER A 39 13.35 -10.97 -0.70
CA SER A 39 12.38 -11.94 -0.15
C SER A 39 11.24 -12.48 -1.04
N SER A 40 10.25 -11.60 -1.13
CA SER A 40 8.91 -11.69 -1.66
C SER A 40 8.13 -11.33 -0.42
N PHE A 41 7.28 -10.29 -0.50
CA PHE A 41 6.53 -9.78 0.63
C PHE A 41 5.05 -10.06 0.41
N HIS A 42 4.33 -10.40 1.51
CA HIS A 42 2.93 -10.80 1.52
C HIS A 42 2.11 -9.62 1.97
N LEU A 43 1.10 -9.25 1.17
CA LEU A 43 0.27 -8.06 1.35
C LEU A 43 -1.01 -8.40 2.08
N LYS A 44 -1.32 -7.65 3.17
CA LYS A 44 -2.52 -7.84 3.94
C LYS A 44 -2.94 -6.43 4.23
N TYR A 45 -4.25 -6.15 4.24
CA TYR A 45 -4.81 -4.85 4.53
C TYR A 45 -5.89 -5.05 5.55
N SER A 46 -6.16 -3.99 6.35
CA SER A 46 -7.24 -3.87 7.31
C SER A 46 -8.46 -3.32 6.57
N GLN A 47 -9.55 -4.12 6.58
CA GLN A 47 -10.84 -3.96 5.89
C GLN A 47 -11.74 -2.83 6.37
N ALA A 48 -11.43 -2.18 7.52
CA ALA A 48 -12.07 -0.98 8.09
C ALA A 48 -11.56 0.31 7.40
N LEU A 49 -10.21 0.34 7.15
CA LEU A 49 -9.40 1.31 6.35
C LEU A 49 -9.90 1.33 4.93
N LEU A 50 -10.05 0.07 4.47
CA LEU A 50 -10.50 -0.30 3.17
C LEU A 50 -11.97 -0.09 3.02
N ASP A 51 -12.79 -0.23 4.12
CA ASP A 51 -14.21 0.15 4.17
C ASP A 51 -14.36 1.67 3.94
N ARG A 52 -13.36 2.50 4.43
CA ARG A 52 -13.22 3.92 4.07
C ARG A 52 -12.94 4.13 2.59
N ALA A 53 -12.00 3.40 1.96
CA ALA A 53 -11.83 3.45 0.49
C ALA A 53 -12.94 2.85 -0.38
N ILE A 54 -13.67 1.86 0.18
CA ILE A 54 -14.78 1.09 -0.37
C ILE A 54 -16.05 1.94 -0.40
N GLN A 55 -16.37 2.74 0.68
CA GLN A 55 -17.54 3.62 0.62
C GLN A 55 -17.28 5.10 0.40
N ARG A 56 -16.12 5.67 0.77
CA ARG A 56 -15.92 7.13 0.65
C ARG A 56 -15.40 7.51 -0.74
N GLU A 57 -14.66 6.53 -1.31
CA GLU A 57 -13.89 6.59 -2.52
C GLU A 57 -14.36 5.47 -3.42
N ILE A 58 -15.71 5.28 -3.51
CA ILE A 58 -16.38 4.19 -4.31
C ILE A 58 -15.96 4.20 -5.79
N ASP A 59 -15.65 2.98 -6.33
CA ASP A 59 -15.11 2.63 -7.67
C ASP A 59 -13.76 3.32 -7.97
N GLU A 60 -13.02 3.76 -6.91
CA GLU A 60 -11.67 4.24 -6.89
C GLU A 60 -10.71 3.09 -7.05
N THR A 61 -10.64 2.78 -8.37
CA THR A 61 -9.83 2.09 -9.32
C THR A 61 -8.66 2.95 -9.77
N TYR A 62 -8.82 4.32 -9.73
CA TYR A 62 -7.78 5.37 -9.97
C TYR A 62 -6.62 5.21 -8.97
N VAL A 63 -7.05 4.76 -7.75
CA VAL A 63 -6.34 4.19 -6.59
C VAL A 63 -5.29 3.19 -7.02
N PHE A 64 -5.80 2.18 -7.76
CA PHE A 64 -5.16 1.09 -8.49
C PHE A 64 -4.28 1.56 -9.60
N GLU A 65 -4.63 2.63 -10.34
CA GLU A 65 -3.87 3.20 -11.45
C GLU A 65 -2.63 3.93 -10.95
N LEU A 66 -2.78 4.77 -9.89
CA LEU A 66 -1.68 5.38 -9.14
C LEU A 66 -0.78 4.35 -8.43
N PHE A 67 -1.31 3.22 -7.84
CA PHE A 67 -0.51 2.08 -7.29
C PHE A 67 0.05 1.06 -8.30
N HIS A 68 -0.50 1.04 -9.54
CA HIS A 68 -0.06 0.32 -10.74
C HIS A 68 1.03 1.13 -11.46
N LYS A 69 1.10 2.45 -11.17
CA LYS A 69 2.18 3.36 -11.53
C LYS A 69 3.17 3.41 -10.38
N ILE A 70 2.71 3.16 -9.09
CA ILE A 70 3.48 3.11 -7.80
C ILE A 70 4.27 1.88 -7.65
N LYS A 71 4.01 0.94 -8.53
CA LYS A 71 4.47 -0.42 -8.50
C LYS A 71 5.93 -0.75 -8.29
N ASP A 72 6.81 0.12 -8.83
CA ASP A 72 8.25 0.02 -8.84
C ASP A 72 8.77 0.45 -7.48
N HIS A 73 7.85 1.13 -6.71
CA HIS A 73 7.92 1.47 -5.30
C HIS A 73 7.86 0.18 -4.46
N VAL A 74 7.60 -1.03 -5.15
CA VAL A 74 8.12 -2.35 -4.65
C VAL A 74 9.59 -2.33 -4.15
N LEU A 75 10.51 -1.56 -4.85
CA LEU A 75 11.90 -1.24 -4.53
C LEU A 75 12.10 -0.46 -3.26
N GLU A 76 11.21 0.49 -2.89
CA GLU A 76 11.28 1.28 -1.67
C GLU A 76 10.86 0.45 -0.45
N VAL A 77 9.82 -0.40 -0.63
CA VAL A 77 9.40 -1.40 0.38
C VAL A 77 10.41 -2.58 0.52
N ASN A 78 11.10 -2.87 -0.61
CA ASN A 78 12.27 -3.73 -0.76
C ASN A 78 13.56 -3.23 -0.16
N GLU A 79 13.97 -1.94 -0.38
CA GLU A 79 15.16 -1.28 0.17
C GLU A 79 15.01 -1.11 1.68
N PHE A 80 13.72 -0.97 2.13
CA PHE A 80 13.22 -1.13 3.50
C PHE A 80 13.48 -2.57 4.06
N LEU A 81 13.22 -3.70 3.32
CA LEU A 81 13.69 -5.08 3.72
C LEU A 81 15.22 -5.33 3.59
N SER A 82 15.88 -4.75 2.57
CA SER A 82 17.27 -4.95 2.11
C SER A 82 18.42 -4.54 3.04
N MET A 83 18.11 -4.06 4.27
CA MET A 83 19.02 -3.60 5.31
C MET A 83 19.80 -4.75 6.01
N PRO A 84 20.88 -4.53 6.80
CA PRO A 84 21.61 -5.56 7.59
C PRO A 84 20.72 -6.22 8.69
N PRO A 85 21.06 -7.17 9.60
CA PRO A 85 20.12 -7.77 10.58
C PRO A 85 19.49 -6.74 11.53
N ARG A 86 18.17 -6.89 11.89
CA ARG A 86 17.38 -5.95 12.73
C ARG A 86 18.02 -5.78 14.10
N PRO A 87 18.19 -6.83 14.90
CA PRO A 87 19.20 -6.86 15.95
C PRO A 87 20.68 -6.95 15.53
N ASP A 88 21.45 -6.15 16.28
CA ASP A 88 22.92 -6.11 16.33
C ASP A 88 23.39 -6.37 17.77
N ILE A 89 22.40 -6.33 18.67
CA ILE A 89 22.27 -6.29 20.08
C ILE A 89 20.81 -6.60 20.30
N ASP A 90 20.42 -6.71 21.58
CA ASP A 90 19.04 -6.87 22.01
C ASP A 90 18.62 -5.64 22.80
N GLU A 91 19.61 -4.80 23.23
CA GLU A 91 19.42 -3.60 24.04
C GLU A 91 18.85 -2.38 23.34
N ASP A 92 19.47 -2.07 22.20
CA ASP A 92 19.21 -0.91 21.37
C ASP A 92 18.77 -1.32 19.99
N PHE A 93 18.88 -2.64 19.75
CA PHE A 93 18.67 -3.46 18.56
C PHE A 93 19.10 -2.98 17.17
N ILE A 94 18.32 -2.05 16.64
CA ILE A 94 18.42 -1.39 15.35
C ILE A 94 19.34 -0.19 15.36
N ASP A 95 20.53 -0.68 15.11
CA ASP A 95 21.85 -0.09 15.03
C ASP A 95 22.19 0.20 13.59
N GLY A 96 21.59 -0.59 12.66
CA GLY A 96 21.59 -0.40 11.22
C GLY A 96 20.52 0.58 10.78
N VAL A 97 19.63 1.00 11.70
CA VAL A 97 18.59 1.98 11.48
C VAL A 97 18.96 3.23 12.25
N GLU A 98 19.16 4.30 11.49
CA GLU A 98 19.50 5.68 11.86
C GLU A 98 18.28 6.55 12.20
N TYR A 99 17.29 5.90 12.84
CA TYR A 99 15.98 6.39 13.31
C TYR A 99 14.96 6.58 12.15
N ARG A 100 14.34 5.49 11.64
CA ARG A 100 13.35 5.50 10.56
C ARG A 100 11.97 5.08 11.08
N PRO A 101 10.82 5.46 10.47
CA PRO A 101 9.48 5.01 10.87
C PRO A 101 9.15 3.59 10.37
N GLY A 102 8.12 2.97 10.96
CA GLY A 102 7.62 1.61 10.66
C GLY A 102 6.66 1.45 9.49
N ARG A 103 6.46 2.53 8.72
CA ARG A 103 5.62 2.55 7.54
C ARG A 103 6.25 3.39 6.46
N LEU A 104 5.79 3.15 5.22
CA LEU A 104 6.16 3.82 3.98
C LEU A 104 4.94 4.63 3.59
N GLU A 105 5.09 5.92 3.24
CA GLU A 105 4.01 6.84 2.96
C GLU A 105 4.36 7.46 1.63
N ILE A 106 3.52 7.22 0.58
CA ILE A 106 3.79 7.60 -0.80
C ILE A 106 2.64 8.50 -1.32
N THR A 107 2.90 9.70 -1.95
CA THR A 107 1.82 10.57 -2.48
C THR A 107 2.16 11.18 -3.81
N ASP A 108 1.10 11.44 -4.63
CA ASP A 108 1.14 12.32 -5.78
C ASP A 108 -0.20 12.14 -6.41
N GLY A 109 -0.55 13.09 -7.32
CA GLY A 109 -1.76 13.18 -8.16
C GLY A 109 -3.07 12.89 -7.60
N ASN A 110 -3.31 13.47 -6.39
CA ASN A 110 -4.52 13.50 -5.61
C ASN A 110 -4.66 12.33 -4.64
N LEU A 111 -3.79 11.30 -4.76
CA LEU A 111 -3.78 10.07 -3.98
C LEU A 111 -2.75 10.01 -2.88
N TRP A 112 -3.17 9.58 -1.66
CA TRP A 112 -2.34 9.34 -0.52
C TRP A 112 -2.42 7.80 -0.39
N LEU A 113 -1.41 7.06 -0.88
CA LEU A 113 -1.38 5.59 -0.86
C LEU A 113 -0.19 5.19 0.08
N GLY A 114 -0.42 4.45 1.19
CA GLY A 114 0.60 4.12 2.19
C GLY A 114 0.65 2.62 2.36
N PHE A 115 1.81 2.04 2.81
CA PHE A 115 2.02 0.63 3.04
C PHE A 115 2.68 0.52 4.42
N THR A 116 2.23 -0.40 5.32
CA THR A 116 2.78 -0.53 6.67
C THR A 116 3.17 -1.97 6.73
N VAL A 117 4.37 -2.33 7.27
CA VAL A 117 4.91 -3.70 7.55
C VAL A 117 3.99 -4.50 8.42
N CYS A 118 4.10 -5.87 8.43
CA CYS A 118 3.36 -6.59 9.52
C CYS A 118 3.86 -6.26 10.93
N LYS A 119 3.16 -5.34 11.62
CA LYS A 119 3.44 -4.77 12.92
C LYS A 119 3.45 -5.67 14.16
N PRO A 120 2.62 -6.70 14.39
CA PRO A 120 2.69 -7.54 15.60
C PRO A 120 3.73 -8.70 15.48
N ASN A 121 5.08 -8.44 15.52
CA ASN A 121 6.14 -9.48 15.42
C ASN A 121 7.57 -9.08 15.88
N GLU A 122 8.63 -9.48 15.10
CA GLU A 122 10.06 -9.17 15.19
C GLU A 122 10.50 -8.02 14.30
N LYS A 123 9.75 -7.85 13.20
CA LYS A 123 9.81 -6.98 12.07
C LYS A 123 11.08 -7.04 11.29
N PHE A 124 11.14 -8.20 10.62
CA PHE A 124 12.20 -8.73 9.75
C PHE A 124 12.50 -7.93 8.48
N LYS A 125 12.74 -6.62 8.67
CA LYS A 125 13.11 -5.57 7.75
C LYS A 125 11.87 -5.03 7.04
N ASP A 126 11.28 -5.88 6.17
CA ASP A 126 9.97 -5.66 5.55
C ASP A 126 9.50 -6.88 4.77
N PRO A 127 8.90 -8.00 5.28
CA PRO A 127 8.46 -9.06 4.35
C PRO A 127 7.03 -9.48 4.36
N SER A 128 6.27 -8.62 4.96
CA SER A 128 4.83 -8.51 4.86
C SER A 128 4.44 -7.05 4.99
N LEU A 129 3.23 -6.68 4.50
CA LEU A 129 2.59 -5.39 4.77
C LEU A 129 1.33 -5.78 5.54
N GLN A 130 0.91 -5.01 6.58
CA GLN A 130 -0.28 -5.28 7.40
C GLN A 130 -0.99 -3.96 7.41
N CYS A 131 -1.58 -3.60 6.24
CA CYS A 131 -2.23 -2.30 5.97
C CYS A 131 -1.62 -1.80 4.69
N ARG A 132 -2.47 -1.68 3.66
CA ARG A 132 -2.19 -0.92 2.46
C ARG A 132 -3.26 0.14 2.57
N MET A 133 -2.89 1.41 2.87
CA MET A 133 -3.73 2.54 3.11
C MET A 133 -3.93 3.29 1.82
N ALA A 134 -5.15 3.21 1.26
CA ALA A 134 -5.47 3.91 0.03
C ALA A 134 -6.55 4.91 0.43
N ILE A 135 -6.25 6.24 0.36
CA ILE A 135 -7.16 7.34 0.70
C ILE A 135 -6.83 8.47 -0.27
N ILE A 136 -7.84 9.09 -0.89
CA ILE A 136 -7.76 10.12 -1.94
C ILE A 136 -8.37 11.38 -1.42
N ASN A 137 -8.38 12.29 -2.39
CA ASN A 137 -9.17 13.47 -2.51
C ASN A 137 -9.71 13.51 -3.97
N SER A 138 -11.02 13.76 -4.23
CA SER A 138 -11.59 13.68 -5.59
C SER A 138 -12.68 14.69 -5.95
N ARG A 139 -13.88 14.15 -6.31
CA ARG A 139 -15.04 14.75 -6.91
C ARG A 139 -16.18 14.85 -5.91
N ARG A 140 -16.79 13.66 -5.67
CA ARG A 140 -17.76 13.28 -4.68
C ARG A 140 -17.12 13.02 -3.35
N LEU A 141 -15.78 12.99 -3.42
CA LEU A 141 -14.92 12.37 -2.48
C LEU A 141 -14.67 13.13 -1.16
N PRO A 142 -14.84 12.62 0.04
CA PRO A 142 -14.65 13.31 1.33
C PRO A 142 -13.28 13.87 1.75
N GLY A 143 -12.29 13.66 0.87
CA GLY A 143 -10.91 14.16 0.78
C GLY A 143 -9.99 14.47 1.97
N LYS A 144 -8.94 13.64 2.16
CA LYS A 144 -7.89 13.78 3.18
C LYS A 144 -6.54 14.31 2.63
N ALA A 145 -5.72 15.00 3.49
CA ALA A 145 -4.39 15.51 3.13
C ALA A 145 -3.47 15.41 4.36
N SER A 146 -2.32 14.68 4.26
CA SER A 146 -1.42 14.32 5.36
C SER A 146 -0.27 15.23 5.73
N LYS A 147 -0.01 16.27 4.89
CA LYS A 147 1.05 17.29 4.95
C LYS A 147 2.06 17.08 3.85
N ALA A 148 1.93 15.91 3.18
CA ALA A 148 2.54 15.54 1.92
C ALA A 148 3.90 14.81 1.92
N VAL A 149 3.97 13.73 1.08
CA VAL A 149 5.02 12.73 0.91
C VAL A 149 5.26 12.45 -0.60
N ILE A 150 5.90 11.31 -1.03
CA ILE A 150 6.19 10.98 -2.42
C ILE A 150 5.85 9.57 -2.98
N LYS A 151 5.43 9.47 -4.31
CA LYS A 151 4.92 8.71 -5.48
C LYS A 151 6.06 7.91 -5.89
N THR A 152 5.97 6.83 -6.66
CA THR A 152 7.20 6.11 -6.82
C THR A 152 8.37 6.70 -7.69
N GLN A 153 9.13 7.25 -6.74
CA GLN A 153 10.48 7.71 -6.59
C GLN A 153 11.52 6.70 -7.15
N MET A 1 -34.58 8.28 -0.85
CA MET A 1 -35.00 7.32 -1.88
C MET A 1 -34.12 7.34 -3.14
N THR A 2 -32.86 6.87 -2.95
CA THR A 2 -31.74 6.81 -3.87
C THR A 2 -31.61 5.44 -4.51
N ILE A 3 -31.32 5.34 -5.85
CA ILE A 3 -31.17 4.09 -6.64
C ILE A 3 -29.83 3.35 -6.44
N ASN A 4 -29.52 3.16 -5.14
CA ASN A 4 -28.41 2.56 -4.37
C ASN A 4 -28.20 1.05 -4.59
N THR A 5 -29.05 0.47 -5.46
CA THR A 5 -29.14 -0.85 -6.05
C THR A 5 -27.99 -1.14 -7.01
N GLU A 6 -27.90 -0.33 -8.12
CA GLU A 6 -26.87 -0.44 -9.17
C GLU A 6 -25.51 0.05 -8.72
N VAL A 7 -25.52 0.86 -7.64
CA VAL A 7 -24.42 1.40 -6.88
C VAL A 7 -23.83 0.34 -5.94
N PHE A 8 -24.69 -0.56 -5.40
CA PHE A 8 -24.35 -1.75 -4.59
C PHE A 8 -23.62 -2.75 -5.48
N ILE A 9 -24.12 -2.90 -6.75
CA ILE A 9 -23.43 -3.61 -7.83
C ILE A 9 -22.06 -2.98 -8.17
N ARG A 10 -21.93 -1.62 -8.27
CA ARG A 10 -20.63 -0.92 -8.38
C ARG A 10 -19.69 -1.09 -7.17
N ARG A 11 -20.11 -0.88 -5.88
CA ARG A 11 -19.32 -1.19 -4.65
C ARG A 11 -18.90 -2.67 -4.43
N ASN A 12 -19.67 -3.64 -4.98
CA ASN A 12 -19.40 -5.10 -5.04
C ASN A 12 -18.38 -5.41 -6.12
N LYS A 13 -18.61 -4.89 -7.38
CA LYS A 13 -17.71 -4.91 -8.53
C LYS A 13 -16.39 -4.23 -8.18
N LEU A 14 -16.46 -3.24 -7.22
CA LEU A 14 -15.32 -2.62 -6.56
C LEU A 14 -14.63 -3.55 -5.65
N ARG A 15 -15.32 -4.28 -4.76
CA ARG A 15 -14.76 -5.36 -3.91
C ARG A 15 -14.04 -6.45 -4.75
N ARG A 16 -14.64 -6.81 -5.93
CA ARG A 16 -13.94 -7.55 -6.99
C ARG A 16 -12.71 -6.82 -7.63
N HIS A 17 -12.82 -5.50 -8.05
CA HIS A 17 -11.77 -4.58 -8.57
C HIS A 17 -10.61 -4.43 -7.57
N PHE A 18 -10.94 -4.21 -6.27
CA PHE A 18 -10.13 -4.15 -5.06
C PHE A 18 -9.32 -5.44 -4.87
N GLU A 19 -10.00 -6.64 -4.88
CA GLU A 19 -9.35 -7.96 -4.73
C GLU A 19 -8.57 -8.50 -5.91
N SER A 20 -9.12 -8.40 -7.14
CA SER A 20 -8.54 -8.83 -8.44
C SER A 20 -7.30 -8.01 -8.82
N GLU A 21 -7.36 -6.68 -8.52
CA GLU A 21 -6.25 -5.74 -8.62
C GLU A 21 -5.28 -5.90 -7.44
N PHE A 22 -5.70 -6.34 -6.20
CA PHE A 22 -4.79 -6.76 -5.10
C PHE A 22 -3.90 -7.95 -5.48
N ARG A 23 -4.45 -8.88 -6.34
CA ARG A 23 -3.66 -9.89 -7.06
C ARG A 23 -2.75 -9.25 -8.10
N GLN A 24 -3.20 -8.26 -8.92
CA GLN A 24 -2.31 -7.48 -9.79
C GLN A 24 -1.17 -6.72 -9.11
N ILE A 25 -1.43 -6.09 -7.92
CA ILE A 25 -0.46 -5.35 -7.11
C ILE A 25 0.56 -6.29 -6.49
N ASN A 26 0.09 -7.43 -5.90
CA ASN A 26 0.97 -8.45 -5.32
C ASN A 26 1.71 -9.29 -6.39
N ASN A 27 1.15 -9.36 -7.65
CA ASN A 27 1.81 -9.89 -8.86
C ASN A 27 2.91 -8.91 -9.40
N GLU A 28 2.69 -7.53 -9.41
CA GLU A 28 3.76 -6.54 -9.70
C GLU A 28 4.88 -6.55 -8.67
N ILE A 29 4.52 -6.91 -7.40
CA ILE A 29 5.52 -7.23 -6.36
C ILE A 29 6.28 -8.52 -6.62
N ARG A 30 5.62 -9.68 -6.90
CA ARG A 30 6.29 -10.96 -7.17
C ARG A 30 7.23 -10.94 -8.37
N GLU A 31 6.91 -10.17 -9.44
CA GLU A 31 7.73 -10.00 -10.63
C GLU A 31 8.86 -9.07 -10.38
N ALA A 32 8.59 -7.91 -9.72
CA ALA A 32 9.60 -6.90 -9.45
C ALA A 32 10.56 -7.24 -8.35
N SER A 33 10.07 -8.00 -7.33
CA SER A 33 10.78 -8.49 -6.18
C SER A 33 11.60 -9.71 -6.59
N LYS A 34 11.11 -10.57 -7.55
CA LYS A 34 11.98 -11.56 -8.18
C LYS A 34 12.99 -11.00 -9.19
N ALA A 35 12.54 -10.04 -10.04
CA ALA A 35 13.34 -9.35 -11.04
C ALA A 35 14.38 -8.37 -10.48
N ALA A 36 14.10 -7.70 -9.30
CA ALA A 36 15.09 -6.97 -8.53
C ALA A 36 16.05 -7.90 -7.75
N GLY A 37 15.65 -9.21 -7.57
CA GLY A 37 16.52 -10.28 -7.04
C GLY A 37 16.40 -10.48 -5.56
N VAL A 38 15.29 -9.97 -4.99
CA VAL A 38 14.97 -9.88 -3.60
C VAL A 38 13.98 -10.96 -3.19
N SER A 39 13.60 -10.99 -1.89
CA SER A 39 12.65 -11.91 -1.26
C SER A 39 11.17 -11.60 -1.59
N SER A 40 10.26 -11.81 -0.64
CA SER A 40 8.83 -11.63 -0.83
C SER A 40 8.24 -11.25 0.49
N PHE A 41 7.06 -10.59 0.45
CA PHE A 41 6.34 -10.11 1.62
C PHE A 41 4.91 -10.59 1.57
N HIS A 42 4.28 -10.68 2.77
CA HIS A 42 2.88 -11.02 3.01
C HIS A 42 2.28 -9.66 3.27
N LEU A 43 1.40 -9.20 2.39
CA LEU A 43 0.90 -7.84 2.43
C LEU A 43 -0.59 -7.89 2.74
N LYS A 44 -1.06 -7.11 3.76
CA LYS A 44 -2.45 -7.12 4.17
C LYS A 44 -2.94 -5.69 4.27
N TYR A 45 -4.24 -5.46 3.93
CA TYR A 45 -4.91 -4.17 4.03
C TYR A 45 -5.76 -4.10 5.28
N SER A 46 -6.09 -2.86 5.72
CA SER A 46 -6.96 -2.58 6.87
C SER A 46 -8.28 -2.03 6.35
N GLN A 47 -9.39 -2.75 6.64
CA GLN A 47 -10.74 -2.56 6.12
C GLN A 47 -11.59 -1.41 6.63
N ALA A 48 -11.23 -0.67 7.70
CA ALA A 48 -11.99 0.49 8.22
C ALA A 48 -11.85 1.75 7.34
N LEU A 49 -10.58 2.08 7.00
CA LEU A 49 -10.13 3.13 6.10
C LEU A 49 -10.51 2.87 4.63
N LEU A 50 -10.54 1.54 4.33
CA LEU A 50 -10.98 0.90 3.10
C LEU A 50 -12.51 0.93 3.03
N ASP A 51 -13.27 0.64 4.14
CA ASP A 51 -14.73 0.74 4.31
C ASP A 51 -15.22 2.17 4.05
N ARG A 52 -14.39 3.20 4.34
CA ARG A 52 -14.68 4.55 3.81
C ARG A 52 -14.32 4.74 2.35
N ALA A 53 -13.17 4.24 1.86
CA ALA A 53 -12.76 4.40 0.45
C ALA A 53 -13.65 3.72 -0.61
N ILE A 54 -14.15 2.55 -0.16
CA ILE A 54 -15.04 1.59 -0.82
C ILE A 54 -16.41 2.13 -1.08
N GLN A 55 -16.99 2.93 -0.13
CA GLN A 55 -18.27 3.59 -0.39
C GLN A 55 -18.16 5.06 -0.68
N ARG A 56 -17.11 5.80 -0.24
CA ARG A 56 -17.01 7.23 -0.56
C ARG A 56 -16.47 7.50 -1.98
N GLU A 57 -15.73 6.49 -2.53
CA GLU A 57 -15.07 6.52 -3.82
C GLU A 57 -15.39 5.34 -4.75
N ILE A 58 -16.45 4.60 -4.39
CA ILE A 58 -17.18 3.42 -4.93
C ILE A 58 -16.65 2.40 -5.94
N ASP A 59 -15.73 2.80 -6.81
CA ASP A 59 -15.05 2.07 -7.91
C ASP A 59 -13.78 2.88 -8.03
N GLU A 60 -12.94 2.85 -6.95
CA GLU A 60 -11.65 3.52 -6.86
C GLU A 60 -10.58 2.66 -7.37
N THR A 61 -10.71 2.34 -8.67
CA THR A 61 -9.83 1.55 -9.51
C THR A 61 -8.62 2.32 -9.98
N TYR A 62 -8.75 3.64 -9.72
CA TYR A 62 -7.78 4.70 -9.71
C TYR A 62 -6.74 4.49 -8.59
N VAL A 63 -7.25 3.93 -7.45
CA VAL A 63 -6.52 3.72 -6.20
C VAL A 63 -5.43 2.71 -6.39
N PHE A 64 -5.83 1.71 -7.22
CA PHE A 64 -5.14 0.61 -7.88
C PHE A 64 -4.20 1.11 -8.88
N GLU A 65 -4.56 2.06 -9.77
CA GLU A 65 -3.67 2.68 -10.77
C GLU A 65 -2.47 3.41 -10.19
N LEU A 66 -2.72 4.09 -9.06
CA LEU A 66 -1.81 4.80 -8.18
C LEU A 66 -0.97 3.89 -7.29
N PHE A 67 -1.52 2.85 -6.57
CA PHE A 67 -0.67 1.90 -5.81
C PHE A 67 0.00 0.86 -6.73
N HIS A 68 -0.55 0.70 -7.97
CA HIS A 68 0.08 0.08 -9.15
C HIS A 68 1.26 0.95 -9.63
N LYS A 69 1.21 2.35 -9.62
CA LYS A 69 2.49 3.09 -9.87
C LYS A 69 3.42 3.11 -8.64
N ILE A 70 2.87 2.80 -7.42
CA ILE A 70 3.62 2.62 -6.14
C ILE A 70 4.44 1.36 -6.10
N LYS A 71 3.87 0.27 -6.62
CA LYS A 71 4.38 -1.09 -6.82
C LYS A 71 5.50 -1.30 -7.81
N ASP A 72 5.91 -0.22 -8.48
CA ASP A 72 7.11 -0.15 -9.28
C ASP A 72 8.27 0.27 -8.31
N HIS A 73 7.88 0.81 -7.10
CA HIS A 73 8.69 1.20 -5.94
C HIS A 73 8.84 0.02 -4.96
N VAL A 74 8.41 -1.28 -5.34
CA VAL A 74 8.77 -2.63 -4.76
C VAL A 74 10.23 -2.71 -4.44
N LEU A 75 10.99 -2.12 -5.37
CA LEU A 75 12.45 -1.92 -5.40
C LEU A 75 13.03 -1.14 -4.21
N GLU A 76 12.31 -0.09 -3.73
CA GLU A 76 12.57 0.72 -2.54
C GLU A 76 12.19 -0.07 -1.28
N VAL A 77 11.06 -0.85 -1.35
CA VAL A 77 10.61 -1.78 -0.29
C VAL A 77 11.54 -3.04 -0.12
N ASN A 78 12.15 -3.45 -1.24
CA ASN A 78 13.18 -4.46 -1.48
C ASN A 78 14.55 -4.00 -1.02
N GLU A 79 14.83 -2.67 -1.13
CA GLU A 79 15.95 -1.97 -0.50
C GLU A 79 15.77 -1.93 1.03
N PHE A 80 14.50 -1.89 1.56
CA PHE A 80 14.25 -2.22 2.98
C PHE A 80 14.32 -3.74 3.37
N LEU A 81 13.99 -4.71 2.46
CA LEU A 81 14.10 -6.17 2.62
C LEU A 81 15.53 -6.70 2.72
N SER A 82 16.43 -6.11 1.93
CA SER A 82 17.80 -6.57 1.73
C SER A 82 18.90 -5.97 2.63
N MET A 83 18.53 -5.09 3.61
CA MET A 83 19.44 -4.48 4.58
C MET A 83 19.67 -5.43 5.78
N PRO A 84 20.66 -5.28 6.70
CA PRO A 84 20.89 -6.15 7.87
C PRO A 84 19.69 -6.26 8.84
N PRO A 85 19.55 -7.28 9.75
CA PRO A 85 18.30 -7.69 10.41
C PRO A 85 17.40 -6.65 11.09
N ARG A 86 16.03 -6.77 11.03
CA ARG A 86 15.12 -5.84 11.77
C ARG A 86 14.33 -6.37 13.00
N PRO A 87 14.93 -6.84 14.12
CA PRO A 87 14.23 -7.38 15.27
C PRO A 87 13.88 -6.34 16.34
N ASP A 88 12.90 -6.71 17.21
CA ASP A 88 12.27 -6.03 18.36
C ASP A 88 13.19 -5.53 19.48
N ILE A 89 14.43 -6.08 19.51
CA ILE A 89 15.55 -5.78 20.41
C ILE A 89 16.16 -4.39 20.27
N ASP A 90 17.24 -4.19 21.04
CA ASP A 90 18.00 -2.95 21.11
C ASP A 90 19.50 -3.19 20.98
N GLU A 91 19.90 -4.49 21.04
CA GLU A 91 21.30 -4.93 20.99
C GLU A 91 21.83 -5.33 19.62
N ASP A 92 20.97 -6.00 18.85
CA ASP A 92 21.20 -6.63 17.57
C ASP A 92 20.24 -6.10 16.52
N PHE A 93 19.54 -4.99 16.83
CA PHE A 93 18.50 -4.37 15.99
C PHE A 93 18.90 -3.64 14.67
N ILE A 94 18.26 -2.47 14.37
CA ILE A 94 18.51 -1.57 13.25
C ILE A 94 19.70 -0.68 13.51
N ASP A 95 20.73 -1.38 13.09
CA ASP A 95 22.14 -1.14 13.10
C ASP A 95 22.65 -1.06 11.69
N GLY A 96 21.94 -1.72 10.73
CA GLY A 96 22.23 -1.69 9.30
C GLY A 96 21.27 -0.80 8.57
N VAL A 97 20.54 0.06 9.32
CA VAL A 97 19.58 1.02 8.76
C VAL A 97 20.20 2.22 8.04
N GLU A 98 20.37 1.97 6.73
CA GLU A 98 20.90 2.86 5.71
C GLU A 98 19.82 3.34 4.77
N TYR A 99 18.58 3.02 5.17
CA TYR A 99 17.32 3.34 4.54
C TYR A 99 16.44 3.90 5.65
N ARG A 100 15.17 4.29 5.39
CA ARG A 100 14.28 4.90 6.38
C ARG A 100 13.45 3.87 7.15
N PRO A 101 12.83 4.16 8.33
CA PRO A 101 12.07 3.18 9.12
C PRO A 101 10.75 2.70 8.51
N GLY A 102 10.30 1.49 8.93
CA GLY A 102 9.16 0.68 8.50
C GLY A 102 7.73 1.16 8.46
N ARG A 103 7.49 2.46 8.28
CA ARG A 103 6.21 3.02 7.96
C ARG A 103 6.61 3.87 6.79
N LEU A 104 5.78 3.88 5.73
CA LEU A 104 6.04 4.63 4.51
C LEU A 104 4.83 5.51 4.28
N GLU A 105 5.09 6.73 3.74
CA GLU A 105 4.09 7.75 3.47
C GLU A 105 4.31 8.17 2.05
N ILE A 106 3.23 8.20 1.24
CA ILE A 106 3.28 8.67 -0.12
C ILE A 106 2.20 9.73 -0.21
N THR A 107 2.49 10.86 -0.89
CA THR A 107 1.45 11.88 -1.16
C THR A 107 1.62 12.33 -2.59
N ASP A 108 0.73 11.96 -3.52
CA ASP A 108 0.90 12.38 -4.92
C ASP A 108 -0.41 12.15 -5.49
N GLY A 109 -0.51 11.24 -6.52
CA GLY A 109 -1.66 11.21 -7.46
C GLY A 109 -3.03 11.17 -6.90
N ASN A 110 -3.47 12.37 -6.39
CA ASN A 110 -4.71 12.76 -5.77
C ASN A 110 -4.99 12.02 -4.46
N LEU A 111 -3.96 11.27 -4.05
CA LEU A 111 -3.93 10.17 -3.13
C LEU A 111 -3.09 10.44 -1.92
N TRP A 112 -3.67 10.11 -0.73
CA TRP A 112 -3.00 10.19 0.54
C TRP A 112 -2.91 8.69 0.85
N LEU A 113 -1.70 8.11 0.56
CA LEU A 113 -1.44 6.67 0.52
C LEU A 113 -0.42 6.37 1.64
N GLY A 114 -0.76 5.48 2.62
CA GLY A 114 0.13 5.11 3.74
C GLY A 114 0.24 3.59 3.83
N PHE A 115 1.47 2.99 3.94
CA PHE A 115 1.69 1.55 4.14
C PHE A 115 2.69 1.39 5.27
N THR A 116 2.63 0.24 6.01
CA THR A 116 3.45 -0.06 7.19
C THR A 116 4.02 -1.42 6.96
N VAL A 117 5.29 -1.69 7.36
CA VAL A 117 5.91 -3.02 7.40
C VAL A 117 5.43 -3.78 8.61
N CYS A 118 5.93 -5.04 8.74
CA CYS A 118 5.77 -5.82 9.97
C CYS A 118 6.33 -5.16 11.25
N LYS A 119 5.36 -4.47 11.88
CA LYS A 119 5.35 -3.65 13.10
C LYS A 119 5.45 -4.44 14.39
N PRO A 120 4.83 -5.64 14.61
CA PRO A 120 5.22 -6.62 15.66
C PRO A 120 6.52 -7.35 15.16
N ASN A 121 7.58 -6.55 14.94
CA ASN A 121 8.88 -6.65 14.31
C ASN A 121 9.51 -7.83 13.58
N GLU A 122 8.85 -8.98 13.54
CA GLU A 122 9.09 -10.20 12.73
C GLU A 122 10.41 -10.97 12.74
N LYS A 123 11.46 -10.30 13.26
CA LYS A 123 12.83 -10.62 13.52
C LYS A 123 13.69 -10.71 12.25
N PHE A 124 13.12 -10.10 11.20
CA PHE A 124 13.67 -9.91 9.87
C PHE A 124 13.17 -8.56 9.36
N LYS A 125 13.62 -8.18 8.14
CA LYS A 125 13.50 -6.92 7.42
C LYS A 125 12.13 -6.42 7.02
N ASP A 126 11.69 -6.83 5.82
CA ASP A 126 10.43 -6.50 5.18
C ASP A 126 9.43 -7.64 5.06
N PRO A 127 9.45 -8.98 5.37
CA PRO A 127 8.43 -9.92 4.89
C PRO A 127 6.99 -9.92 5.35
N SER A 128 6.53 -8.80 5.84
CA SER A 128 5.13 -8.43 5.91
C SER A 128 5.00 -6.96 5.69
N LEU A 129 3.84 -6.55 5.09
CA LEU A 129 3.33 -5.19 5.18
C LEU A 129 2.09 -5.45 6.03
N GLN A 130 1.92 -4.66 7.11
CA GLN A 130 0.98 -4.99 8.18
C GLN A 130 0.06 -3.84 8.34
N CYS A 131 -0.86 -3.65 7.35
CA CYS A 131 -1.89 -2.56 7.36
C CYS A 131 -1.43 -1.40 6.51
N ARG A 132 -2.09 -1.30 5.32
CA ARG A 132 -1.97 -0.19 4.40
C ARG A 132 -3.31 0.55 4.28
N MET A 133 -3.20 1.89 4.20
CA MET A 133 -4.14 2.97 4.05
C MET A 133 -4.06 3.54 2.66
N ALA A 134 -5.18 3.57 1.93
CA ALA A 134 -5.33 4.27 0.68
C ALA A 134 -6.60 5.11 0.84
N ILE A 135 -6.49 6.46 0.84
CA ILE A 135 -7.64 7.39 0.91
C ILE A 135 -7.36 8.48 -0.09
N ILE A 136 -8.38 8.86 -0.89
CA ILE A 136 -8.30 9.87 -1.96
C ILE A 136 -9.13 11.06 -1.53
N ASN A 137 -9.02 12.04 -2.44
CA ASN A 137 -9.87 13.21 -2.67
C ASN A 137 -11.18 12.66 -3.29
N SER A 138 -12.29 12.57 -2.52
CA SER A 138 -13.53 11.92 -2.94
C SER A 138 -14.38 12.67 -3.95
N ARG A 139 -13.92 12.60 -5.22
CA ARG A 139 -14.66 13.01 -6.39
C ARG A 139 -15.63 11.90 -6.76
N ARG A 140 -15.02 10.70 -7.00
CA ARG A 140 -15.26 9.32 -7.46
C ARG A 140 -14.56 9.30 -8.83
N LEU A 141 -13.22 9.44 -8.73
CA LEU A 141 -12.34 10.12 -9.65
C LEU A 141 -11.73 9.54 -10.93
N PRO A 142 -11.36 10.35 -11.97
CA PRO A 142 -10.82 9.89 -13.24
C PRO A 142 -9.37 9.44 -13.30
N GLY A 143 -8.51 10.37 -12.91
CA GLY A 143 -7.07 10.37 -13.03
C GLY A 143 -6.46 11.38 -12.09
N LYS A 144 -5.13 11.39 -12.13
CA LYS A 144 -4.14 12.08 -11.31
C LYS A 144 -3.76 13.54 -11.58
N ALA A 145 -2.92 14.09 -10.65
CA ALA A 145 -2.27 15.39 -10.70
C ALA A 145 -1.23 15.45 -9.56
N SER A 146 -0.24 16.37 -9.59
CA SER A 146 0.82 16.63 -8.61
C SER A 146 2.03 15.70 -8.58
N LYS A 147 3.18 16.32 -8.19
CA LYS A 147 4.49 15.75 -7.98
C LYS A 147 5.29 16.91 -7.45
N ALA A 148 6.08 16.73 -6.35
CA ALA A 148 6.78 17.81 -5.65
C ALA A 148 7.36 17.28 -4.34
N VAL A 149 6.49 16.47 -3.71
CA VAL A 149 6.52 15.69 -2.49
C VAL A 149 7.48 14.45 -2.60
N ILE A 150 6.88 13.54 -3.36
CA ILE A 150 6.80 12.18 -3.75
C ILE A 150 6.82 12.04 -5.23
N LYS A 151 7.21 10.82 -5.57
CA LYS A 151 7.49 10.02 -6.74
C LYS A 151 6.16 9.74 -7.37
N THR A 152 6.14 9.64 -8.72
CA THR A 152 4.87 9.74 -9.41
C THR A 152 3.95 8.53 -9.42
N GLN A 153 3.10 8.60 -8.40
CA GLN A 153 2.08 7.63 -8.17
C GLN A 153 0.90 8.20 -8.99
N MET A 1 -29.26 2.24 6.32
CA MET A 1 -30.54 1.68 5.91
C MET A 1 -31.38 2.53 4.94
N THR A 2 -30.74 3.13 3.91
CA THR A 2 -31.35 3.94 2.86
C THR A 2 -30.97 3.32 1.53
N ILE A 3 -31.14 4.06 0.40
CA ILE A 3 -30.81 3.62 -0.97
C ILE A 3 -29.33 3.71 -1.27
N ASN A 4 -28.70 2.75 -0.61
CA ASN A 4 -27.34 2.30 -0.59
C ASN A 4 -27.31 0.95 -1.31
N THR A 5 -28.38 0.55 -2.01
CA THR A 5 -28.60 -0.67 -2.81
C THR A 5 -27.70 -0.79 -4.05
N GLU A 6 -27.85 0.22 -4.98
CA GLU A 6 -27.05 0.30 -6.22
C GLU A 6 -25.63 0.80 -5.95
N VAL A 7 -25.48 1.46 -4.76
CA VAL A 7 -24.28 1.95 -4.13
C VAL A 7 -23.46 0.81 -3.53
N PHE A 8 -24.16 -0.23 -2.95
CA PHE A 8 -23.64 -1.50 -2.40
C PHE A 8 -23.08 -2.32 -3.54
N ILE A 9 -23.84 -2.37 -4.68
CA ILE A 9 -23.37 -2.88 -5.98
C ILE A 9 -22.11 -2.15 -6.49
N ARG A 10 -22.07 -0.79 -6.38
CA ARG A 10 -20.91 0.06 -6.68
C ARG A 10 -19.64 -0.18 -5.79
N ARG A 11 -19.76 -0.20 -4.42
CA ARG A 11 -18.75 -0.75 -3.48
C ARG A 11 -18.36 -2.27 -3.61
N ASN A 12 -19.26 -3.15 -4.11
CA ASN A 12 -19.07 -4.61 -4.40
C ASN A 12 -18.28 -4.80 -5.67
N LYS A 13 -18.68 -4.07 -6.76
CA LYS A 13 -17.96 -3.91 -8.02
C LYS A 13 -16.60 -3.31 -7.75
N LEU A 14 -16.52 -2.49 -6.67
CA LEU A 14 -15.25 -2.11 -6.06
C LEU A 14 -14.50 -3.27 -5.39
N ARG A 15 -15.11 -4.18 -4.58
CA ARG A 15 -14.49 -5.40 -4.04
C ARG A 15 -14.00 -6.38 -5.12
N ARG A 16 -14.69 -6.49 -6.32
CA ARG A 16 -14.19 -7.26 -7.44
C ARG A 16 -12.99 -6.59 -8.13
N HIS A 17 -13.02 -5.20 -8.26
CA HIS A 17 -11.94 -4.30 -8.74
C HIS A 17 -10.74 -4.31 -7.78
N PHE A 18 -10.99 -4.22 -6.44
CA PHE A 18 -10.06 -4.17 -5.31
C PHE A 18 -9.24 -5.45 -5.18
N GLU A 19 -9.92 -6.64 -5.18
CA GLU A 19 -9.36 -7.98 -5.10
C GLU A 19 -8.69 -8.48 -6.36
N SER A 20 -9.29 -8.28 -7.58
CA SER A 20 -8.73 -8.67 -8.91
C SER A 20 -7.45 -7.90 -9.23
N GLU A 21 -7.48 -6.58 -8.93
CA GLU A 21 -6.33 -5.71 -9.02
C GLU A 21 -5.37 -5.90 -7.86
N PHE A 22 -5.79 -6.29 -6.61
CA PHE A 22 -4.88 -6.76 -5.52
C PHE A 22 -4.06 -7.99 -5.92
N ARG A 23 -4.65 -8.87 -6.81
CA ARG A 23 -3.92 -9.90 -7.55
C ARG A 23 -2.91 -9.28 -8.50
N GLN A 24 -3.29 -8.23 -9.29
CA GLN A 24 -2.29 -7.44 -10.07
C GLN A 24 -1.13 -6.81 -9.28
N ILE A 25 -1.42 -6.21 -8.10
CA ILE A 25 -0.45 -5.62 -7.19
C ILE A 25 0.44 -6.62 -6.51
N ASN A 26 -0.13 -7.76 -5.98
CA ASN A 26 0.72 -8.82 -5.43
C ASN A 26 1.45 -9.65 -6.49
N ASN A 27 0.92 -9.67 -7.77
CA ASN A 27 1.61 -10.21 -8.95
C ASN A 27 2.84 -9.34 -9.36
N GLU A 28 2.82 -7.94 -9.47
CA GLU A 28 4.12 -7.25 -9.68
C GLU A 28 5.05 -7.29 -8.49
N ILE A 29 4.57 -7.32 -7.20
CA ILE A 29 5.47 -7.58 -6.06
C ILE A 29 6.09 -8.97 -6.03
N ARG A 30 5.40 -10.07 -6.42
CA ARG A 30 6.06 -11.38 -6.47
C ARG A 30 7.09 -11.52 -7.61
N GLU A 31 6.80 -10.94 -8.80
CA GLU A 31 7.61 -10.98 -10.00
C GLU A 31 8.77 -10.06 -9.92
N ALA A 32 8.53 -8.85 -9.37
CA ALA A 32 9.56 -7.84 -9.21
C ALA A 32 10.46 -8.06 -8.04
N SER A 33 9.94 -8.67 -6.94
CA SER A 33 10.69 -8.99 -5.74
C SER A 33 11.52 -10.24 -5.97
N LYS A 34 11.02 -11.13 -6.88
CA LYS A 34 11.95 -12.11 -7.50
C LYS A 34 12.96 -11.52 -8.52
N ALA A 35 12.49 -10.76 -9.53
CA ALA A 35 13.28 -10.14 -10.59
C ALA A 35 14.28 -9.05 -10.17
N ALA A 36 14.02 -8.29 -9.06
CA ALA A 36 14.99 -7.38 -8.46
C ALA A 36 16.01 -8.14 -7.59
N GLY A 37 15.77 -9.46 -7.27
CA GLY A 37 16.78 -10.31 -6.61
C GLY A 37 16.81 -10.21 -5.12
N VAL A 38 15.72 -9.68 -4.53
CA VAL A 38 15.53 -9.49 -3.11
C VAL A 38 14.74 -10.61 -2.49
N SER A 39 14.62 -10.41 -1.18
CA SER A 39 13.96 -11.07 -0.05
C SER A 39 12.76 -11.99 -0.36
N SER A 40 11.69 -11.28 -0.78
CA SER A 40 10.29 -11.67 -0.93
C SER A 40 9.60 -11.07 0.28
N PHE A 41 8.36 -10.57 0.11
CA PHE A 41 7.60 -9.95 1.20
C PHE A 41 6.13 -10.33 1.09
N HIS A 42 5.39 -10.16 2.22
CA HIS A 42 3.97 -10.48 2.36
C HIS A 42 3.09 -9.25 2.50
N LEU A 43 1.83 -9.30 2.04
CA LEU A 43 0.86 -8.25 2.38
C LEU A 43 -0.43 -8.82 2.96
N LYS A 44 -1.17 -7.96 3.69
CA LYS A 44 -2.49 -8.12 4.24
C LYS A 44 -3.14 -6.78 4.03
N TYR A 45 -4.46 -6.75 3.85
CA TYR A 45 -5.27 -5.53 3.85
C TYR A 45 -6.34 -5.74 4.90
N SER A 46 -6.61 -4.73 5.78
CA SER A 46 -7.68 -4.80 6.78
C SER A 46 -8.83 -3.91 6.32
N GLN A 47 -10.07 -4.47 6.28
CA GLN A 47 -11.27 -3.87 5.67
C GLN A 47 -12.02 -2.70 6.32
N ALA A 48 -11.77 -2.28 7.59
CA ALA A 48 -12.44 -1.11 8.24
C ALA A 48 -11.95 0.23 7.65
N LEU A 49 -10.59 0.27 7.53
CA LEU A 49 -9.73 1.20 6.81
C LEU A 49 -10.11 1.33 5.36
N LEU A 50 -10.30 0.15 4.73
CA LEU A 50 -10.66 -0.02 3.36
C LEU A 50 -12.09 0.29 3.08
N ASP A 51 -13.02 0.13 4.06
CA ASP A 51 -14.40 0.60 3.99
C ASP A 51 -14.40 2.15 3.99
N ARG A 52 -13.38 2.78 4.68
CA ARG A 52 -13.08 4.22 4.56
C ARG A 52 -12.42 4.62 3.26
N ALA A 53 -11.64 3.73 2.59
CA ALA A 53 -11.23 3.99 1.19
C ALA A 53 -12.37 3.79 0.21
N ILE A 54 -13.07 2.66 0.28
CA ILE A 54 -14.18 2.12 -0.53
C ILE A 54 -15.32 3.07 -0.72
N GLN A 55 -15.74 3.80 0.38
CA GLN A 55 -16.72 4.86 0.21
C GLN A 55 -16.14 6.21 -0.21
N ARG A 56 -14.90 6.51 0.22
CA ARG A 56 -14.20 7.77 -0.03
C ARG A 56 -13.21 7.58 -1.18
N GLU A 57 -13.71 6.80 -2.17
CA GLU A 57 -13.07 6.40 -3.39
C GLU A 57 -14.10 5.94 -4.39
N ILE A 58 -15.06 4.96 -4.03
CA ILE A 58 -16.05 4.17 -4.86
C ILE A 58 -15.70 4.11 -6.35
N ASP A 59 -15.25 2.92 -6.81
CA ASP A 59 -14.70 2.53 -8.11
C ASP A 59 -13.52 3.41 -8.53
N GLU A 60 -12.58 3.70 -7.57
CA GLU A 60 -11.36 4.43 -7.77
C GLU A 60 -10.33 3.55 -8.41
N THR A 61 -10.47 3.41 -9.71
CA THR A 61 -9.64 2.64 -10.62
C THR A 61 -8.34 3.35 -10.97
N TYR A 62 -8.33 4.67 -10.67
CA TYR A 62 -7.21 5.61 -10.58
C TYR A 62 -6.32 5.23 -9.38
N VAL A 63 -6.96 4.70 -8.29
CA VAL A 63 -6.39 4.24 -7.01
C VAL A 63 -5.37 3.16 -7.25
N PHE A 64 -5.85 2.27 -8.16
CA PHE A 64 -5.24 1.16 -8.86
C PHE A 64 -4.18 1.64 -9.80
N GLU A 65 -4.35 2.70 -10.61
CA GLU A 65 -3.32 3.23 -11.52
C GLU A 65 -2.08 3.77 -10.81
N LEU A 66 -2.31 4.35 -9.62
CA LEU A 66 -1.33 4.74 -8.63
C LEU A 66 -0.74 3.62 -7.80
N PHE A 67 -1.51 2.64 -7.23
CA PHE A 67 -0.96 1.50 -6.46
C PHE A 67 -0.33 0.43 -7.34
N HIS A 68 -0.70 0.55 -8.64
CA HIS A 68 -0.07 0.00 -9.82
C HIS A 68 1.21 0.81 -10.18
N LYS A 69 1.27 2.19 -10.03
CA LYS A 69 2.55 2.93 -10.17
C LYS A 69 3.53 2.76 -8.98
N ILE A 70 3.03 2.28 -7.79
CA ILE A 70 3.76 1.90 -6.54
C ILE A 70 4.78 0.82 -6.77
N LYS A 71 4.34 -0.43 -7.03
CA LYS A 71 5.03 -1.71 -7.32
C LYS A 71 6.06 -1.79 -8.38
N ASP A 72 6.30 -0.69 -9.07
CA ASP A 72 7.47 -0.52 -9.92
C ASP A 72 8.64 -0.05 -9.01
N HIS A 73 8.32 0.48 -7.79
CA HIS A 73 9.17 0.91 -6.69
C HIS A 73 9.30 -0.13 -5.55
N VAL A 74 9.03 -1.46 -5.80
CA VAL A 74 9.39 -2.69 -5.01
C VAL A 74 10.74 -2.60 -4.41
N LEU A 75 11.61 -2.13 -5.31
CA LEU A 75 13.02 -1.80 -5.24
C LEU A 75 13.37 -0.79 -4.17
N GLU A 76 12.55 0.26 -3.95
CA GLU A 76 12.61 1.20 -2.82
C GLU A 76 12.06 0.59 -1.51
N VAL A 77 11.05 -0.32 -1.58
CA VAL A 77 10.61 -1.17 -0.41
C VAL A 77 11.73 -2.21 0.02
N ASN A 78 12.48 -2.63 -1.02
CA ASN A 78 13.73 -3.40 -1.10
C ASN A 78 14.95 -2.57 -0.63
N GLU A 79 14.89 -1.22 -0.82
CA GLU A 79 15.74 -0.16 -0.27
C GLU A 79 15.47 -0.04 1.24
N PHE A 80 14.22 -0.32 1.74
CA PHE A 80 13.91 -0.53 3.18
C PHE A 80 14.71 -1.75 3.74
N LEU A 81 14.69 -2.91 3.00
CA LEU A 81 15.48 -4.17 3.23
C LEU A 81 17.00 -4.14 3.09
N SER A 82 17.55 -3.04 2.55
CA SER A 82 18.95 -2.86 2.12
C SER A 82 20.11 -2.87 3.13
N MET A 83 19.86 -3.12 4.43
CA MET A 83 20.86 -3.21 5.48
C MET A 83 20.67 -4.57 6.17
N PRO A 84 21.68 -5.25 6.82
CA PRO A 84 21.52 -6.52 7.56
C PRO A 84 20.55 -6.43 8.77
N PRO A 85 19.99 -7.52 9.37
CA PRO A 85 18.81 -7.49 10.24
C PRO A 85 18.78 -6.63 11.52
N ARG A 86 17.56 -6.10 11.79
CA ARG A 86 17.13 -5.25 12.90
C ARG A 86 16.82 -5.85 14.30
N PRO A 87 16.69 -7.17 14.62
CA PRO A 87 16.83 -7.85 15.91
C PRO A 87 17.41 -7.22 17.20
N ASP A 88 17.06 -7.86 18.35
CA ASP A 88 17.28 -7.55 19.78
C ASP A 88 18.70 -7.48 20.30
N ILE A 89 19.58 -8.13 19.56
CA ILE A 89 21.01 -8.28 19.78
C ILE A 89 21.74 -7.29 18.92
N ASP A 90 22.28 -6.36 19.69
CA ASP A 90 23.14 -5.21 19.35
C ASP A 90 24.60 -5.64 19.14
N GLU A 91 24.88 -6.90 19.52
CA GLU A 91 26.18 -7.56 19.44
C GLU A 91 26.37 -8.43 18.24
N ASP A 92 25.26 -8.98 17.70
CA ASP A 92 25.26 -9.90 16.58
C ASP A 92 24.53 -9.36 15.40
N PHE A 93 23.82 -8.26 15.60
CA PHE A 93 23.00 -7.61 14.59
C PHE A 93 23.01 -6.08 14.78
N ILE A 94 22.27 -5.40 13.87
CA ILE A 94 21.89 -4.01 13.66
C ILE A 94 20.68 -3.75 14.50
N ASP A 95 20.70 -2.65 15.26
CA ASP A 95 19.69 -2.50 16.31
C ASP A 95 19.28 -1.09 16.56
N GLY A 96 20.28 -0.19 16.71
CA GLY A 96 20.09 1.24 16.88
C GLY A 96 20.34 1.91 15.56
N VAL A 97 20.50 1.09 14.50
CA VAL A 97 20.68 1.46 13.14
C VAL A 97 19.54 1.05 12.29
N GLU A 98 19.21 2.04 11.45
CA GLU A 98 18.14 2.30 10.51
C GLU A 98 16.88 2.62 11.29
N TYR A 99 17.13 3.03 12.58
CA TYR A 99 16.18 3.34 13.68
C TYR A 99 14.95 4.27 13.47
N ARG A 100 14.14 3.97 12.41
CA ARG A 100 12.91 4.64 12.03
C ARG A 100 11.73 3.67 12.23
N PRO A 101 10.46 4.07 12.47
CA PRO A 101 9.33 3.15 12.61
C PRO A 101 8.79 2.71 11.24
N GLY A 102 8.33 1.43 11.12
CA GLY A 102 7.78 0.79 9.90
C GLY A 102 6.44 1.25 9.40
N ARG A 103 6.21 2.58 9.35
CA ARG A 103 5.00 3.18 8.82
C ARG A 103 5.50 4.13 7.77
N LEU A 104 4.80 4.20 6.61
CA LEU A 104 5.20 4.97 5.44
C LEU A 104 3.95 5.72 4.96
N GLU A 105 4.08 7.00 4.53
CA GLU A 105 3.03 7.85 4.02
C GLU A 105 3.62 8.35 2.71
N ILE A 106 2.84 8.24 1.62
CA ILE A 106 3.31 8.50 0.27
C ILE A 106 2.26 9.37 -0.43
N THR A 107 2.68 10.41 -1.24
CA THR A 107 1.64 11.40 -1.68
C THR A 107 1.71 11.85 -3.13
N ASP A 108 0.72 11.56 -4.05
CA ASP A 108 0.81 12.05 -5.43
C ASP A 108 -0.54 12.66 -5.80
N GLY A 109 -0.77 12.72 -7.13
CA GLY A 109 -1.90 13.21 -7.97
C GLY A 109 -3.25 12.82 -7.61
N ASN A 110 -3.66 13.35 -6.43
CA ASN A 110 -4.92 13.44 -5.75
C ASN A 110 -5.11 12.31 -4.79
N LEU A 111 -4.09 11.48 -4.63
CA LEU A 111 -4.10 10.32 -3.78
C LEU A 111 -3.28 10.54 -2.55
N TRP A 112 -3.85 10.15 -1.37
CA TRP A 112 -3.17 10.10 -0.11
C TRP A 112 -3.08 8.60 0.15
N LEU A 113 -1.90 7.96 -0.13
CA LEU A 113 -1.67 6.53 0.02
C LEU A 113 -0.77 6.31 1.25
N GLY A 114 -1.12 5.38 2.17
CA GLY A 114 -0.29 5.07 3.34
C GLY A 114 -0.23 3.57 3.48
N PHE A 115 0.95 2.95 3.81
CA PHE A 115 1.08 1.53 4.07
C PHE A 115 1.87 1.38 5.35
N THR A 116 1.65 0.26 6.10
CA THR A 116 2.36 0.00 7.33
C THR A 116 2.95 -1.38 7.20
N VAL A 117 4.21 -1.56 7.71
CA VAL A 117 4.94 -2.83 7.92
C VAL A 117 4.46 -3.26 9.26
N CYS A 118 4.10 -4.58 9.42
CA CYS A 118 3.45 -5.28 10.53
C CYS A 118 3.36 -4.63 11.90
N LYS A 119 2.58 -3.51 11.86
CA LYS A 119 2.22 -2.40 12.75
C LYS A 119 2.51 -2.57 14.22
N PRO A 120 2.01 -3.60 14.91
CA PRO A 120 2.49 -3.98 16.25
C PRO A 120 3.95 -4.56 16.31
N ASN A 121 4.97 -3.91 15.65
CA ASN A 121 6.42 -4.18 15.59
C ASN A 121 7.03 -3.57 14.32
N GLU A 122 8.31 -3.92 14.10
CA GLU A 122 9.00 -3.91 12.86
C GLU A 122 10.06 -4.98 13.03
N LYS A 123 11.13 -4.60 13.76
CA LYS A 123 12.44 -5.17 14.05
C LYS A 123 13.01 -6.24 13.14
N PHE A 124 13.12 -5.76 11.89
CA PHE A 124 13.47 -6.39 10.63
C PHE A 124 13.19 -5.33 9.59
N LYS A 125 13.20 -5.67 8.27
CA LYS A 125 12.94 -4.71 7.20
C LYS A 125 11.82 -5.12 6.28
N ASP A 126 12.04 -6.14 5.42
CA ASP A 126 11.08 -6.81 4.53
C ASP A 126 9.67 -7.20 5.01
N PRO A 127 9.36 -8.06 6.08
CA PRO A 127 8.06 -8.13 6.71
C PRO A 127 6.78 -8.42 5.94
N SER A 128 5.68 -8.41 6.71
CA SER A 128 4.34 -8.49 6.18
C SER A 128 3.86 -7.08 6.34
N LEU A 129 3.11 -6.57 5.34
CA LEU A 129 2.60 -5.21 5.31
C LEU A 129 1.16 -5.48 5.77
N GLN A 130 0.70 -4.71 6.76
CA GLN A 130 -0.46 -5.14 7.55
C GLN A 130 -1.46 -4.05 7.43
N CYS A 131 -2.12 -3.92 6.25
CA CYS A 131 -3.06 -2.80 5.99
C CYS A 131 -2.37 -1.65 5.28
N ARG A 132 -2.85 -1.42 4.04
CA ARG A 132 -2.49 -0.28 3.22
C ARG A 132 -3.75 0.56 3.06
N MET A 133 -3.65 1.88 3.33
CA MET A 133 -4.60 2.96 3.31
C MET A 133 -4.51 3.62 1.95
N ALA A 134 -5.64 3.67 1.23
CA ALA A 134 -5.71 4.31 -0.05
C ALA A 134 -6.90 5.25 0.11
N ILE A 135 -6.72 6.58 0.08
CA ILE A 135 -7.82 7.55 0.25
C ILE A 135 -7.55 8.75 -0.65
N ILE A 136 -8.48 9.07 -1.56
CA ILE A 136 -8.35 9.99 -2.69
C ILE A 136 -9.29 11.16 -2.61
N ASN A 137 -9.14 11.98 -3.66
CA ASN A 137 -10.09 12.99 -4.11
C ASN A 137 -10.13 12.98 -5.63
N SER A 138 -11.25 13.41 -6.26
CA SER A 138 -11.46 13.21 -7.70
C SER A 138 -12.55 14.08 -8.35
N ARG A 139 -13.51 13.33 -8.96
CA ARG A 139 -14.64 13.61 -9.81
C ARG A 139 -15.91 13.98 -9.08
N ARG A 140 -16.61 12.93 -8.62
CA ARG A 140 -17.76 12.90 -7.74
C ARG A 140 -17.33 12.88 -6.30
N LEU A 141 -15.98 12.87 -6.12
CA LEU A 141 -15.30 12.66 -4.89
C LEU A 141 -15.36 13.95 -4.01
N PRO A 142 -14.86 14.11 -2.76
CA PRO A 142 -14.85 15.40 -2.04
C PRO A 142 -13.92 16.48 -2.60
N GLY A 143 -12.66 16.43 -2.20
CA GLY A 143 -11.63 17.45 -2.43
C GLY A 143 -10.83 17.79 -1.20
N LYS A 144 -9.49 17.88 -1.37
CA LYS A 144 -8.48 18.21 -0.35
C LYS A 144 -7.40 19.10 -0.99
N ALA A 145 -6.30 19.41 -0.26
CA ALA A 145 -5.15 20.25 -0.62
C ALA A 145 -4.04 19.49 -1.37
N SER A 146 -2.81 20.04 -1.45
CA SER A 146 -1.64 19.38 -2.05
C SER A 146 -0.41 20.11 -1.58
N LYS A 147 0.60 19.34 -1.09
CA LYS A 147 1.87 19.86 -0.60
C LYS A 147 2.98 18.87 -0.57
N ALA A 148 2.98 18.05 -1.64
CA ALA A 148 3.88 16.96 -1.87
C ALA A 148 3.39 16.35 -3.16
N VAL A 149 4.27 15.75 -4.01
CA VAL A 149 3.94 15.17 -5.31
C VAL A 149 4.76 13.92 -5.66
N ILE A 150 5.01 13.06 -4.66
CA ILE A 150 5.61 11.74 -4.81
C ILE A 150 4.86 10.62 -4.12
N LYS A 151 4.06 9.75 -4.78
CA LYS A 151 4.43 8.36 -4.70
C LYS A 151 4.55 7.66 -5.98
N THR A 152 5.77 7.28 -6.40
CA THR A 152 6.08 5.96 -6.88
C THR A 152 7.10 5.60 -5.85
N GLN A 153 6.76 4.86 -4.81
CA GLN A 153 7.75 4.61 -3.79
C GLN A 153 7.33 3.32 -3.08
N MET A 1 -35.74 9.03 -4.20
CA MET A 1 -34.65 9.05 -5.18
C MET A 1 -33.21 8.86 -4.64
N THR A 2 -33.06 7.98 -3.63
CA THR A 2 -31.86 7.57 -2.92
C THR A 2 -31.44 6.19 -3.41
N ILE A 3 -31.39 6.01 -4.75
CA ILE A 3 -31.15 4.79 -5.52
C ILE A 3 -29.77 4.12 -5.41
N ASN A 4 -29.45 3.68 -4.20
CA ASN A 4 -28.25 2.97 -3.70
C ASN A 4 -28.10 1.53 -4.15
N THR A 5 -29.03 0.99 -4.97
CA THR A 5 -29.08 -0.30 -5.63
C THR A 5 -27.92 -0.50 -6.59
N GLU A 6 -27.81 0.46 -7.54
CA GLU A 6 -26.77 0.61 -8.55
C GLU A 6 -25.43 1.08 -7.97
N VAL A 7 -25.52 1.70 -6.75
CA VAL A 7 -24.40 2.22 -5.95
C VAL A 7 -23.76 1.10 -5.14
N PHE A 8 -24.57 0.15 -4.59
CA PHE A 8 -24.25 -1.08 -3.84
C PHE A 8 -23.53 -2.02 -4.76
N ILE A 9 -24.10 -2.13 -6.00
CA ILE A 9 -23.51 -2.78 -7.16
C ILE A 9 -22.17 -2.12 -7.53
N ARG A 10 -22.06 -0.76 -7.53
CA ARG A 10 -20.78 -0.04 -7.67
C ARG A 10 -19.74 -0.28 -6.54
N ARG A 11 -20.07 -0.16 -5.22
CA ARG A 11 -19.25 -0.54 -4.05
C ARG A 11 -18.79 -2.02 -3.91
N ASN A 12 -19.60 -2.97 -4.45
CA ASN A 12 -19.39 -4.42 -4.61
C ASN A 12 -18.45 -4.72 -5.75
N LYS A 13 -18.73 -4.14 -6.98
CA LYS A 13 -17.89 -4.12 -8.18
C LYS A 13 -16.55 -3.48 -7.89
N LEU A 14 -16.56 -2.54 -6.89
CA LEU A 14 -15.34 -2.00 -6.29
C LEU A 14 -14.65 -3.01 -5.42
N ARG A 15 -15.35 -3.72 -4.53
CA ARG A 15 -14.80 -4.85 -3.72
C ARG A 15 -14.16 -5.94 -4.59
N ARG A 16 -14.84 -6.33 -5.72
CA ARG A 16 -14.21 -7.12 -6.80
C ARG A 16 -12.95 -6.47 -7.44
N HIS A 17 -13.01 -5.15 -7.82
CA HIS A 17 -11.92 -4.30 -8.37
C HIS A 17 -10.72 -4.11 -7.44
N PHE A 18 -10.98 -3.73 -6.17
CA PHE A 18 -10.12 -3.51 -5.02
C PHE A 18 -9.46 -4.80 -4.58
N GLU A 19 -10.23 -5.93 -4.36
CA GLU A 19 -9.66 -7.22 -4.01
C GLU A 19 -8.93 -7.99 -5.12
N SER A 20 -9.51 -8.10 -6.36
CA SER A 20 -8.92 -8.77 -7.55
C SER A 20 -7.64 -8.11 -8.03
N GLU A 21 -7.63 -6.75 -8.06
CA GLU A 21 -6.48 -5.94 -8.38
C GLU A 21 -5.51 -5.88 -7.18
N PHE A 22 -5.95 -5.99 -5.87
CA PHE A 22 -5.05 -6.19 -4.70
C PHE A 22 -4.23 -7.48 -4.78
N ARG A 23 -4.82 -8.55 -5.42
CA ARG A 23 -4.10 -9.74 -5.89
C ARG A 23 -3.13 -9.39 -7.01
N GLN A 24 -3.53 -8.58 -8.04
CA GLN A 24 -2.56 -8.06 -9.06
C GLN A 24 -1.37 -7.28 -8.53
N ILE A 25 -1.63 -6.32 -7.61
CA ILE A 25 -0.62 -5.50 -6.94
C ILE A 25 0.25 -6.30 -6.00
N ASN A 26 -0.29 -7.22 -5.13
CA ASN A 26 0.61 -8.07 -4.33
C ASN A 26 1.32 -9.19 -5.15
N ASN A 27 0.73 -9.63 -6.32
CA ASN A 27 1.39 -10.51 -7.31
C ASN A 27 2.52 -9.78 -8.05
N GLU A 28 2.34 -8.47 -8.46
CA GLU A 28 3.36 -7.63 -9.05
C GLU A 28 4.48 -7.31 -8.09
N ILE A 29 4.15 -7.09 -6.78
CA ILE A 29 5.11 -6.88 -5.70
C ILE A 29 5.97 -8.09 -5.42
N ARG A 30 5.40 -9.34 -5.44
CA ARG A 30 6.19 -10.58 -5.32
C ARG A 30 7.11 -10.83 -6.54
N GLU A 31 6.63 -10.55 -7.78
CA GLU A 31 7.32 -10.77 -9.06
C GLU A 31 8.38 -9.76 -9.30
N ALA A 32 8.08 -8.50 -8.92
CA ALA A 32 9.02 -7.40 -8.97
C ALA A 32 10.12 -7.51 -7.95
N SER A 33 9.75 -7.84 -6.69
CA SER A 33 10.71 -8.05 -5.62
C SER A 33 11.53 -9.31 -5.78
N LYS A 34 10.94 -10.38 -6.40
CA LYS A 34 11.77 -11.51 -6.90
C LYS A 34 12.65 -11.20 -8.11
N ALA A 35 12.09 -10.57 -9.18
CA ALA A 35 12.77 -10.16 -10.40
C ALA A 35 13.79 -9.04 -10.22
N ALA A 36 13.59 -8.12 -9.21
CA ALA A 36 14.62 -7.20 -8.72
C ALA A 36 15.75 -7.90 -7.93
N GLY A 37 15.55 -9.19 -7.51
CA GLY A 37 16.61 -10.02 -6.91
C GLY A 37 16.58 -10.04 -5.42
N VAL A 38 15.43 -9.66 -4.84
CA VAL A 38 15.26 -9.50 -3.40
C VAL A 38 14.27 -10.58 -2.96
N SER A 39 14.17 -10.75 -1.62
CA SER A 39 13.33 -11.63 -0.79
C SER A 39 11.95 -12.02 -1.34
N SER A 40 11.05 -11.04 -1.20
CA SER A 40 9.61 -11.02 -1.39
C SER A 40 9.10 -10.58 -0.04
N PHE A 41 7.98 -9.82 -0.03
CA PHE A 41 7.28 -9.39 1.17
C PHE A 41 5.84 -9.87 1.11
N HIS A 42 5.25 -10.03 2.31
CA HIS A 42 3.84 -10.38 2.53
C HIS A 42 3.14 -9.09 2.87
N LEU A 43 1.88 -8.89 2.45
CA LEU A 43 1.14 -7.71 2.89
C LEU A 43 -0.16 -8.10 3.50
N LYS A 44 -0.73 -7.17 4.30
CA LYS A 44 -2.05 -7.33 4.87
C LYS A 44 -2.66 -6.00 4.60
N TYR A 45 -3.99 -5.93 4.75
CA TYR A 45 -4.78 -4.73 4.54
C TYR A 45 -6.01 -4.84 5.41
N SER A 46 -6.55 -3.71 5.93
CA SER A 46 -7.79 -3.72 6.72
C SER A 46 -8.93 -3.40 5.78
N GLN A 47 -9.95 -4.28 5.74
CA GLN A 47 -11.11 -4.14 4.88
C GLN A 47 -12.14 -3.15 5.41
N ALA A 48 -12.04 -2.68 6.70
CA ALA A 48 -12.90 -1.67 7.36
C ALA A 48 -12.56 -0.23 6.94
N LEU A 49 -11.23 0.01 6.76
CA LEU A 49 -10.58 1.18 6.14
C LEU A 49 -10.96 1.31 4.68
N LEU A 50 -10.96 0.08 4.09
CA LEU A 50 -11.13 -0.18 2.69
C LEU A 50 -12.55 -0.03 2.34
N ASP A 51 -13.43 -0.54 3.24
CA ASP A 51 -14.86 -0.33 3.33
C ASP A 51 -15.22 1.17 3.41
N ARG A 52 -14.42 2.02 4.14
CA ARG A 52 -14.55 3.48 4.08
C ARG A 52 -14.19 4.03 2.70
N ALA A 53 -13.11 3.56 2.02
CA ALA A 53 -12.86 3.93 0.60
C ALA A 53 -13.85 3.36 -0.45
N ILE A 54 -14.40 2.18 -0.09
CA ILE A 54 -15.37 1.32 -0.77
C ILE A 54 -16.73 1.92 -0.82
N GLN A 55 -17.21 2.58 0.29
CA GLN A 55 -18.45 3.33 0.22
C GLN A 55 -18.31 4.86 0.19
N ARG A 56 -17.25 5.51 0.79
CA ARG A 56 -17.24 6.98 0.91
C ARG A 56 -16.72 7.64 -0.36
N GLU A 57 -15.87 6.85 -1.08
CA GLU A 57 -15.33 7.16 -2.38
C GLU A 57 -16.05 6.37 -3.49
N ILE A 58 -15.83 5.02 -3.55
CA ILE A 58 -16.40 4.06 -4.54
C ILE A 58 -15.57 4.03 -5.86
N ASP A 59 -15.61 2.91 -6.68
CA ASP A 59 -14.90 2.55 -7.97
C ASP A 59 -13.50 3.12 -8.16
N GLU A 60 -12.68 2.98 -7.09
CA GLU A 60 -11.32 3.44 -6.99
C GLU A 60 -10.34 2.52 -7.61
N THR A 61 -10.45 2.52 -8.95
CA THR A 61 -9.58 2.05 -9.97
C THR A 61 -8.46 3.00 -10.32
N TYR A 62 -8.67 4.27 -9.94
CA TYR A 62 -7.75 5.44 -9.95
C TYR A 62 -6.61 5.19 -8.98
N VAL A 63 -6.98 4.51 -7.87
CA VAL A 63 -6.17 4.04 -6.75
C VAL A 63 -5.09 3.11 -7.24
N PHE A 64 -5.63 2.22 -8.10
CA PHE A 64 -5.03 1.29 -9.03
C PHE A 64 -4.17 1.95 -10.09
N GLU A 65 -4.60 3.04 -10.74
CA GLU A 65 -3.86 3.75 -11.78
C GLU A 65 -2.61 4.48 -11.27
N LEU A 66 -2.69 5.07 -10.05
CA LEU A 66 -1.57 5.59 -9.29
C LEU A 66 -0.60 4.47 -8.86
N PHE A 67 -1.03 3.35 -8.19
CA PHE A 67 -0.09 2.30 -7.72
C PHE A 67 0.41 1.34 -8.78
N HIS A 68 -0.32 1.28 -9.91
CA HIS A 68 0.04 0.68 -11.19
C HIS A 68 1.00 1.63 -11.95
N LYS A 69 1.01 2.98 -11.66
CA LYS A 69 2.02 3.91 -12.19
C LYS A 69 3.35 3.74 -11.42
N ILE A 70 3.26 3.51 -10.08
CA ILE A 70 4.37 3.34 -9.16
C ILE A 70 4.92 1.99 -8.84
N LYS A 71 4.27 0.93 -9.31
CA LYS A 71 4.46 -0.54 -9.15
C LYS A 71 5.91 -1.10 -9.35
N ASP A 72 6.85 -0.18 -9.68
CA ASP A 72 8.29 -0.10 -9.87
C ASP A 72 8.98 0.12 -8.52
N HIS A 73 8.40 1.04 -7.68
CA HIS A 73 8.83 1.58 -6.40
C HIS A 73 8.97 0.58 -5.27
N VAL A 74 8.48 -0.69 -5.51
CA VAL A 74 8.72 -1.90 -4.73
C VAL A 74 10.22 -2.25 -4.69
N LEU A 75 11.06 -1.73 -5.65
CA LEU A 75 12.49 -1.76 -5.76
C LEU A 75 13.15 -0.78 -4.76
N GLU A 76 12.49 0.38 -4.48
CA GLU A 76 12.86 1.33 -3.42
C GLU A 76 12.42 0.85 -2.02
N VAL A 77 11.26 0.11 -1.93
CA VAL A 77 10.82 -0.65 -0.72
C VAL A 77 11.78 -1.87 -0.47
N ASN A 78 12.34 -2.39 -1.58
CA ASN A 78 13.47 -3.33 -1.67
C ASN A 78 14.81 -2.70 -1.23
N GLU A 79 15.05 -1.37 -1.46
CA GLU A 79 16.12 -0.57 -0.84
C GLU A 79 15.95 -0.47 0.69
N PHE A 80 14.66 -0.52 1.15
CA PHE A 80 14.22 -0.78 2.54
C PHE A 80 14.59 -2.23 3.04
N LEU A 81 14.62 -3.32 2.18
CA LEU A 81 15.31 -4.64 2.50
C LEU A 81 16.86 -4.52 2.70
N SER A 82 17.46 -3.69 1.86
CA SER A 82 18.89 -3.47 1.58
C SER A 82 19.86 -2.89 2.63
N MET A 83 19.43 -2.63 3.92
CA MET A 83 20.27 -2.17 5.05
C MET A 83 21.25 -3.28 5.54
N PRO A 84 22.31 -3.06 6.38
CA PRO A 84 23.20 -4.11 6.94
C PRO A 84 22.47 -5.15 7.84
N PRO A 85 22.85 -6.38 8.23
CA PRO A 85 21.96 -7.32 8.94
C PRO A 85 21.56 -6.97 10.40
N ARG A 86 20.35 -7.38 10.91
CA ARG A 86 19.93 -7.13 12.34
C ARG A 86 20.66 -7.78 13.57
N PRO A 87 21.70 -8.68 13.58
CA PRO A 87 22.63 -9.04 14.66
C PRO A 87 22.99 -8.19 15.89
N ASP A 88 23.54 -8.90 16.90
CA ASP A 88 24.12 -8.48 18.19
C ASP A 88 25.40 -7.67 18.12
N ILE A 89 26.12 -7.84 16.99
CA ILE A 89 27.32 -7.19 16.51
C ILE A 89 27.03 -5.86 15.91
N ASP A 90 27.70 -4.89 16.54
CA ASP A 90 27.69 -3.44 16.30
C ASP A 90 28.26 -2.98 14.96
N GLU A 91 29.04 -3.89 14.30
CA GLU A 91 29.58 -3.79 12.95
C GLU A 91 28.51 -4.02 11.90
N ASP A 92 27.54 -4.87 12.26
CA ASP A 92 26.39 -5.21 11.46
C ASP A 92 25.15 -4.42 11.83
N PHE A 93 24.72 -4.67 13.06
CA PHE A 93 23.54 -4.29 13.84
C PHE A 93 22.16 -3.89 13.31
N ILE A 94 22.04 -3.02 12.33
CA ILE A 94 20.77 -2.52 11.85
C ILE A 94 20.45 -2.78 10.40
N ASP A 95 19.18 -3.19 10.30
CA ASP A 95 18.24 -3.52 9.25
C ASP A 95 16.91 -3.29 9.91
N GLY A 96 15.77 -3.14 9.17
CA GLY A 96 14.37 -3.06 9.61
C GLY A 96 14.02 -2.24 10.83
N VAL A 97 14.89 -1.26 11.16
CA VAL A 97 15.11 -0.57 12.38
C VAL A 97 14.01 0.35 12.86
N GLU A 98 13.91 0.26 14.18
CA GLU A 98 12.98 0.84 15.13
C GLU A 98 13.43 2.15 15.76
N TYR A 99 14.45 2.74 15.10
CA TYR A 99 15.04 4.06 15.36
C TYR A 99 14.39 5.05 14.40
N ARG A 100 13.83 4.51 13.30
CA ARG A 100 12.97 5.16 12.33
C ARG A 100 11.62 4.48 12.54
N PRO A 101 10.43 5.05 12.30
CA PRO A 101 9.13 4.35 12.44
C PRO A 101 8.93 3.38 11.27
N GLY A 102 8.41 2.15 11.51
CA GLY A 102 8.30 1.05 10.54
C GLY A 102 7.13 1.15 9.59
N ARG A 103 6.97 2.32 8.98
CA ARG A 103 5.91 2.61 8.06
C ARG A 103 6.48 3.45 6.96
N LEU A 104 5.85 3.30 5.78
CA LEU A 104 6.10 4.02 4.55
C LEU A 104 4.87 4.90 4.39
N GLU A 105 5.03 6.24 4.47
CA GLU A 105 3.90 7.14 4.47
C GLU A 105 4.25 8.14 3.39
N ILE A 106 3.52 8.07 2.26
CA ILE A 106 3.78 8.78 1.04
C ILE A 106 2.50 9.36 0.43
N THR A 107 2.54 10.59 -0.13
CA THR A 107 1.41 11.25 -0.80
C THR A 107 1.70 11.52 -2.27
N ASP A 108 0.91 10.92 -3.20
CA ASP A 108 0.92 11.16 -4.63
C ASP A 108 -0.19 10.31 -5.11
N GLY A 109 -0.53 10.50 -6.40
CA GLY A 109 -1.80 10.10 -7.00
C GLY A 109 -2.72 11.17 -6.97
N ASN A 110 -2.62 11.99 -5.88
CA ASN A 110 -3.55 12.89 -5.24
C ASN A 110 -4.11 12.13 -3.99
N LEU A 111 -3.61 10.89 -3.79
CA LEU A 111 -3.79 9.80 -2.85
C LEU A 111 -2.93 9.91 -1.61
N TRP A 112 -3.52 9.62 -0.43
CA TRP A 112 -2.78 9.36 0.79
C TRP A 112 -2.57 7.82 0.81
N LEU A 113 -1.35 7.33 0.40
CA LEU A 113 -0.97 5.91 0.45
C LEU A 113 -0.18 5.72 1.78
N GLY A 114 -0.61 4.75 2.62
CA GLY A 114 0.08 4.36 3.85
C GLY A 114 0.36 2.88 3.71
N PHE A 115 1.63 2.39 3.83
CA PHE A 115 1.98 0.97 3.82
C PHE A 115 2.69 0.88 5.16
N THR A 116 2.30 -0.07 6.05
CA THR A 116 2.81 -0.12 7.40
C THR A 116 3.42 -1.47 7.49
N VAL A 117 4.71 -1.60 7.91
CA VAL A 117 5.46 -2.86 8.12
C VAL A 117 5.00 -3.36 9.47
N CYS A 118 4.76 -4.72 9.60
CA CYS A 118 3.98 -5.34 10.68
C CYS A 118 4.31 -5.08 12.13
N LYS A 119 4.06 -3.80 12.52
CA LYS A 119 4.37 -3.03 13.73
C LYS A 119 4.66 -3.71 15.04
N PRO A 120 3.94 -4.71 15.58
CA PRO A 120 4.42 -5.47 16.76
C PRO A 120 5.63 -6.41 16.44
N ASN A 121 6.78 -5.86 15.99
CA ASN A 121 8.04 -6.52 15.65
C ASN A 121 9.05 -5.63 14.94
N GLU A 122 10.34 -6.06 14.95
CA GLU A 122 11.33 -5.74 13.93
C GLU A 122 11.12 -6.77 12.86
N LYS A 123 11.50 -8.02 13.23
CA LYS A 123 11.69 -9.33 12.66
C LYS A 123 12.43 -9.43 11.34
N PHE A 124 12.63 -8.25 10.73
CA PHE A 124 12.93 -8.03 9.36
C PHE A 124 13.96 -6.99 8.93
N LYS A 125 13.76 -6.75 7.61
CA LYS A 125 14.28 -5.92 6.54
C LYS A 125 13.30 -6.04 5.42
N ASP A 126 13.07 -7.32 5.03
CA ASP A 126 12.11 -7.91 4.11
C ASP A 126 10.80 -8.30 4.81
N PRO A 127 9.81 -7.43 5.01
CA PRO A 127 8.75 -7.62 5.97
C PRO A 127 7.52 -8.31 5.50
N SER A 128 6.60 -8.33 6.49
CA SER A 128 5.20 -8.59 6.27
C SER A 128 4.61 -7.21 6.61
N LEU A 129 3.67 -6.69 5.80
CA LEU A 129 3.08 -5.35 5.92
C LEU A 129 1.74 -5.64 6.61
N GLN A 130 1.31 -4.77 7.57
CA GLN A 130 0.20 -5.10 8.50
C GLN A 130 -1.09 -4.44 8.03
N CYS A 131 -0.97 -3.71 6.91
CA CYS A 131 -1.97 -2.85 6.37
C CYS A 131 -1.30 -2.15 5.20
N ARG A 132 -1.99 -2.20 4.04
CA ARG A 132 -1.70 -1.43 2.84
C ARG A 132 -2.95 -0.58 2.73
N MET A 133 -2.82 0.75 2.98
CA MET A 133 -3.85 1.76 2.90
C MET A 133 -3.61 2.54 1.63
N ALA A 134 -4.63 2.58 0.76
CA ALA A 134 -4.62 3.39 -0.42
C ALA A 134 -5.93 4.15 -0.39
N ILE A 135 -5.89 5.51 -0.24
CA ILE A 135 -7.06 6.39 -0.13
C ILE A 135 -6.85 7.71 -0.81
N ILE A 136 -7.98 8.38 -1.12
CA ILE A 136 -8.11 9.62 -1.83
C ILE A 136 -9.19 10.46 -1.17
N ASN A 137 -9.43 11.65 -1.76
CA ASN A 137 -10.42 12.66 -1.36
C ASN A 137 -11.24 13.37 -2.48
N SER A 138 -12.60 13.29 -2.42
CA SER A 138 -13.61 13.92 -3.32
C SER A 138 -14.93 13.36 -2.91
N ARG A 139 -15.09 12.10 -3.33
CA ARG A 139 -16.23 11.23 -3.29
C ARG A 139 -15.66 10.18 -4.22
N ARG A 140 -16.29 9.81 -5.34
CA ARG A 140 -15.88 8.92 -6.44
C ARG A 140 -14.62 9.26 -7.25
N LEU A 141 -14.32 10.56 -7.21
CA LEU A 141 -13.28 11.39 -7.75
C LEU A 141 -13.03 11.60 -9.27
N PRO A 142 -12.36 12.71 -9.67
CA PRO A 142 -12.00 13.07 -11.06
C PRO A 142 -10.91 12.25 -11.73
N GLY A 143 -10.11 11.61 -10.86
CA GLY A 143 -8.98 10.67 -10.97
C GLY A 143 -8.00 10.70 -12.12
N LYS A 144 -7.36 11.86 -12.37
CA LYS A 144 -6.40 12.04 -13.44
C LYS A 144 -5.28 12.93 -12.93
N ALA A 145 -4.04 12.53 -13.29
CA ALA A 145 -2.74 13.14 -12.91
C ALA A 145 -2.24 12.84 -11.47
N SER A 146 -0.90 12.94 -11.21
CA SER A 146 -0.26 12.71 -9.91
C SER A 146 0.72 13.85 -9.74
N LYS A 147 0.66 14.47 -8.55
CA LYS A 147 1.46 15.58 -8.06
C LYS A 147 0.76 16.16 -6.86
N ALA A 148 1.42 16.10 -5.67
CA ALA A 148 0.84 16.45 -4.40
C ALA A 148 2.01 16.77 -3.48
N VAL A 149 2.67 15.75 -2.89
CA VAL A 149 3.89 15.86 -2.11
C VAL A 149 5.11 15.35 -2.89
N ILE A 150 5.19 13.98 -2.93
CA ILE A 150 6.38 13.18 -3.25
C ILE A 150 6.22 12.68 -4.62
N LYS A 151 7.30 12.79 -5.40
CA LYS A 151 7.40 12.29 -6.77
C LYS A 151 7.60 10.78 -6.65
N THR A 152 6.58 10.06 -7.15
CA THR A 152 5.79 9.03 -6.45
C THR A 152 6.40 7.68 -6.21
N GLN A 153 6.05 7.12 -5.02
CA GLN A 153 6.48 5.88 -4.44
C GLN A 153 5.28 4.93 -4.30
N MET A 1 -33.28 8.03 -11.86
CA MET A 1 -32.22 8.68 -11.09
C MET A 1 -31.82 7.75 -9.98
N THR A 2 -30.68 8.03 -9.29
CA THR A 2 -30.07 7.36 -8.16
C THR A 2 -29.85 5.85 -8.16
N ILE A 3 -28.63 5.38 -8.60
CA ILE A 3 -28.19 4.00 -8.56
C ILE A 3 -27.71 3.69 -7.16
N ASN A 4 -28.69 3.43 -6.28
CA ASN A 4 -28.59 3.11 -4.86
C ASN A 4 -29.05 1.70 -4.50
N THR A 5 -29.29 0.91 -5.55
CA THR A 5 -29.37 -0.55 -5.71
C THR A 5 -28.04 -0.97 -6.31
N GLU A 6 -27.78 -0.35 -7.50
CA GLU A 6 -26.56 -0.54 -8.26
C GLU A 6 -25.30 -0.05 -7.58
N VAL A 7 -25.44 0.66 -6.42
CA VAL A 7 -24.46 1.14 -5.45
C VAL A 7 -23.81 0.03 -4.67
N PHE A 8 -24.65 -0.99 -4.40
CA PHE A 8 -24.50 -2.24 -3.72
C PHE A 8 -23.82 -3.19 -4.65
N ILE A 9 -24.28 -3.19 -5.94
CA ILE A 9 -23.52 -3.85 -7.02
C ILE A 9 -22.13 -3.17 -7.26
N ARG A 10 -22.07 -1.80 -7.30
CA ARG A 10 -20.92 -0.89 -7.40
C ARG A 10 -19.88 -1.16 -6.26
N ARG A 11 -20.28 -1.24 -4.95
CA ARG A 11 -19.54 -1.82 -3.80
C ARG A 11 -19.10 -3.30 -3.88
N ASN A 12 -19.89 -4.23 -4.46
CA ASN A 12 -19.57 -5.68 -4.59
C ASN A 12 -18.57 -5.97 -5.69
N LYS A 13 -18.82 -5.30 -6.85
CA LYS A 13 -18.04 -5.18 -8.07
C LYS A 13 -16.74 -4.49 -7.70
N LEU A 14 -16.82 -3.59 -6.66
CA LEU A 14 -15.66 -3.11 -5.94
C LEU A 14 -14.95 -4.15 -5.09
N ARG A 15 -15.61 -5.08 -4.32
CA ARG A 15 -14.91 -6.21 -3.65
C ARG A 15 -14.18 -7.14 -4.63
N ARG A 16 -14.81 -7.38 -5.83
CA ARG A 16 -14.13 -7.98 -7.00
C ARG A 16 -12.95 -7.15 -7.60
N HIS A 17 -13.17 -5.83 -7.94
CA HIS A 17 -12.24 -4.81 -8.49
C HIS A 17 -11.05 -4.55 -7.53
N PHE A 18 -11.32 -4.29 -6.21
CA PHE A 18 -10.42 -4.07 -5.07
C PHE A 18 -9.54 -5.29 -4.83
N GLU A 19 -10.11 -6.52 -4.66
CA GLU A 19 -9.35 -7.73 -4.48
C GLU A 19 -8.63 -8.32 -5.70
N SER A 20 -9.23 -8.30 -6.93
CA SER A 20 -8.61 -8.79 -8.19
C SER A 20 -7.39 -7.97 -8.62
N GLU A 21 -7.53 -6.62 -8.53
CA GLU A 21 -6.45 -5.68 -8.70
C GLU A 21 -5.50 -5.65 -7.49
N PHE A 22 -5.94 -5.94 -6.23
CA PHE A 22 -5.00 -6.11 -5.09
C PHE A 22 -4.10 -7.34 -5.17
N ARG A 23 -4.62 -8.41 -5.86
CA ARG A 23 -3.86 -9.57 -6.33
C ARG A 23 -2.93 -9.14 -7.46
N GLN A 24 -3.34 -8.20 -8.37
CA GLN A 24 -2.42 -7.58 -9.35
C GLN A 24 -1.23 -6.82 -8.78
N ILE A 25 -1.45 -6.01 -7.70
CA ILE A 25 -0.38 -5.29 -7.01
C ILE A 25 0.49 -6.23 -6.18
N ASN A 26 -0.09 -7.18 -5.37
CA ASN A 26 0.73 -8.16 -4.64
C ASN A 26 1.37 -9.27 -5.50
N ASN A 27 0.82 -9.56 -6.72
CA ASN A 27 1.49 -10.37 -7.73
C ASN A 27 2.62 -9.56 -8.42
N GLU A 28 2.44 -8.24 -8.80
CA GLU A 28 3.60 -7.46 -9.31
C GLU A 28 4.68 -7.25 -8.29
N ILE A 29 4.32 -7.12 -6.97
CA ILE A 29 5.31 -7.03 -5.90
C ILE A 29 6.09 -8.31 -5.67
N ARG A 30 5.44 -9.50 -5.66
CA ARG A 30 6.13 -10.78 -5.58
C ARG A 30 7.08 -11.13 -6.74
N GLU A 31 6.68 -10.74 -8.00
CA GLU A 31 7.38 -10.94 -9.26
C GLU A 31 8.50 -9.97 -9.40
N ALA A 32 8.21 -8.68 -9.16
CA ALA A 32 9.19 -7.60 -9.26
C ALA A 32 10.28 -7.62 -8.22
N SER A 33 9.90 -8.05 -6.99
CA SER A 33 10.79 -8.24 -5.87
C SER A 33 11.65 -9.46 -6.07
N LYS A 34 11.07 -10.61 -6.55
CA LYS A 34 11.94 -11.76 -6.92
C LYS A 34 12.79 -11.59 -8.19
N ALA A 35 12.25 -10.89 -9.19
CA ALA A 35 12.90 -10.54 -10.43
C ALA A 35 13.92 -9.40 -10.28
N ALA A 36 13.71 -8.40 -9.36
CA ALA A 36 14.74 -7.41 -9.04
C ALA A 36 15.88 -7.95 -8.16
N GLY A 37 15.71 -9.12 -7.48
CA GLY A 37 16.81 -9.71 -6.71
C GLY A 37 16.78 -9.41 -5.23
N VAL A 38 15.60 -8.99 -4.70
CA VAL A 38 15.38 -8.73 -3.29
C VAL A 38 14.57 -9.95 -2.87
N SER A 39 14.48 -10.07 -1.57
CA SER A 39 13.59 -10.76 -0.67
C SER A 39 12.08 -10.79 -1.02
N SER A 40 11.35 -11.74 -0.43
CA SER A 40 9.94 -12.01 -0.74
C SER A 40 9.07 -11.45 0.36
N PHE A 41 8.17 -10.48 0.05
CA PHE A 41 7.30 -9.87 1.05
C PHE A 41 5.84 -10.13 0.69
N HIS A 42 4.95 -10.14 1.71
CA HIS A 42 3.52 -10.36 1.49
C HIS A 42 2.80 -9.10 1.85
N LEU A 43 2.30 -8.30 0.89
CA LEU A 43 1.80 -6.94 1.21
C LEU A 43 0.29 -6.94 1.45
N LYS A 44 -0.24 -6.51 2.67
CA LYS A 44 -1.66 -6.73 2.94
C LYS A 44 -2.27 -5.45 3.47
N TYR A 45 -3.56 -5.20 3.10
CA TYR A 45 -4.41 -4.08 3.41
C TYR A 45 -5.29 -4.26 4.64
N SER A 46 -5.51 -3.11 5.32
CA SER A 46 -6.35 -2.88 6.47
C SER A 46 -7.54 -2.08 5.95
N GLN A 47 -8.66 -2.77 5.66
CA GLN A 47 -9.93 -2.36 5.06
C GLN A 47 -10.66 -1.12 5.58
N ALA A 48 -10.30 -0.42 6.70
CA ALA A 48 -10.99 0.78 7.25
C ALA A 48 -11.10 2.01 6.31
N LEU A 49 -9.96 2.40 5.68
CA LEU A 49 -9.78 3.41 4.62
C LEU A 49 -10.47 3.06 3.34
N LEU A 50 -10.41 1.77 3.06
CA LEU A 50 -11.08 1.08 2.00
C LEU A 50 -12.57 0.95 2.29
N ASP A 51 -13.04 0.75 3.54
CA ASP A 51 -14.42 0.68 4.03
C ASP A 51 -15.09 2.04 3.85
N ARG A 52 -14.28 3.15 3.92
CA ARG A 52 -14.75 4.45 3.43
C ARG A 52 -14.89 4.56 1.95
N ALA A 53 -13.87 4.08 1.26
CA ALA A 53 -13.69 4.20 -0.15
C ALA A 53 -14.54 3.34 -1.04
N ILE A 54 -14.91 2.17 -0.47
CA ILE A 54 -15.76 1.09 -0.91
C ILE A 54 -17.19 1.48 -0.86
N GLN A 55 -17.62 2.27 0.18
CA GLN A 55 -19.00 2.72 0.18
C GLN A 55 -19.27 4.18 -0.12
N ARG A 56 -18.36 5.14 0.20
CA ARG A 56 -18.70 6.56 0.06
C ARG A 56 -18.59 7.10 -1.36
N GLU A 57 -17.49 6.78 -2.08
CA GLU A 57 -17.35 7.09 -3.52
C GLU A 57 -17.56 5.93 -4.42
N ILE A 58 -16.92 4.82 -3.99
CA ILE A 58 -16.85 3.47 -4.53
C ILE A 58 -15.93 3.36 -5.77
N ASP A 59 -15.89 2.24 -6.58
CA ASP A 59 -15.10 1.94 -7.83
C ASP A 59 -13.80 2.72 -8.08
N GLU A 60 -12.93 2.78 -7.03
CA GLU A 60 -11.72 3.56 -6.90
C GLU A 60 -10.56 2.92 -7.60
N THR A 61 -10.74 2.80 -8.93
CA THR A 61 -9.81 2.30 -9.91
C THR A 61 -8.74 3.24 -10.38
N TYR A 62 -8.96 4.53 -10.08
CA TYR A 62 -8.02 5.66 -10.18
C TYR A 62 -6.98 5.50 -9.05
N VAL A 63 -7.47 4.95 -7.91
CA VAL A 63 -6.75 4.57 -6.71
C VAL A 63 -5.86 3.38 -7.01
N PHE A 64 -6.40 2.48 -7.87
CA PHE A 64 -5.70 1.44 -8.59
C PHE A 64 -4.70 1.91 -9.65
N GLU A 65 -4.93 3.01 -10.39
CA GLU A 65 -4.06 3.51 -11.46
C GLU A 65 -2.91 4.34 -10.92
N LEU A 66 -3.16 5.14 -9.85
CA LEU A 66 -2.16 5.81 -9.04
C LEU A 66 -1.28 4.79 -8.29
N PHE A 67 -1.85 3.71 -7.69
CA PHE A 67 -1.09 2.61 -7.07
C PHE A 67 -0.47 1.58 -8.01
N HIS A 68 -0.96 1.61 -9.26
CA HIS A 68 -0.39 0.95 -10.44
C HIS A 68 0.71 1.78 -11.09
N LYS A 69 0.86 3.11 -10.78
CA LYS A 69 2.17 3.81 -10.92
C LYS A 69 3.04 3.53 -9.66
N ILE A 70 2.44 3.27 -8.45
CA ILE A 70 3.10 2.79 -7.18
C ILE A 70 3.65 1.38 -7.28
N LYS A 71 3.33 0.66 -8.35
CA LYS A 71 3.68 -0.71 -8.64
C LYS A 71 5.10 -1.16 -8.53
N ASP A 72 6.11 -0.33 -8.83
CA ASP A 72 7.49 -0.69 -8.76
C ASP A 72 8.06 -0.08 -7.43
N HIS A 73 7.16 0.50 -6.53
CA HIS A 73 7.41 0.98 -5.14
C HIS A 73 7.73 -0.16 -4.22
N VAL A 74 7.53 -1.38 -4.82
CA VAL A 74 8.11 -2.68 -4.47
C VAL A 74 9.60 -2.55 -4.11
N LEU A 75 10.45 -1.86 -4.90
CA LEU A 75 11.87 -1.57 -4.65
C LEU A 75 12.20 -0.63 -3.48
N GLU A 76 11.24 0.25 -3.09
CA GLU A 76 11.33 1.13 -1.90
C GLU A 76 11.09 0.36 -0.60
N VAL A 77 10.02 -0.50 -0.61
CA VAL A 77 9.64 -1.47 0.42
C VAL A 77 10.72 -2.60 0.51
N ASN A 78 11.39 -2.87 -0.65
CA ASN A 78 12.56 -3.72 -0.83
C ASN A 78 13.89 -3.15 -0.35
N GLU A 79 14.19 -1.82 -0.51
CA GLU A 79 15.35 -1.13 0.04
C GLU A 79 15.29 -1.09 1.58
N PHE A 80 14.02 -1.07 2.08
CA PHE A 80 13.57 -1.30 3.45
C PHE A 80 13.77 -2.81 3.90
N LEU A 81 13.53 -3.83 3.02
CA LEU A 81 13.80 -5.26 3.18
C LEU A 81 15.27 -5.73 3.08
N SER A 82 16.11 -4.85 2.55
CA SER A 82 17.54 -4.93 2.26
C SER A 82 18.47 -4.46 3.39
N MET A 83 17.92 -4.05 4.56
CA MET A 83 18.67 -3.61 5.74
C MET A 83 18.49 -4.70 6.81
N PRO A 84 19.28 -4.80 7.91
CA PRO A 84 19.12 -5.84 8.95
C PRO A 84 17.84 -5.66 9.81
N PRO A 85 17.44 -6.50 10.79
CA PRO A 85 16.22 -6.24 11.57
C PRO A 85 16.44 -5.07 12.54
N ARG A 86 15.47 -4.12 12.64
CA ARG A 86 15.56 -2.87 13.42
C ARG A 86 16.09 -2.91 14.89
N PRO A 87 17.32 -2.43 15.20
CA PRO A 87 18.01 -2.49 16.52
C PRO A 87 17.38 -1.81 17.75
N ASP A 88 17.82 -2.18 18.99
CA ASP A 88 17.23 -1.74 20.28
C ASP A 88 18.03 -0.66 21.00
N ILE A 89 19.24 -0.43 20.47
CA ILE A 89 20.31 0.46 20.91
C ILE A 89 20.21 1.86 20.34
N ASP A 90 21.28 2.62 20.63
CA ASP A 90 21.50 4.00 20.20
C ASP A 90 22.89 4.17 19.61
N GLU A 91 23.78 3.15 19.80
CA GLU A 91 25.17 3.15 19.37
C GLU A 91 25.44 2.66 17.96
N ASP A 92 24.85 1.51 17.63
CA ASP A 92 25.00 0.78 16.39
C ASP A 92 23.66 0.62 15.70
N PHE A 93 22.71 1.56 15.96
CA PHE A 93 21.30 1.50 15.53
C PHE A 93 20.87 1.65 14.05
N ILE A 94 19.80 2.46 13.80
CA ILE A 94 19.14 2.75 12.52
C ILE A 94 19.83 3.78 11.66
N ASP A 95 20.04 3.36 10.40
CA ASP A 95 20.81 4.08 9.40
C ASP A 95 20.21 3.92 8.02
N GLY A 96 19.86 2.66 7.63
CA GLY A 96 19.25 2.31 6.34
C GLY A 96 17.75 2.42 6.32
N VAL A 97 17.22 3.28 7.22
CA VAL A 97 15.82 3.59 7.44
C VAL A 97 15.73 5.03 6.93
N GLU A 98 15.04 5.22 5.80
CA GLU A 98 14.84 6.49 5.13
C GLU A 98 13.44 7.03 5.28
N TYR A 99 12.68 6.34 6.14
CA TYR A 99 11.26 6.54 6.39
C TYR A 99 10.89 6.62 7.88
N ARG A 100 9.77 5.95 8.28
CA ARG A 100 9.13 5.97 9.59
C ARG A 100 9.22 4.63 10.34
N PRO A 101 8.91 4.51 11.67
CA PRO A 101 9.01 3.31 12.51
C PRO A 101 8.25 2.02 12.18
N GLY A 102 8.67 1.34 11.12
CA GLY A 102 8.09 0.11 10.57
C GLY A 102 7.14 0.43 9.44
N ARG A 103 6.94 1.75 9.23
CA ARG A 103 6.08 2.36 8.22
C ARG A 103 6.84 3.09 7.11
N LEU A 104 6.26 3.08 5.88
CA LEU A 104 6.79 3.73 4.69
C LEU A 104 5.60 4.42 4.03
N GLU A 105 5.63 5.77 3.79
CA GLU A 105 4.50 6.49 3.28
C GLU A 105 5.03 7.27 2.12
N ILE A 106 4.34 7.20 0.95
CA ILE A 106 4.71 7.92 -0.25
C ILE A 106 3.43 8.53 -0.85
N THR A 107 3.50 9.79 -1.39
CA THR A 107 2.30 10.52 -1.86
C THR A 107 2.40 10.97 -3.31
N ASP A 108 1.30 10.96 -4.11
CA ASP A 108 1.28 11.50 -5.46
C ASP A 108 0.16 12.52 -5.55
N GLY A 109 0.43 13.79 -5.11
CA GLY A 109 -0.35 15.04 -5.29
C GLY A 109 -1.75 15.13 -4.73
N ASN A 110 -2.52 14.07 -4.99
CA ASN A 110 -3.87 13.83 -4.58
C ASN A 110 -3.88 12.55 -3.73
N LEU A 111 -3.26 11.39 -4.15
CA LEU A 111 -3.26 10.18 -3.30
C LEU A 111 -2.25 10.13 -2.14
N TRP A 112 -2.71 9.71 -0.92
CA TRP A 112 -1.92 9.45 0.27
C TRP A 112 -1.88 7.94 0.37
N LEU A 113 -0.75 7.27 -0.04
CA LEU A 113 -0.63 5.83 0.10
C LEU A 113 0.27 5.58 1.32
N GLY A 114 -0.19 4.85 2.36
CA GLY A 114 0.60 4.49 3.54
C GLY A 114 0.78 2.99 3.51
N PHE A 115 1.99 2.43 3.78
CA PHE A 115 2.23 1.00 3.77
C PHE A 115 2.95 0.76 5.12
N THR A 116 2.62 -0.28 5.95
CA THR A 116 3.33 -0.50 7.21
C THR A 116 3.60 -1.96 7.27
N VAL A 117 4.85 -2.39 7.64
CA VAL A 117 5.25 -3.80 7.79
C VAL A 117 4.52 -4.47 8.94
N CYS A 118 4.60 -5.82 9.02
CA CYS A 118 3.94 -6.65 10.02
C CYS A 118 4.45 -6.52 11.45
N LYS A 119 4.25 -5.27 11.94
CA LYS A 119 4.50 -4.55 13.18
C LYS A 119 4.62 -5.34 14.48
N PRO A 120 3.76 -6.32 14.87
CA PRO A 120 3.93 -7.12 16.10
C PRO A 120 5.07 -8.19 15.97
N ASN A 121 6.31 -7.79 15.58
CA ASN A 121 7.46 -8.64 15.32
C ASN A 121 8.77 -7.83 15.40
N GLU A 122 9.93 -8.43 15.74
CA GLU A 122 11.22 -7.79 15.67
C GLU A 122 12.23 -8.61 14.85
N LYS A 123 11.77 -9.66 14.12
CA LYS A 123 12.59 -10.59 13.36
C LYS A 123 12.75 -10.27 11.87
N PHE A 124 12.16 -9.13 11.44
CA PHE A 124 12.14 -8.54 10.11
C PHE A 124 13.40 -8.41 9.27
N LYS A 125 13.07 -8.47 7.97
CA LYS A 125 13.77 -8.24 6.75
C LYS A 125 13.61 -9.52 5.98
N ASP A 126 12.50 -9.44 5.16
CA ASP A 126 11.65 -10.47 4.57
C ASP A 126 10.17 -10.50 5.15
N PRO A 127 9.52 -9.53 5.91
CA PRO A 127 8.12 -9.54 6.37
C PRO A 127 7.00 -9.46 5.32
N SER A 128 5.82 -9.37 5.92
CA SER A 128 4.54 -9.09 5.33
C SER A 128 4.28 -7.63 5.66
N LEU A 129 3.31 -6.97 4.98
CA LEU A 129 2.83 -5.61 5.30
C LEU A 129 1.53 -5.89 6.00
N GLN A 130 1.21 -5.07 7.04
CA GLN A 130 0.10 -5.34 7.94
C GLN A 130 -0.60 -4.04 8.04
N CYS A 131 -0.93 -3.51 6.84
CA CYS A 131 -1.54 -2.19 6.68
C CYS A 131 -1.01 -1.69 5.37
N ARG A 132 -1.87 -1.74 4.34
CA ARG A 132 -1.71 -1.08 3.07
C ARG A 132 -2.89 -0.14 3.10
N MET A 133 -2.65 1.19 3.17
CA MET A 133 -3.65 2.24 3.16
C MET A 133 -3.50 2.91 1.83
N ALA A 134 -4.61 3.03 1.08
CA ALA A 134 -4.69 3.80 -0.14
C ALA A 134 -5.90 4.70 0.05
N ILE A 135 -5.68 6.03 0.12
CA ILE A 135 -6.70 7.08 0.27
C ILE A 135 -6.37 8.21 -0.66
N ILE A 136 -7.41 8.99 -1.00
CA ILE A 136 -7.45 10.23 -1.75
C ILE A 136 -8.50 10.99 -0.98
N ASN A 137 -8.66 12.22 -1.41
CA ASN A 137 -9.70 13.17 -1.09
C ASN A 137 -10.45 13.41 -2.37
N SER A 138 -11.79 13.50 -2.39
CA SER A 138 -12.44 13.69 -3.68
C SER A 138 -13.62 14.63 -3.60
N ARG A 139 -14.74 14.09 -4.12
CA ARG A 139 -16.08 14.56 -4.29
C ARG A 139 -16.82 14.08 -3.07
N ARG A 140 -17.30 12.84 -3.15
CA ARG A 140 -17.96 12.07 -2.14
C ARG A 140 -17.00 11.18 -1.36
N LEU A 141 -15.72 11.10 -1.87
CA LEU A 141 -14.60 10.32 -1.42
C LEU A 141 -14.10 10.86 -0.09
N PRO A 142 -14.15 10.16 1.00
CA PRO A 142 -13.65 10.68 2.25
C PRO A 142 -12.16 10.39 2.48
N GLY A 143 -11.40 11.49 2.41
CA GLY A 143 -10.02 11.59 2.91
C GLY A 143 -9.34 12.95 2.80
N LYS A 144 -9.79 14.00 3.54
CA LYS A 144 -9.30 15.39 3.48
C LYS A 144 -7.90 15.75 4.00
N ALA A 145 -7.03 16.17 3.03
CA ALA A 145 -5.65 16.64 3.11
C ALA A 145 -5.29 16.82 1.63
N SER A 146 -4.02 17.13 1.25
CA SER A 146 -3.45 17.23 -0.13
C SER A 146 -2.31 18.24 -0.22
N LYS A 147 -1.20 17.84 -0.90
CA LYS A 147 0.02 18.56 -1.20
C LYS A 147 0.78 17.48 -1.91
N ALA A 148 2.00 17.84 -2.36
CA ALA A 148 3.15 16.96 -2.64
C ALA A 148 3.12 15.80 -3.68
N VAL A 149 3.97 15.82 -4.74
CA VAL A 149 3.96 14.84 -5.82
C VAL A 149 5.20 13.94 -5.91
N ILE A 150 4.99 12.62 -5.60
CA ILE A 150 5.93 11.52 -5.72
C ILE A 150 5.20 10.41 -6.49
N LYS A 151 5.71 10.04 -7.67
CA LYS A 151 5.44 8.92 -8.54
C LYS A 151 6.75 8.26 -8.72
N THR A 152 6.78 6.94 -9.00
CA THR A 152 7.82 6.02 -8.64
C THR A 152 9.17 6.14 -9.36
N GLN A 153 9.78 6.84 -8.41
CA GLN A 153 10.99 7.34 -7.86
C GLN A 153 12.34 7.11 -8.59
N MET A 1 -33.70 10.78 -1.98
CA MET A 1 -33.62 9.33 -2.17
C MET A 1 -32.24 9.02 -2.74
N THR A 2 -31.84 7.74 -2.78
CA THR A 2 -30.60 7.23 -3.36
C THR A 2 -30.89 5.76 -3.67
N ILE A 3 -30.55 5.25 -4.89
CA ILE A 3 -30.85 3.88 -5.38
C ILE A 3 -29.72 2.90 -5.03
N ASN A 4 -29.38 2.95 -3.73
CA ASN A 4 -28.33 2.31 -2.89
C ASN A 4 -28.15 0.79 -2.99
N THR A 5 -29.02 0.12 -3.78
CA THR A 5 -29.10 -1.25 -4.24
C THR A 5 -27.98 -1.53 -5.27
N GLU A 6 -28.03 -0.75 -6.40
CA GLU A 6 -27.11 -0.78 -7.53
C GLU A 6 -25.75 -0.17 -7.19
N VAL A 7 -25.75 0.61 -6.08
CA VAL A 7 -24.60 1.25 -5.44
C VAL A 7 -23.84 0.26 -4.57
N PHE A 8 -24.57 -0.67 -3.88
CA PHE A 8 -24.09 -1.79 -3.06
C PHE A 8 -23.35 -2.76 -3.95
N ILE A 9 -24.01 -3.05 -5.10
CA ILE A 9 -23.45 -3.73 -6.27
C ILE A 9 -22.18 -3.03 -6.81
N ARG A 10 -22.14 -1.67 -6.91
CA ARG A 10 -20.92 -0.93 -7.24
C ARG A 10 -19.79 -0.94 -6.15
N ARG A 11 -20.08 -0.79 -4.81
CA ARG A 11 -19.18 -1.08 -3.65
C ARG A 11 -18.67 -2.55 -3.49
N ASN A 12 -19.46 -3.52 -4.00
CA ASN A 12 -19.22 -4.97 -4.11
C ASN A 12 -18.30 -5.25 -5.28
N LYS A 13 -18.61 -4.68 -6.49
CA LYS A 13 -17.81 -4.63 -7.71
C LYS A 13 -16.47 -3.97 -7.44
N LEU A 14 -16.47 -3.03 -6.43
CA LEU A 14 -15.27 -2.45 -5.85
C LEU A 14 -14.51 -3.40 -4.98
N ARG A 15 -15.19 -4.17 -4.09
CA ARG A 15 -14.57 -5.29 -3.31
C ARG A 15 -13.87 -6.32 -4.27
N ARG A 16 -14.56 -6.68 -5.41
CA ARG A 16 -13.93 -7.39 -6.54
C ARG A 16 -12.79 -6.64 -7.30
N HIS A 17 -12.97 -5.31 -7.66
CA HIS A 17 -12.04 -4.35 -8.30
C HIS A 17 -10.75 -4.14 -7.51
N PHE A 18 -10.91 -3.90 -6.18
CA PHE A 18 -9.93 -3.73 -5.11
C PHE A 18 -9.12 -5.02 -4.91
N GLU A 19 -9.78 -6.21 -4.83
CA GLU A 19 -9.15 -7.54 -4.68
C GLU A 19 -8.48 -8.13 -5.91
N SER A 20 -9.12 -8.01 -7.11
CA SER A 20 -8.63 -8.49 -8.43
C SER A 20 -7.43 -7.69 -8.92
N GLU A 21 -7.49 -6.34 -8.75
CA GLU A 21 -6.36 -5.44 -8.94
C GLU A 21 -5.36 -5.52 -7.80
N PHE A 22 -5.72 -5.87 -6.51
CA PHE A 22 -4.73 -6.25 -5.48
C PHE A 22 -3.92 -7.49 -5.86
N ARG A 23 -4.53 -8.49 -6.58
CA ARG A 23 -3.79 -9.57 -7.24
C ARG A 23 -2.90 -9.07 -8.36
N GLN A 24 -3.31 -8.03 -9.15
CA GLN A 24 -2.35 -7.34 -10.06
C GLN A 24 -1.14 -6.64 -9.40
N ILE A 25 -1.37 -5.86 -8.31
CA ILE A 25 -0.31 -5.16 -7.56
C ILE A 25 0.55 -6.13 -6.76
N ASN A 26 -0.05 -7.13 -6.04
CA ASN A 26 0.72 -8.16 -5.33
C ASN A 26 1.40 -9.19 -6.24
N ASN A 27 0.89 -9.41 -7.50
CA ASN A 27 1.59 -10.19 -8.53
C ASN A 27 2.80 -9.41 -9.10
N GLU A 28 2.74 -8.03 -9.25
CA GLU A 28 3.89 -7.22 -9.56
C GLU A 28 4.90 -7.23 -8.44
N ILE A 29 4.47 -7.17 -7.14
CA ILE A 29 5.35 -7.31 -5.98
C ILE A 29 6.03 -8.66 -5.90
N ARG A 30 5.32 -9.81 -6.09
CA ARG A 30 5.91 -11.14 -6.18
C ARG A 30 6.93 -11.33 -7.32
N GLU A 31 6.68 -10.75 -8.54
CA GLU A 31 7.54 -10.84 -9.71
C GLU A 31 8.72 -9.93 -9.58
N ALA A 32 8.46 -8.69 -9.12
CA ALA A 32 9.44 -7.66 -8.94
C ALA A 32 10.35 -7.88 -7.76
N SER A 33 9.81 -8.27 -6.60
CA SER A 33 10.56 -8.63 -5.40
C SER A 33 11.32 -9.95 -5.59
N LYS A 34 10.82 -10.90 -6.46
CA LYS A 34 11.68 -12.03 -6.90
C LYS A 34 12.74 -11.67 -7.96
N ALA A 35 12.37 -10.83 -8.95
CA ALA A 35 13.23 -10.34 -10.03
C ALA A 35 14.25 -9.28 -9.62
N ALA A 36 13.94 -8.42 -8.58
CA ALA A 36 14.91 -7.57 -7.91
C ALA A 36 15.78 -8.38 -6.92
N GLY A 37 15.39 -9.65 -6.58
CA GLY A 37 16.25 -10.60 -5.84
C GLY A 37 16.18 -10.47 -4.35
N VAL A 38 15.10 -9.80 -3.87
CA VAL A 38 14.85 -9.40 -2.50
C VAL A 38 13.92 -10.38 -1.83
N SER A 39 13.63 -10.13 -0.52
CA SER A 39 12.86 -10.90 0.50
C SER A 39 11.71 -11.78 -0.01
N SER A 40 10.84 -11.07 -0.77
CA SER A 40 9.55 -11.43 -1.36
C SER A 40 8.48 -11.31 -0.32
N PHE A 41 7.57 -10.32 -0.49
CA PHE A 41 6.62 -9.95 0.53
C PHE A 41 5.21 -10.28 0.09
N HIS A 42 4.35 -10.39 1.12
CA HIS A 42 2.90 -10.60 1.06
C HIS A 42 2.29 -9.23 1.30
N LEU A 43 1.06 -9.06 0.80
CA LEU A 43 0.38 -7.77 0.85
C LEU A 43 -0.88 -7.93 1.65
N LYS A 44 -1.11 -7.11 2.70
CA LYS A 44 -2.36 -7.13 3.44
C LYS A 44 -3.05 -5.80 3.24
N TYR A 45 -4.30 -5.77 3.69
CA TYR A 45 -5.20 -4.63 3.71
C TYR A 45 -5.36 -4.18 5.15
N SER A 46 -6.04 -3.02 5.27
CA SER A 46 -6.79 -2.70 6.49
C SER A 46 -8.19 -2.48 5.94
N GLN A 47 -9.09 -3.53 5.88
CA GLN A 47 -10.50 -3.49 5.38
C GLN A 47 -11.44 -2.45 6.07
N ALA A 48 -11.03 -1.80 7.21
CA ALA A 48 -11.68 -0.68 7.92
C ALA A 48 -11.36 0.68 7.24
N LEU A 49 -10.09 0.82 6.75
CA LEU A 49 -9.58 1.88 5.85
C LEU A 49 -10.31 1.78 4.54
N LEU A 50 -10.39 0.52 4.10
CA LEU A 50 -11.15 0.02 2.95
C LEU A 50 -12.66 0.23 3.17
N ASP A 51 -13.23 0.09 4.41
CA ASP A 51 -14.61 0.49 4.80
C ASP A 51 -14.88 1.97 4.50
N ARG A 52 -13.81 2.85 4.60
CA ARG A 52 -13.88 4.13 3.89
C ARG A 52 -13.66 4.09 2.40
N ALA A 53 -12.52 3.58 1.88
CA ALA A 53 -12.18 3.60 0.47
C ALA A 53 -13.11 2.92 -0.54
N ILE A 54 -13.85 1.89 -0.08
CA ILE A 54 -14.89 1.16 -0.73
C ILE A 54 -16.17 1.97 -0.77
N GLN A 55 -16.61 2.58 0.37
CA GLN A 55 -17.88 3.30 0.39
C GLN A 55 -17.88 4.83 0.44
N ARG A 56 -16.75 5.56 0.71
CA ARG A 56 -16.71 7.03 0.87
C ARG A 56 -16.74 7.81 -0.45
N GLU A 57 -16.72 7.07 -1.56
CA GLU A 57 -16.71 7.57 -2.92
C GLU A 57 -17.23 6.53 -3.90
N ILE A 58 -16.69 5.27 -3.80
CA ILE A 58 -16.95 4.01 -4.54
C ILE A 58 -16.18 3.94 -5.88
N ASP A 59 -15.98 2.72 -6.49
CA ASP A 59 -15.22 2.32 -7.74
C ASP A 59 -13.90 3.11 -7.97
N GLU A 60 -12.98 3.12 -6.96
CA GLU A 60 -11.68 3.77 -6.99
C GLU A 60 -10.65 3.04 -7.81
N THR A 61 -10.91 2.99 -9.13
CA THR A 61 -10.12 2.44 -10.20
C THR A 61 -8.97 3.33 -10.65
N TYR A 62 -9.11 4.61 -10.24
CA TYR A 62 -8.13 5.70 -10.24
C TYR A 62 -6.98 5.38 -9.26
N VAL A 63 -7.39 4.68 -8.16
CA VAL A 63 -6.57 4.32 -6.99
C VAL A 63 -5.49 3.36 -7.39
N PHE A 64 -6.01 2.39 -8.17
CA PHE A 64 -5.40 1.36 -9.00
C PHE A 64 -4.59 1.94 -10.13
N GLU A 65 -4.99 3.04 -10.82
CA GLU A 65 -4.21 3.69 -11.88
C GLU A 65 -2.93 4.35 -11.36
N LEU A 66 -3.05 5.08 -10.23
CA LEU A 66 -1.93 5.58 -9.45
C LEU A 66 -1.10 4.45 -8.81
N PHE A 67 -1.67 3.42 -8.11
CA PHE A 67 -0.89 2.36 -7.41
C PHE A 67 -0.31 1.29 -8.34
N HIS A 68 -0.85 1.23 -9.58
CA HIS A 68 -0.30 0.59 -10.76
C HIS A 68 0.79 1.46 -11.39
N LYS A 69 0.74 2.82 -11.23
CA LYS A 69 1.92 3.66 -11.56
C LYS A 69 2.98 3.63 -10.43
N ILE A 70 2.59 3.23 -9.18
CA ILE A 70 3.42 3.19 -7.96
C ILE A 70 3.99 1.81 -7.64
N LYS A 71 3.47 0.71 -8.25
CA LYS A 71 3.72 -0.74 -8.12
C LYS A 71 5.12 -1.27 -8.24
N ASP A 72 6.02 -0.35 -8.52
CA ASP A 72 7.42 -0.39 -8.68
C ASP A 72 8.08 0.01 -7.35
N HIS A 73 7.27 0.40 -6.31
CA HIS A 73 7.61 0.77 -4.91
C HIS A 73 8.35 -0.29 -4.15
N VAL A 74 8.42 -1.46 -4.83
CA VAL A 74 9.39 -2.57 -4.68
C VAL A 74 10.85 -2.12 -4.49
N LEU A 75 11.33 -0.97 -5.10
CA LEU A 75 12.66 -0.36 -4.94
C LEU A 75 12.81 0.42 -3.62
N GLU A 76 11.75 1.14 -3.15
CA GLU A 76 11.70 1.81 -1.84
C GLU A 76 11.61 0.79 -0.69
N VAL A 77 10.86 -0.29 -0.99
CA VAL A 77 10.65 -1.52 -0.24
C VAL A 77 11.92 -2.45 -0.24
N ASN A 78 12.77 -2.38 -1.32
CA ASN A 78 14.13 -2.94 -1.50
C ASN A 78 15.13 -2.25 -0.57
N GLU A 79 15.09 -0.88 -0.44
CA GLU A 79 15.85 -0.08 0.51
C GLU A 79 15.48 -0.40 1.97
N PHE A 80 14.16 -0.70 2.21
CA PHE A 80 13.59 -1.25 3.46
C PHE A 80 14.14 -2.65 3.85
N LEU A 81 14.36 -3.56 2.84
CA LEU A 81 14.98 -4.91 2.87
C LEU A 81 16.51 -4.87 2.99
N SER A 82 17.13 -3.69 2.78
CA SER A 82 18.59 -3.48 2.68
C SER A 82 19.41 -3.50 3.96
N MET A 83 18.77 -3.68 5.15
CA MET A 83 19.50 -3.79 6.42
C MET A 83 19.60 -5.28 6.82
N PRO A 84 20.71 -5.79 7.47
CA PRO A 84 20.76 -7.12 8.13
C PRO A 84 19.78 -7.17 9.33
N PRO A 85 19.27 -8.33 9.84
CA PRO A 85 17.99 -8.46 10.53
C PRO A 85 17.56 -7.55 11.66
N ARG A 86 16.23 -7.26 11.70
CA ARG A 86 15.59 -6.45 12.74
C ARG A 86 14.59 -7.21 13.62
N PRO A 87 15.05 -7.96 14.66
CA PRO A 87 14.30 -8.56 15.76
C PRO A 87 13.80 -7.50 16.74
N ASP A 88 12.82 -7.88 17.59
CA ASP A 88 12.12 -7.20 18.69
C ASP A 88 13.00 -6.46 19.72
N ILE A 89 14.25 -6.94 19.74
CA ILE A 89 15.44 -6.46 20.38
C ILE A 89 16.21 -5.61 19.41
N ASP A 90 15.73 -4.39 19.52
CA ASP A 90 16.19 -3.10 18.98
C ASP A 90 17.49 -2.67 19.67
N GLU A 91 17.88 -3.43 20.73
CA GLU A 91 19.09 -3.25 21.51
C GLU A 91 20.23 -4.15 21.14
N ASP A 92 19.94 -5.39 20.67
CA ASP A 92 20.94 -6.38 20.32
C ASP A 92 21.23 -6.42 18.84
N PHE A 93 20.36 -5.72 18.09
CA PHE A 93 20.37 -5.67 16.64
C PHE A 93 20.42 -4.28 16.06
N ILE A 94 19.50 -3.43 16.52
CA ILE A 94 19.22 -2.07 16.03
C ILE A 94 20.18 -1.02 16.51
N ASP A 95 21.11 -0.89 15.60
CA ASP A 95 22.31 -0.11 15.65
C ASP A 95 22.55 0.56 14.35
N GLY A 96 22.25 -0.13 13.22
CA GLY A 96 22.43 0.38 11.87
C GLY A 96 21.14 0.93 11.34
N VAL A 97 20.11 1.01 12.21
CA VAL A 97 18.81 1.57 11.83
C VAL A 97 18.54 2.85 12.57
N GLU A 98 18.98 3.91 11.87
CA GLU A 98 18.86 5.30 12.19
C GLU A 98 18.44 6.00 10.91
N TYR A 99 17.96 5.15 9.97
CA TYR A 99 17.61 5.48 8.60
C TYR A 99 16.17 5.15 8.26
N ARG A 100 15.75 3.88 8.52
CA ARG A 100 14.48 3.33 8.08
C ARG A 100 13.37 3.34 9.15
N PRO A 101 12.24 4.08 9.00
CA PRO A 101 11.05 4.01 9.88
C PRO A 101 10.20 2.76 9.60
N GLY A 102 9.41 2.30 10.61
CA GLY A 102 8.60 1.05 10.62
C GLY A 102 7.33 1.03 9.80
N ARG A 103 6.94 2.22 9.29
CA ARG A 103 5.86 2.46 8.38
C ARG A 103 6.31 3.52 7.40
N LEU A 104 5.68 3.50 6.21
CA LEU A 104 5.95 4.34 5.07
C LEU A 104 4.80 5.31 4.84
N GLU A 105 5.11 6.58 4.47
CA GLU A 105 4.16 7.65 4.23
C GLU A 105 4.56 8.19 2.89
N ILE A 106 3.72 7.97 1.84
CA ILE A 106 4.01 8.40 0.48
C ILE A 106 2.76 9.03 -0.09
N THR A 107 2.87 10.15 -0.87
CA THR A 107 1.69 10.85 -1.40
C THR A 107 1.96 10.95 -2.86
N ASP A 108 1.20 10.25 -3.72
CA ASP A 108 1.45 10.12 -5.12
C ASP A 108 0.10 10.27 -5.73
N GLY A 109 0.04 10.58 -7.03
CA GLY A 109 -1.21 10.53 -7.83
C GLY A 109 -2.12 11.74 -7.74
N ASN A 110 -2.51 11.99 -6.46
CA ASN A 110 -3.50 12.82 -5.80
C ASN A 110 -3.69 12.26 -4.36
N LEU A 111 -3.50 10.92 -4.11
CA LEU A 111 -3.65 10.12 -2.90
C LEU A 111 -2.61 10.09 -1.83
N TRP A 112 -3.04 10.14 -0.54
CA TRP A 112 -2.21 9.94 0.61
C TRP A 112 -2.27 8.41 0.86
N LEU A 113 -1.19 7.67 0.42
CA LEU A 113 -1.01 6.22 0.50
C LEU A 113 -0.21 5.95 1.81
N GLY A 114 -0.58 4.92 2.60
CA GLY A 114 0.18 4.48 3.77
C GLY A 114 0.54 3.01 3.65
N PHE A 115 1.81 2.56 3.90
CA PHE A 115 2.15 1.14 3.93
C PHE A 115 2.69 0.99 5.37
N THR A 116 2.39 -0.11 6.10
CA THR A 116 3.01 -0.40 7.40
C THR A 116 3.52 -1.78 7.12
N VAL A 117 4.62 -2.24 7.77
CA VAL A 117 5.13 -3.63 7.76
C VAL A 117 4.21 -4.46 8.63
N CYS A 118 4.18 -5.81 8.39
CA CYS A 118 3.59 -6.73 9.37
C CYS A 118 4.47 -6.78 10.60
N LYS A 119 4.04 -5.94 11.55
CA LYS A 119 4.57 -5.64 12.85
C LYS A 119 4.36 -6.78 13.84
N PRO A 120 3.24 -7.57 13.99
CA PRO A 120 3.19 -8.72 14.90
C PRO A 120 3.99 -9.97 14.40
N ASN A 121 5.32 -9.82 14.20
CA ASN A 121 6.30 -10.86 13.86
C ASN A 121 7.72 -10.37 14.13
N GLU A 122 8.19 -9.60 13.15
CA GLU A 122 9.44 -8.94 12.81
C GLU A 122 10.79 -9.39 13.41
N LYS A 123 11.40 -10.36 12.70
CA LYS A 123 12.72 -10.95 12.90
C LYS A 123 13.54 -10.67 11.63
N PHE A 124 12.86 -9.97 10.71
CA PHE A 124 13.20 -9.77 9.31
C PHE A 124 13.51 -8.32 8.98
N LYS A 125 13.11 -7.87 7.76
CA LYS A 125 13.33 -6.53 7.24
C LYS A 125 11.97 -5.94 7.05
N ASP A 126 11.26 -6.40 6.00
CA ASP A 126 9.86 -6.08 5.78
C ASP A 126 9.18 -7.21 4.99
N PRO A 127 8.51 -8.33 5.43
CA PRO A 127 8.07 -9.32 4.43
C PRO A 127 6.62 -9.75 4.36
N SER A 128 5.81 -8.93 4.96
CA SER A 128 4.40 -8.73 4.72
C SER A 128 4.23 -7.28 5.04
N LEU A 129 3.28 -6.54 4.38
CA LEU A 129 2.91 -5.18 4.75
C LEU A 129 1.55 -5.29 5.48
N GLN A 130 1.30 -4.65 6.67
CA GLN A 130 0.09 -4.80 7.50
C GLN A 130 -0.98 -3.79 7.15
N CYS A 131 -1.16 -3.64 5.83
CA CYS A 131 -2.02 -2.70 5.12
C CYS A 131 -1.17 -2.01 4.09
N ARG A 132 -1.80 -1.81 2.93
CA ARG A 132 -1.40 -0.80 1.98
C ARG A 132 -2.69 0.03 2.04
N MET A 133 -2.63 1.25 2.64
CA MET A 133 -3.72 2.17 2.86
C MET A 133 -3.72 3.17 1.72
N ALA A 134 -4.91 3.39 1.14
CA ALA A 134 -5.09 4.28 0.02
C ALA A 134 -6.21 5.22 0.37
N ILE A 135 -5.99 6.55 0.53
CA ILE A 135 -7.09 7.50 0.80
C ILE A 135 -6.79 8.75 0.02
N ILE A 136 -7.79 9.19 -0.73
CA ILE A 136 -7.74 10.26 -1.71
C ILE A 136 -8.65 11.45 -1.41
N ASN A 137 -8.56 12.40 -2.34
CA ASN A 137 -9.27 13.61 -2.63
C ASN A 137 -9.22 13.54 -4.16
N SER A 138 -10.32 13.81 -4.90
CA SER A 138 -10.33 13.52 -6.34
C SER A 138 -11.33 14.26 -7.22
N ARG A 139 -12.30 13.46 -7.69
CA ARG A 139 -13.25 13.73 -8.75
C ARG A 139 -14.66 13.83 -8.20
N ARG A 140 -15.31 12.64 -8.05
CA ARG A 140 -16.55 12.29 -7.38
C ARG A 140 -16.29 12.04 -5.92
N LEU A 141 -15.03 12.34 -5.52
CA LEU A 141 -14.43 12.00 -4.25
C LEU A 141 -15.03 12.99 -3.20
N PRO A 142 -15.02 12.90 -1.86
CA PRO A 142 -15.59 13.88 -0.91
C PRO A 142 -15.25 15.35 -0.97
N GLY A 143 -14.01 15.60 -1.36
CA GLY A 143 -13.41 16.90 -1.46
C GLY A 143 -12.05 16.78 -2.06
N LYS A 144 -11.31 17.87 -1.85
CA LYS A 144 -10.01 18.29 -2.26
C LYS A 144 -9.10 18.56 -1.05
N ALA A 145 -7.78 18.33 -1.21
CA ALA A 145 -6.70 18.49 -0.25
C ALA A 145 -5.59 19.38 -0.83
N SER A 146 -4.31 19.25 -0.35
CA SER A 146 -3.14 20.02 -0.75
C SER A 146 -2.27 19.30 -1.79
N LYS A 147 -0.91 19.34 -1.67
CA LYS A 147 -0.05 18.68 -2.62
C LYS A 147 1.34 18.60 -2.04
N ALA A 148 1.76 17.37 -1.68
CA ALA A 148 3.01 17.06 -1.06
C ALA A 148 3.49 15.84 -1.82
N VAL A 149 3.09 15.86 -3.12
CA VAL A 149 3.11 14.89 -4.18
C VAL A 149 4.47 14.43 -4.72
N ILE A 150 4.72 13.11 -4.52
CA ILE A 150 5.78 12.26 -5.03
C ILE A 150 5.23 11.58 -6.29
N LYS A 151 6.05 11.39 -7.31
CA LYS A 151 5.88 10.50 -8.44
C LYS A 151 7.12 9.67 -8.21
N THR A 152 7.03 8.40 -8.60
CA THR A 152 7.42 7.29 -7.73
C THR A 152 8.89 6.96 -7.48
N GLN A 153 8.97 6.55 -6.19
CA GLN A 153 10.09 6.25 -5.35
C GLN A 153 10.28 4.70 -5.22
N MET A 1 -36.53 3.61 2.49
CA MET A 1 -35.34 3.31 3.25
C MET A 1 -34.14 3.81 2.44
N THR A 2 -32.91 3.69 3.01
CA THR A 2 -31.62 4.13 2.44
C THR A 2 -31.17 3.31 1.24
N ILE A 3 -31.03 3.92 0.03
CA ILE A 3 -30.65 3.27 -1.23
C ILE A 3 -29.14 3.04 -1.36
N ASN A 4 -28.71 2.17 -0.45
CA ASN A 4 -27.40 1.59 -0.16
C ASN A 4 -27.29 0.21 -0.82
N THR A 5 -28.29 -0.13 -1.68
CA THR A 5 -28.46 -1.32 -2.51
C THR A 5 -27.45 -1.38 -3.64
N GLU A 6 -27.56 -0.38 -4.59
CA GLU A 6 -26.66 -0.19 -5.73
C GLU A 6 -25.27 0.33 -5.33
N VAL A 7 -25.17 0.76 -4.04
CA VAL A 7 -23.97 1.21 -3.33
C VAL A 7 -23.17 0.00 -2.83
N PHE A 8 -23.89 -1.05 -2.33
CA PHE A 8 -23.41 -2.35 -1.87
C PHE A 8 -22.84 -3.13 -3.06
N ILE A 9 -23.57 -3.06 -4.22
CA ILE A 9 -23.10 -3.44 -5.54
C ILE A 9 -21.86 -2.65 -5.96
N ARG A 10 -21.82 -1.30 -5.72
CA ARG A 10 -20.60 -0.46 -5.87
C ARG A 10 -19.38 -0.88 -4.98
N ARG A 11 -19.51 -1.09 -3.65
CA ARG A 11 -18.52 -1.75 -2.73
C ARG A 11 -18.10 -3.20 -3.14
N ASN A 12 -18.96 -3.95 -3.87
CA ASN A 12 -18.64 -5.20 -4.60
C ASN A 12 -17.89 -4.97 -5.93
N LYS A 13 -18.21 -3.90 -6.72
CA LYS A 13 -17.50 -3.40 -7.92
C LYS A 13 -16.13 -2.89 -7.46
N LEU A 14 -16.11 -2.47 -6.20
CA LEU A 14 -14.86 -2.23 -5.53
C LEU A 14 -14.12 -3.51 -5.21
N ARG A 15 -14.79 -4.53 -4.67
CA ARG A 15 -14.22 -5.89 -4.58
C ARG A 15 -13.76 -6.55 -5.91
N ARG A 16 -14.33 -6.19 -7.14
CA ARG A 16 -13.76 -6.62 -8.42
C ARG A 16 -12.45 -5.92 -8.74
N HIS A 17 -12.42 -4.55 -8.62
CA HIS A 17 -11.20 -3.82 -8.96
C HIS A 17 -10.16 -3.76 -7.87
N PHE A 18 -10.59 -3.83 -6.58
CA PHE A 18 -9.76 -3.94 -5.37
C PHE A 18 -9.13 -5.32 -5.41
N GLU A 19 -9.85 -6.47 -5.55
CA GLU A 19 -9.15 -7.76 -5.60
C GLU A 19 -8.37 -8.17 -6.83
N SER A 20 -8.87 -7.89 -8.06
CA SER A 20 -8.14 -8.19 -9.31
C SER A 20 -6.96 -7.25 -9.58
N GLU A 21 -7.10 -5.92 -9.34
CA GLU A 21 -6.03 -4.96 -9.49
C GLU A 21 -5.05 -4.97 -8.30
N PHE A 22 -5.50 -5.37 -7.06
CA PHE A 22 -4.63 -5.62 -5.89
C PHE A 22 -3.84 -6.92 -6.02
N ARG A 23 -4.43 -7.90 -6.80
CA ARG A 23 -3.74 -9.08 -7.34
C ARG A 23 -2.73 -8.66 -8.38
N GLN A 24 -3.00 -7.62 -9.21
CA GLN A 24 -2.00 -7.01 -10.09
C GLN A 24 -0.83 -6.35 -9.38
N ILE A 25 -1.05 -5.57 -8.27
CA ILE A 25 0.07 -5.04 -7.49
C ILE A 25 0.82 -6.15 -6.72
N ASN A 26 0.10 -7.10 -6.03
CA ASN A 26 0.76 -8.20 -5.33
C ASN A 26 1.44 -9.26 -6.24
N ASN A 27 0.96 -9.39 -7.53
CA ASN A 27 1.59 -10.15 -8.62
C ASN A 27 2.83 -9.40 -9.15
N GLU A 28 2.82 -8.04 -9.45
CA GLU A 28 4.09 -7.38 -9.83
C GLU A 28 5.08 -7.31 -8.70
N ILE A 29 4.61 -7.21 -7.42
CA ILE A 29 5.45 -7.32 -6.20
C ILE A 29 6.10 -8.66 -6.06
N ARG A 30 5.40 -9.81 -6.19
CA ARG A 30 6.07 -11.11 -6.13
C ARG A 30 7.09 -11.39 -7.25
N GLU A 31 6.77 -10.96 -8.50
CA GLU A 31 7.54 -11.16 -9.73
C GLU A 31 8.71 -10.27 -9.81
N ALA A 32 8.54 -9.02 -9.34
CA ALA A 32 9.60 -8.05 -9.28
C ALA A 32 10.44 -8.17 -8.03
N SER A 33 9.80 -8.36 -6.84
CA SER A 33 10.48 -8.48 -5.55
C SER A 33 11.33 -9.75 -5.45
N LYS A 34 10.87 -10.83 -6.16
CA LYS A 34 11.76 -11.98 -6.45
C LYS A 34 12.84 -11.72 -7.49
N ALA A 35 12.49 -11.10 -8.65
CA ALA A 35 13.40 -10.76 -9.73
C ALA A 35 14.45 -9.68 -9.41
N ALA A 36 14.14 -8.75 -8.45
CA ALA A 36 15.07 -7.82 -7.80
C ALA A 36 16.06 -8.54 -6.87
N GLY A 37 15.81 -9.84 -6.52
CA GLY A 37 16.76 -10.70 -5.82
C GLY A 37 16.54 -10.76 -4.35
N VAL A 38 15.33 -10.35 -3.90
CA VAL A 38 15.01 -10.28 -2.49
C VAL A 38 13.89 -11.28 -2.24
N SER A 39 13.69 -11.60 -0.93
CA SER A 39 12.82 -12.55 -0.24
C SER A 39 11.50 -12.98 -0.91
N SER A 40 10.71 -11.92 -1.18
CA SER A 40 9.34 -11.83 -1.66
C SER A 40 8.47 -11.47 -0.48
N PHE A 41 7.73 -10.33 -0.56
CA PHE A 41 6.95 -9.81 0.56
C PHE A 41 5.46 -9.85 0.30
N HIS A 42 4.70 -9.78 1.41
CA HIS A 42 3.24 -9.76 1.49
C HIS A 42 2.77 -8.37 1.95
N LEU A 43 1.61 -7.92 1.44
CA LEU A 43 0.99 -6.65 1.77
C LEU A 43 -0.43 -6.95 2.21
N LYS A 44 -1.08 -6.11 3.04
CA LYS A 44 -2.42 -6.44 3.55
C LYS A 44 -3.36 -5.27 3.38
N TYR A 45 -4.65 -5.51 3.68
CA TYR A 45 -5.67 -4.48 3.83
C TYR A 45 -5.78 -4.08 5.33
N SER A 46 -6.57 -3.01 5.57
CA SER A 46 -7.20 -2.74 6.86
C SER A 46 -8.66 -2.57 6.46
N GLN A 47 -9.53 -3.60 6.60
CA GLN A 47 -10.95 -3.58 6.21
C GLN A 47 -11.87 -2.55 6.89
N ALA A 48 -11.43 -1.85 7.98
CA ALA A 48 -12.08 -0.70 8.64
C ALA A 48 -11.79 0.63 7.90
N LEU A 49 -10.49 0.85 7.53
CA LEU A 49 -9.97 1.92 6.65
C LEU A 49 -10.58 1.82 5.30
N LEU A 50 -10.52 0.56 4.81
CA LEU A 50 -11.15 0.11 3.60
C LEU A 50 -12.66 0.17 3.66
N ASP A 51 -13.32 -0.04 4.83
CA ASP A 51 -14.75 0.26 5.09
C ASP A 51 -15.09 1.75 4.84
N ARG A 52 -14.10 2.68 5.03
CA ARG A 52 -14.23 4.02 4.47
C ARG A 52 -13.78 4.19 3.02
N ALA A 53 -12.61 3.67 2.54
CA ALA A 53 -12.14 3.77 1.14
C ALA A 53 -13.11 3.20 0.12
N ILE A 54 -13.78 2.08 0.47
CA ILE A 54 -14.80 1.30 -0.25
C ILE A 54 -15.94 2.07 -0.85
N GLN A 55 -16.37 3.16 -0.15
CA GLN A 55 -17.39 4.08 -0.70
C GLN A 55 -16.85 5.29 -1.49
N ARG A 56 -15.54 5.52 -1.45
CA ARG A 56 -14.78 6.53 -2.19
C ARG A 56 -14.26 5.89 -3.48
N GLU A 57 -13.65 4.69 -3.33
CA GLU A 57 -12.97 3.83 -4.29
C GLU A 57 -13.81 2.86 -5.07
N ILE A 58 -15.10 2.81 -4.81
CA ILE A 58 -16.24 1.98 -5.33
C ILE A 58 -16.24 1.16 -6.67
N ASP A 59 -15.16 1.24 -7.44
CA ASP A 59 -14.83 0.87 -8.84
C ASP A 59 -13.90 2.00 -9.36
N GLU A 60 -12.98 2.53 -8.48
CA GLU A 60 -11.92 3.53 -8.68
C GLU A 60 -10.71 2.78 -9.08
N THR A 61 -10.67 2.54 -10.39
CA THR A 61 -9.61 1.90 -11.13
C THR A 61 -8.42 2.83 -11.45
N TYR A 62 -8.69 4.12 -11.18
CA TYR A 62 -7.87 5.35 -11.11
C TYR A 62 -6.80 5.24 -10.01
N VAL A 63 -7.29 4.54 -8.98
CA VAL A 63 -6.81 4.37 -7.62
C VAL A 63 -5.62 3.43 -7.70
N PHE A 64 -5.92 2.35 -8.42
CA PHE A 64 -5.09 1.30 -8.96
C PHE A 64 -4.21 1.78 -10.13
N GLU A 65 -4.61 2.78 -10.96
CA GLU A 65 -3.79 3.45 -12.00
C GLU A 65 -2.63 4.24 -11.39
N LEU A 66 -2.93 4.95 -10.28
CA LEU A 66 -1.97 5.57 -9.37
C LEU A 66 -1.06 4.50 -8.66
N PHE A 67 -1.59 3.32 -8.21
CA PHE A 67 -0.79 2.21 -7.63
C PHE A 67 0.03 1.42 -8.70
N HIS A 68 -0.38 1.58 -9.97
CA HIS A 68 0.25 1.09 -11.18
C HIS A 68 1.31 2.08 -11.64
N LYS A 69 1.23 3.34 -11.10
CA LYS A 69 2.38 4.26 -11.03
C LYS A 69 3.38 3.85 -9.89
N ILE A 70 2.93 3.39 -8.66
CA ILE A 70 3.73 2.81 -7.50
C ILE A 70 4.64 1.64 -7.89
N LYS A 71 4.03 0.72 -8.66
CA LYS A 71 4.34 -0.68 -8.97
C LYS A 71 5.70 -1.10 -9.43
N ASP A 72 6.58 -0.16 -9.70
CA ASP A 72 7.93 -0.42 -10.15
C ASP A 72 8.88 -0.11 -8.98
N HIS A 73 8.41 0.65 -7.92
CA HIS A 73 9.13 1.09 -6.72
C HIS A 73 9.23 0.00 -5.63
N VAL A 74 8.97 -1.26 -6.10
CA VAL A 74 9.32 -2.57 -5.54
C VAL A 74 10.72 -2.60 -4.94
N LEU A 75 11.72 -1.99 -5.65
CA LEU A 75 13.11 -1.83 -5.23
C LEU A 75 13.35 -1.02 -3.95
N GLU A 76 12.47 -0.02 -3.66
CA GLU A 76 12.37 0.80 -2.45
C GLU A 76 11.73 0.05 -1.28
N VAL A 77 10.59 -0.67 -1.52
CA VAL A 77 9.97 -1.60 -0.52
C VAL A 77 10.91 -2.83 -0.22
N ASN A 78 11.70 -3.20 -1.26
CA ASN A 78 12.82 -4.14 -1.22
C ASN A 78 14.07 -3.63 -0.55
N GLU A 79 14.40 -2.30 -0.59
CA GLU A 79 15.45 -1.66 0.22
C GLU A 79 15.06 -1.67 1.70
N PHE A 80 13.73 -1.63 1.98
CA PHE A 80 13.13 -1.89 3.29
C PHE A 80 13.31 -3.37 3.78
N LEU A 81 13.26 -4.40 2.87
CA LEU A 81 13.67 -5.80 3.20
C LEU A 81 15.19 -6.11 3.31
N SER A 82 15.96 -5.60 2.35
CA SER A 82 17.34 -5.95 1.93
C SER A 82 18.52 -5.73 2.86
N MET A 83 18.27 -5.27 4.11
CA MET A 83 19.22 -5.10 5.20
C MET A 83 19.80 -6.44 5.78
N PRO A 84 20.89 -6.46 6.61
CA PRO A 84 21.37 -7.62 7.42
C PRO A 84 20.33 -8.05 8.51
N PRO A 85 20.29 -9.01 9.49
CA PRO A 85 19.07 -9.29 10.27
C PRO A 85 18.55 -8.10 11.06
N ARG A 86 17.20 -7.87 10.97
CA ARG A 86 16.34 -6.84 11.56
C ARG A 86 16.82 -6.22 12.89
N PRO A 87 17.10 -7.02 13.94
CA PRO A 87 17.71 -6.59 15.19
C PRO A 87 19.19 -6.22 15.29
N ASP A 88 19.34 -5.52 16.43
CA ASP A 88 20.42 -5.78 17.39
C ASP A 88 19.77 -6.45 18.61
N ILE A 89 18.62 -5.89 19.03
CA ILE A 89 17.74 -6.19 20.13
C ILE A 89 16.34 -6.53 19.72
N ASP A 90 16.07 -6.04 18.53
CA ASP A 90 14.84 -5.92 17.75
C ASP A 90 13.94 -4.81 18.25
N GLU A 91 13.82 -4.64 19.60
CA GLU A 91 12.92 -3.67 20.23
C GLU A 91 13.50 -2.29 20.42
N ASP A 92 14.83 -2.20 20.43
CA ASP A 92 15.58 -0.98 20.60
C ASP A 92 16.52 -0.77 19.44
N PHE A 93 16.57 -1.75 18.52
CA PHE A 93 17.49 -1.78 17.40
C PHE A 93 16.93 -2.46 16.19
N ILE A 94 16.66 -1.64 15.13
CA ILE A 94 16.30 -1.97 13.76
C ILE A 94 17.44 -1.44 12.96
N ASP A 95 18.37 -2.37 12.83
CA ASP A 95 19.76 -2.28 12.38
C ASP A 95 20.13 -1.50 11.13
N GLY A 96 19.49 -1.85 10.00
CA GLY A 96 19.56 -1.15 8.72
C GLY A 96 18.32 -0.34 8.51
N VAL A 97 17.74 0.21 9.62
CA VAL A 97 16.60 1.11 9.63
C VAL A 97 17.02 2.46 10.12
N GLU A 98 16.42 3.47 9.47
CA GLU A 98 16.47 4.92 9.62
C GLU A 98 15.92 5.51 10.94
N TYR A 99 15.91 4.66 12.00
CA TYR A 99 15.57 4.85 13.42
C TYR A 99 14.24 5.52 13.76
N ARG A 100 13.25 5.30 12.87
CA ARG A 100 11.87 5.71 12.91
C ARG A 100 11.05 4.43 13.09
N PRO A 101 9.74 4.44 13.39
CA PRO A 101 8.88 3.24 13.36
C PRO A 101 8.55 2.81 11.92
N GLY A 102 8.30 1.50 11.69
CA GLY A 102 8.13 0.84 10.38
C GLY A 102 6.88 1.16 9.59
N ARG A 103 6.53 2.45 9.50
CA ARG A 103 5.37 2.98 8.81
C ARG A 103 5.82 4.13 7.94
N LEU A 104 5.21 4.20 6.73
CA LEU A 104 5.51 5.10 5.62
C LEU A 104 4.32 5.94 5.18
N GLU A 105 4.63 7.17 4.65
CA GLU A 105 3.71 8.21 4.25
C GLU A 105 4.12 8.60 2.86
N ILE A 106 3.26 8.32 1.86
CA ILE A 106 3.56 8.54 0.45
C ILE A 106 2.29 9.21 -0.12
N THR A 107 2.41 10.33 -0.91
CA THR A 107 1.19 11.06 -1.40
C THR A 107 1.35 11.52 -2.83
N ASP A 108 0.44 11.24 -3.80
CA ASP A 108 0.55 11.65 -5.20
C ASP A 108 -0.59 10.89 -5.83
N GLY A 109 -0.95 11.20 -7.10
CA GLY A 109 -2.12 10.66 -7.83
C GLY A 109 -3.34 11.53 -7.69
N ASN A 110 -3.36 12.10 -6.48
CA ASN A 110 -4.29 12.84 -5.67
C ASN A 110 -4.50 12.06 -4.35
N LEU A 111 -4.07 10.78 -4.25
CA LEU A 111 -4.17 9.85 -3.11
C LEU A 111 -3.15 9.90 -2.00
N TRP A 112 -3.67 9.84 -0.73
CA TRP A 112 -2.93 9.71 0.50
C TRP A 112 -2.86 8.21 0.74
N LEU A 113 -1.70 7.57 0.42
CA LEU A 113 -1.46 6.18 0.72
C LEU A 113 -0.65 6.15 2.06
N GLY A 114 -1.06 5.29 3.02
CA GLY A 114 -0.33 5.02 4.27
C GLY A 114 0.01 3.55 4.20
N PHE A 115 1.28 3.07 4.41
CA PHE A 115 1.65 1.65 4.34
C PHE A 115 2.33 1.42 5.69
N THR A 116 2.31 0.19 6.28
CA THR A 116 2.99 0.00 7.56
C THR A 116 3.41 -1.42 7.59
N VAL A 117 4.69 -1.78 7.94
CA VAL A 117 5.25 -3.13 8.16
C VAL A 117 4.65 -3.67 9.42
N CYS A 118 4.33 -5.00 9.50
CA CYS A 118 3.67 -5.55 10.71
C CYS A 118 4.32 -5.23 12.05
N LYS A 119 3.56 -4.39 12.80
CA LYS A 119 3.87 -3.88 14.11
C LYS A 119 3.80 -4.92 15.23
N PRO A 120 2.88 -5.92 15.37
CA PRO A 120 2.91 -6.85 16.51
C PRO A 120 3.96 -7.99 16.39
N ASN A 121 5.27 -7.72 16.12
CA ASN A 121 6.24 -8.78 15.88
C ASN A 121 7.71 -8.35 15.80
N GLU A 122 8.60 -9.38 15.63
CA GLU A 122 9.94 -9.29 15.06
C GLU A 122 9.76 -9.45 13.58
N LYS A 123 9.33 -10.67 13.25
CA LYS A 123 9.02 -11.43 12.09
C LYS A 123 9.99 -11.44 10.95
N PHE A 124 10.93 -10.44 10.94
CA PHE A 124 12.08 -10.17 10.07
C PHE A 124 11.77 -9.01 9.17
N LYS A 125 12.24 -9.03 7.90
CA LYS A 125 12.08 -7.96 6.91
C LYS A 125 11.01 -8.31 5.93
N ASP A 126 11.15 -9.51 5.28
CA ASP A 126 10.23 -10.35 4.47
C ASP A 126 8.74 -10.23 4.72
N PRO A 127 8.08 -10.77 5.81
CA PRO A 127 6.94 -10.10 6.42
C PRO A 127 5.74 -9.65 5.65
N SER A 128 4.84 -9.02 6.39
CA SER A 128 3.65 -8.46 5.80
C SER A 128 3.67 -7.03 6.23
N LEU A 129 3.04 -6.17 5.38
CA LEU A 129 2.80 -4.77 5.67
C LEU A 129 1.33 -4.90 6.06
N GLN A 130 0.96 -4.35 7.24
CA GLN A 130 -0.18 -4.72 8.10
C GLN A 130 -1.48 -4.15 7.64
N CYS A 131 -1.38 -3.44 6.51
CA CYS A 131 -2.39 -2.63 5.92
C CYS A 131 -1.66 -1.75 4.95
N ARG A 132 -2.38 -1.49 3.86
CA ARG A 132 -2.13 -0.43 2.93
C ARG A 132 -3.38 0.43 3.14
N MET A 133 -3.22 1.71 3.53
CA MET A 133 -4.28 2.70 3.64
C MET A 133 -4.23 3.36 2.29
N ALA A 134 -5.38 3.39 1.59
CA ALA A 134 -5.49 4.04 0.30
C ALA A 134 -6.68 4.92 0.51
N ILE A 135 -6.51 6.28 0.51
CA ILE A 135 -7.59 7.25 0.72
C ILE A 135 -7.37 8.38 -0.25
N ILE A 136 -8.44 8.97 -0.79
CA ILE A 136 -8.35 9.94 -1.88
C ILE A 136 -9.31 11.12 -1.80
N ASN A 137 -9.11 12.03 -2.80
CA ASN A 137 -9.77 13.23 -3.30
C ASN A 137 -9.33 13.45 -4.74
N SER A 138 -9.81 12.61 -5.69
CA SER A 138 -9.60 12.73 -7.16
C SER A 138 -10.31 13.96 -7.69
N ARG A 139 -11.59 13.97 -7.27
CA ARG A 139 -12.59 14.93 -7.68
C ARG A 139 -13.81 14.79 -6.79
N ARG A 140 -14.36 13.57 -6.76
CA ARG A 140 -15.59 13.15 -6.11
C ARG A 140 -15.42 12.26 -4.88
N LEU A 141 -14.18 12.19 -4.32
CA LEU A 141 -13.68 11.18 -3.36
C LEU A 141 -13.67 11.84 -1.98
N PRO A 142 -14.64 11.54 -1.12
CA PRO A 142 -14.95 12.25 0.13
C PRO A 142 -13.98 12.21 1.32
N GLY A 143 -12.73 12.49 1.01
CA GLY A 143 -11.52 12.58 1.81
C GLY A 143 -11.13 13.94 2.34
N LYS A 144 -9.90 14.41 1.96
CA LYS A 144 -9.25 15.62 2.43
C LYS A 144 -9.18 16.72 1.36
N ALA A 145 -8.55 17.88 1.68
CA ALA A 145 -8.35 18.97 0.74
C ALA A 145 -6.94 19.48 0.97
N SER A 146 -5.98 19.02 0.13
CA SER A 146 -4.57 19.29 0.19
C SER A 146 -3.99 18.52 -0.99
N LYS A 147 -2.63 18.42 -0.96
CA LYS A 147 -1.68 17.76 -1.84
C LYS A 147 -0.34 18.20 -1.27
N ALA A 148 0.64 17.26 -1.09
CA ALA A 148 1.86 17.54 -0.37
C ALA A 148 3.13 16.75 -0.77
N VAL A 149 3.30 15.48 -0.31
CA VAL A 149 4.50 14.63 -0.44
C VAL A 149 4.62 13.71 -1.67
N ILE A 150 5.17 12.45 -1.56
CA ILE A 150 5.34 11.53 -2.69
C ILE A 150 4.89 10.06 -2.61
N LYS A 151 4.04 9.40 -3.51
CA LYS A 151 4.28 7.95 -3.54
C LYS A 151 4.62 7.14 -4.73
N THR A 152 5.91 6.81 -4.82
CA THR A 152 6.59 5.73 -5.40
C THR A 152 7.35 5.10 -4.32
N GLN A 153 6.85 4.02 -3.77
CA GLN A 153 7.46 3.41 -2.69
C GLN A 153 6.89 1.99 -2.71
N MET A 1 -31.96 10.31 -6.41
CA MET A 1 -32.98 9.70 -5.57
C MET A 1 -32.30 8.56 -4.83
N THR A 2 -33.04 7.83 -3.94
CA THR A 2 -32.55 6.77 -3.05
C THR A 2 -32.52 5.39 -3.71
N ILE A 3 -31.44 5.13 -4.49
CA ILE A 3 -31.25 3.96 -5.37
C ILE A 3 -30.71 2.71 -4.74
N ASN A 4 -29.53 2.91 -4.13
CA ASN A 4 -28.52 2.11 -3.40
C ASN A 4 -28.37 0.59 -3.60
N THR A 5 -28.94 0.07 -4.69
CA THR A 5 -29.03 -1.30 -5.22
C THR A 5 -27.90 -1.63 -6.19
N GLU A 6 -27.91 -0.95 -7.37
CA GLU A 6 -26.93 -1.00 -8.44
C GLU A 6 -25.61 -0.31 -8.05
N VAL A 7 -25.73 0.44 -6.93
CA VAL A 7 -24.70 1.18 -6.18
C VAL A 7 -23.98 0.21 -5.25
N PHE A 8 -24.75 -0.77 -4.68
CA PHE A 8 -24.33 -1.87 -3.80
C PHE A 8 -23.49 -2.84 -4.59
N ILE A 9 -23.96 -3.13 -5.84
CA ILE A 9 -23.25 -3.83 -6.90
C ILE A 9 -21.99 -3.06 -7.31
N ARG A 10 -22.04 -1.70 -7.47
CA ARG A 10 -20.85 -0.86 -7.67
C ARG A 10 -19.82 -0.84 -6.51
N ARG A 11 -20.21 -0.74 -5.21
CA ARG A 11 -19.36 -1.00 -4.01
C ARG A 11 -18.82 -2.43 -3.82
N ASN A 12 -19.55 -3.48 -4.27
CA ASN A 12 -19.20 -4.91 -4.26
C ASN A 12 -18.21 -5.25 -5.36
N LYS A 13 -18.54 -4.83 -6.62
CA LYS A 13 -17.75 -4.91 -7.84
C LYS A 13 -16.48 -4.09 -7.67
N LEU A 14 -16.59 -3.01 -6.83
CA LEU A 14 -15.42 -2.31 -6.29
C LEU A 14 -14.61 -3.16 -5.34
N ARG A 15 -15.22 -3.79 -4.31
CA ARG A 15 -14.54 -4.75 -3.38
C ARG A 15 -13.83 -5.92 -4.15
N ARG A 16 -14.44 -6.46 -5.27
CA ARG A 16 -13.79 -7.42 -6.15
C ARG A 16 -12.69 -6.78 -7.01
N HIS A 17 -12.92 -5.53 -7.57
CA HIS A 17 -11.97 -4.66 -8.32
C HIS A 17 -10.73 -4.31 -7.50
N PHE A 18 -10.96 -3.94 -6.20
CA PHE A 18 -9.99 -3.55 -5.18
C PHE A 18 -9.08 -4.68 -4.79
N GLU A 19 -9.65 -5.85 -4.37
CA GLU A 19 -8.89 -7.04 -4.01
C GLU A 19 -8.30 -7.86 -5.16
N SER A 20 -8.97 -7.92 -6.35
CA SER A 20 -8.53 -8.65 -7.57
C SER A 20 -7.39 -7.95 -8.31
N GLU A 21 -7.46 -6.60 -8.40
CA GLU A 21 -6.39 -5.72 -8.89
C GLU A 21 -5.31 -5.64 -7.82
N PHE A 22 -5.67 -5.79 -6.50
CA PHE A 22 -4.72 -6.04 -5.39
C PHE A 22 -3.87 -7.28 -5.58
N ARG A 23 -4.47 -8.43 -6.06
CA ARG A 23 -3.75 -9.60 -6.56
C ARG A 23 -2.84 -9.25 -7.74
N GLN A 24 -3.30 -8.33 -8.66
CA GLN A 24 -2.40 -7.72 -9.68
C GLN A 24 -1.19 -6.94 -9.18
N ILE A 25 -1.37 -6.02 -8.20
CA ILE A 25 -0.29 -5.26 -7.57
C ILE A 25 0.63 -6.16 -6.76
N ASN A 26 0.08 -7.14 -5.98
CA ASN A 26 0.87 -8.05 -5.17
C ASN A 26 1.58 -9.11 -6.03
N ASN A 27 1.01 -9.46 -7.23
CA ASN A 27 1.61 -10.32 -8.25
C ASN A 27 2.77 -9.61 -8.95
N GLU A 28 2.71 -8.25 -9.17
CA GLU A 28 3.83 -7.47 -9.64
C GLU A 28 4.92 -7.31 -8.62
N ILE A 29 4.55 -7.16 -7.31
CA ILE A 29 5.47 -7.18 -6.17
C ILE A 29 6.14 -8.52 -5.97
N ARG A 30 5.43 -9.68 -5.91
CA ARG A 30 6.08 -11.00 -5.84
C ARG A 30 6.95 -11.35 -7.07
N GLU A 31 6.61 -10.91 -8.32
CA GLU A 31 7.42 -11.17 -9.51
C GLU A 31 8.62 -10.27 -9.56
N ALA A 32 8.42 -8.96 -9.26
CA ALA A 32 9.47 -7.95 -9.27
C ALA A 32 10.43 -8.06 -8.12
N SER A 33 9.91 -8.35 -6.90
CA SER A 33 10.69 -8.59 -5.70
C SER A 33 11.41 -9.94 -5.76
N LYS A 34 10.86 -10.98 -6.50
CA LYS A 34 11.66 -12.19 -6.82
C LYS A 34 12.67 -12.00 -7.96
N ALA A 35 12.28 -11.24 -9.02
CA ALA A 35 13.08 -10.90 -10.19
C ALA A 35 14.17 -9.85 -9.93
N ALA A 36 13.95 -8.88 -8.98
CA ALA A 36 14.98 -8.00 -8.44
C ALA A 36 15.89 -8.74 -7.43
N GLY A 37 15.52 -10.00 -7.02
CA GLY A 37 16.41 -10.91 -6.29
C GLY A 37 16.39 -10.75 -4.79
N VAL A 38 15.32 -10.09 -4.29
CA VAL A 38 15.15 -9.69 -2.91
C VAL A 38 14.36 -10.68 -2.07
N SER A 39 14.18 -10.32 -0.77
CA SER A 39 13.52 -11.02 0.35
C SER A 39 12.18 -11.70 0.01
N SER A 40 11.36 -10.81 -0.61
CA SER A 40 10.00 -10.90 -1.09
C SER A 40 9.01 -10.46 -0.02
N PHE A 41 8.14 -9.47 -0.34
CA PHE A 41 7.22 -8.85 0.60
C PHE A 41 5.80 -9.22 0.25
N HIS A 42 4.92 -9.21 1.26
CA HIS A 42 3.52 -9.59 1.09
C HIS A 42 2.60 -8.50 1.55
N LEU A 43 1.34 -8.57 1.14
CA LEU A 43 0.30 -7.63 1.50
C LEU A 43 -0.80 -8.35 2.24
N LYS A 44 -1.31 -7.72 3.33
CA LYS A 44 -2.55 -8.16 3.93
C LYS A 44 -3.33 -6.88 4.09
N TYR A 45 -4.69 -6.92 3.86
CA TYR A 45 -5.55 -5.75 4.09
C TYR A 45 -6.27 -5.91 5.41
N SER A 46 -6.63 -4.75 5.99
CA SER A 46 -7.54 -4.64 7.13
C SER A 46 -8.44 -3.55 6.62
N GLN A 47 -9.54 -3.94 5.91
CA GLN A 47 -10.47 -3.14 5.11
C GLN A 47 -11.05 -1.85 5.68
N ALA A 48 -10.98 -1.36 6.96
CA ALA A 48 -11.65 -0.10 7.45
C ALA A 48 -11.45 1.25 6.68
N LEU A 49 -10.19 1.51 6.22
CA LEU A 49 -9.70 2.60 5.35
C LEU A 49 -10.32 2.51 3.94
N LEU A 50 -10.34 1.24 3.51
CA LEU A 50 -10.98 0.69 2.33
C LEU A 50 -12.48 0.74 2.51
N ASP A 51 -13.12 0.46 3.68
CA ASP A 51 -14.55 0.50 4.04
C ASP A 51 -15.10 1.89 3.83
N ARG A 52 -14.24 2.91 4.08
CA ARG A 52 -14.53 4.25 3.61
C ARG A 52 -14.31 4.46 2.12
N ALA A 53 -13.34 3.79 1.46
CA ALA A 53 -13.14 3.97 0.02
C ALA A 53 -14.16 3.27 -0.89
N ILE A 54 -14.62 2.08 -0.42
CA ILE A 54 -15.61 1.14 -0.88
C ILE A 54 -16.96 1.76 -0.91
N GLN A 55 -17.36 2.51 0.15
CA GLN A 55 -18.61 3.24 0.10
C GLN A 55 -18.58 4.77 -0.03
N ARG A 56 -17.53 5.53 0.39
CA ARG A 56 -17.61 7.00 0.39
C ARG A 56 -17.29 7.65 -0.96
N GLU A 57 -16.65 6.85 -1.84
CA GLU A 57 -16.33 7.21 -3.21
C GLU A 57 -16.74 6.09 -4.16
N ILE A 58 -16.34 4.80 -3.92
CA ILE A 58 -16.71 3.60 -4.73
C ILE A 58 -15.93 3.58 -6.08
N ASP A 59 -15.74 2.40 -6.75
CA ASP A 59 -15.01 2.09 -8.05
C ASP A 59 -13.81 3.02 -8.38
N GLU A 60 -12.87 3.22 -7.40
CA GLU A 60 -11.68 4.06 -7.52
C GLU A 60 -10.57 3.27 -8.10
N THR A 61 -10.69 3.18 -9.44
CA THR A 61 -9.80 2.56 -10.38
C THR A 61 -8.57 3.40 -10.70
N TYR A 62 -8.69 4.71 -10.32
CA TYR A 62 -7.71 5.79 -10.24
C TYR A 62 -6.70 5.53 -9.11
N VAL A 63 -7.26 4.89 -8.05
CA VAL A 63 -6.69 4.47 -6.77
C VAL A 63 -5.66 3.41 -7.08
N PHE A 64 -6.15 2.51 -7.98
CA PHE A 64 -5.45 1.50 -8.79
C PHE A 64 -4.45 2.06 -9.78
N GLU A 65 -4.68 3.16 -10.54
CA GLU A 65 -3.73 3.77 -11.49
C GLU A 65 -2.47 4.32 -10.82
N LEU A 66 -2.68 4.99 -9.69
CA LEU A 66 -1.63 5.46 -8.81
C LEU A 66 -0.87 4.33 -8.06
N PHE A 67 -1.56 3.25 -7.55
CA PHE A 67 -0.94 2.05 -6.95
C PHE A 67 -0.38 1.03 -7.96
N HIS A 68 -0.82 1.16 -9.22
CA HIS A 68 -0.25 0.58 -10.44
C HIS A 68 0.97 1.43 -10.85
N LYS A 69 1.09 2.70 -10.36
CA LYS A 69 2.39 3.43 -10.30
C LYS A 69 3.28 2.95 -9.11
N ILE A 70 2.72 2.53 -7.90
CA ILE A 70 3.41 1.92 -6.71
C ILE A 70 4.18 0.64 -7.03
N LYS A 71 3.53 -0.25 -7.79
CA LYS A 71 3.92 -1.59 -8.24
C LYS A 71 5.24 -1.75 -8.94
N ASP A 72 5.79 -0.62 -9.40
CA ASP A 72 6.99 -0.50 -10.16
C ASP A 72 8.13 -0.05 -9.25
N HIS A 73 7.79 0.45 -8.02
CA HIS A 73 8.61 1.09 -7.01
C HIS A 73 9.24 0.12 -6.03
N VAL A 74 9.15 -1.22 -6.40
CA VAL A 74 9.87 -2.38 -5.86
C VAL A 74 11.33 -2.16 -5.49
N LEU A 75 12.08 -1.24 -6.19
CA LEU A 75 13.41 -0.80 -5.98
C LEU A 75 13.60 0.08 -4.73
N GLU A 76 12.63 0.96 -4.39
CA GLU A 76 12.55 1.76 -3.18
C GLU A 76 12.10 0.94 -1.95
N VAL A 77 11.24 -0.07 -2.21
CA VAL A 77 10.83 -1.13 -1.25
C VAL A 77 11.98 -2.17 -0.97
N ASN A 78 12.86 -2.29 -1.99
CA ASN A 78 14.21 -2.87 -1.99
C ASN A 78 15.20 -2.01 -1.21
N GLU A 79 15.07 -0.65 -1.21
CA GLU A 79 15.69 0.26 -0.24
C GLU A 79 15.18 0.02 1.20
N PHE A 80 13.90 -0.43 1.39
CA PHE A 80 13.37 -1.03 2.66
C PHE A 80 14.13 -2.36 3.06
N LEU A 81 14.46 -3.28 2.09
CA LEU A 81 15.29 -4.52 2.24
C LEU A 81 16.81 -4.30 2.36
N SER A 82 17.28 -3.07 2.03
CA SER A 82 18.69 -2.61 1.96
C SER A 82 19.32 -2.28 3.31
N MET A 83 18.51 -2.52 4.37
CA MET A 83 18.76 -2.40 5.78
C MET A 83 19.66 -3.55 6.29
N PRO A 84 20.76 -3.34 7.09
CA PRO A 84 21.61 -4.40 7.68
C PRO A 84 20.82 -5.32 8.64
N PRO A 85 21.15 -6.61 8.86
CA PRO A 85 20.29 -7.66 9.47
C PRO A 85 19.53 -7.33 10.75
N ARG A 86 18.26 -7.78 10.86
CA ARG A 86 17.36 -7.56 12.01
C ARG A 86 17.51 -8.57 13.20
N PRO A 87 18.31 -8.25 14.27
CA PRO A 87 18.81 -9.14 15.31
C PRO A 87 18.22 -8.85 16.69
N ASP A 88 18.41 -9.81 17.64
CA ASP A 88 18.13 -9.73 19.08
C ASP A 88 18.99 -8.68 19.84
N ILE A 89 20.16 -8.42 19.23
CA ILE A 89 21.20 -7.42 19.48
C ILE A 89 20.94 -6.17 18.72
N ASP A 90 21.57 -5.15 19.29
CA ASP A 90 21.54 -3.75 18.89
C ASP A 90 22.89 -3.33 18.41
N GLU A 91 23.95 -3.76 19.13
CA GLU A 91 25.33 -3.33 18.97
C GLU A 91 26.19 -3.95 17.91
N ASP A 92 25.80 -5.13 17.39
CA ASP A 92 26.62 -5.88 16.47
C ASP A 92 26.11 -5.76 15.07
N PHE A 93 24.96 -5.08 14.90
CA PHE A 93 24.36 -5.02 13.56
C PHE A 93 23.63 -3.78 13.13
N ILE A 94 22.62 -3.44 13.92
CA ILE A 94 21.64 -2.43 13.67
C ILE A 94 22.00 -1.04 14.10
N ASP A 95 22.65 -0.52 13.08
CA ASP A 95 23.21 0.77 12.79
C ASP A 95 22.22 1.56 11.95
N GLY A 96 21.30 0.83 11.24
CA GLY A 96 20.20 1.42 10.48
C GLY A 96 18.95 1.56 11.32
N VAL A 97 19.00 1.00 12.56
CA VAL A 97 17.95 1.06 13.56
C VAL A 97 18.53 1.90 14.69
N GLU A 98 18.17 3.18 14.57
CA GLU A 98 18.46 4.32 15.39
C GLU A 98 17.16 4.86 15.96
N TYR A 99 16.13 3.96 16.03
CA TYR A 99 14.73 4.14 16.42
C TYR A 99 13.91 4.67 15.24
N ARG A 100 13.93 3.90 14.11
CA ARG A 100 13.23 4.19 12.86
C ARG A 100 12.10 3.18 12.66
N PRO A 101 10.80 3.53 12.77
CA PRO A 101 9.66 2.61 12.59
C PRO A 101 9.49 2.00 11.19
N GLY A 102 8.87 0.80 11.12
CA GLY A 102 8.57 0.04 9.89
C GLY A 102 7.32 0.50 9.17
N ARG A 103 7.11 1.81 9.03
CA ARG A 103 5.97 2.37 8.34
C ARG A 103 6.42 3.43 7.37
N LEU A 104 5.65 3.47 6.25
CA LEU A 104 5.83 4.35 5.11
C LEU A 104 4.64 5.28 4.98
N GLU A 105 4.89 6.60 4.72
CA GLU A 105 3.88 7.63 4.50
C GLU A 105 4.34 8.28 3.21
N ILE A 106 3.60 8.09 2.10
CA ILE A 106 3.96 8.55 0.77
C ILE A 106 2.79 9.21 0.09
N THR A 107 3.01 10.32 -0.67
CA THR A 107 1.91 11.04 -1.31
C THR A 107 2.12 11.24 -2.80
N ASP A 108 1.12 10.91 -3.64
CA ASP A 108 1.18 11.01 -5.07
C ASP A 108 -0.21 10.68 -5.50
N GLY A 109 -0.57 10.93 -6.78
CA GLY A 109 -1.84 10.54 -7.40
C GLY A 109 -2.88 11.62 -7.24
N ASN A 110 -2.79 12.19 -6.01
CA ASN A 110 -3.52 13.07 -5.17
C ASN A 110 -3.83 12.33 -3.84
N LEU A 111 -3.54 10.99 -3.74
CA LEU A 111 -3.68 10.08 -2.60
C LEU A 111 -2.60 10.13 -1.55
N TRP A 112 -3.06 10.11 -0.27
CA TRP A 112 -2.25 10.01 0.91
C TRP A 112 -2.36 8.51 1.18
N LEU A 113 -1.32 7.74 0.79
CA LEU A 113 -1.33 6.30 0.93
C LEU A 113 -0.16 5.91 1.84
N GLY A 114 -0.48 5.21 2.96
CA GLY A 114 0.47 4.77 3.97
C GLY A 114 0.43 3.26 3.96
N PHE A 115 1.59 2.56 4.15
CA PHE A 115 1.68 1.11 4.25
C PHE A 115 2.54 0.87 5.49
N THR A 116 2.22 -0.17 6.30
CA THR A 116 2.89 -0.39 7.57
C THR A 116 3.39 -1.79 7.45
N VAL A 117 4.70 -2.10 7.73
CA VAL A 117 5.29 -3.46 7.86
C VAL A 117 4.58 -4.19 8.95
N CYS A 118 4.33 -5.55 8.85
CA CYS A 118 3.65 -6.31 9.92
C CYS A 118 4.35 -6.17 11.25
N LYS A 119 3.70 -5.39 12.14
CA LYS A 119 4.21 -4.93 13.41
C LYS A 119 4.39 -6.01 14.47
N PRO A 120 3.56 -7.05 14.71
CA PRO A 120 3.90 -8.15 15.63
C PRO A 120 4.92 -9.15 15.01
N ASN A 121 6.15 -8.68 14.62
CA ASN A 121 7.30 -9.39 14.06
C ASN A 121 8.31 -8.42 13.41
N GLU A 122 9.62 -8.37 13.75
CA GLU A 122 10.54 -7.64 12.94
C GLU A 122 11.91 -8.27 12.93
N LYS A 123 11.96 -9.49 12.32
CA LYS A 123 13.16 -10.27 12.05
C LYS A 123 13.45 -10.17 10.54
N PHE A 124 12.74 -9.22 9.89
CA PHE A 124 12.65 -8.99 8.47
C PHE A 124 12.93 -7.55 8.08
N LYS A 125 13.46 -7.36 6.84
CA LYS A 125 13.78 -6.07 6.24
C LYS A 125 12.72 -5.66 5.23
N ASP A 126 12.31 -6.63 4.35
CA ASP A 126 11.20 -6.61 3.38
C ASP A 126 10.13 -7.64 3.86
N PRO A 127 9.22 -7.22 4.76
CA PRO A 127 8.12 -7.90 5.45
C PRO A 127 6.87 -8.03 4.63
N SER A 128 5.86 -8.52 5.33
CA SER A 128 4.49 -8.58 4.85
C SER A 128 3.91 -7.36 5.52
N LEU A 129 3.06 -6.54 4.86
CA LEU A 129 2.69 -5.22 5.35
C LEU A 129 1.29 -5.37 5.99
N GLN A 130 1.05 -4.78 7.20
CA GLN A 130 -0.15 -5.02 8.05
C GLN A 130 -1.18 -3.92 7.79
N CYS A 131 -1.72 -3.94 6.53
CA CYS A 131 -2.65 -2.94 5.98
C CYS A 131 -1.89 -1.96 5.11
N ARG A 132 -2.62 -1.49 4.08
CA ARG A 132 -2.30 -0.35 3.27
C ARG A 132 -3.44 0.60 3.62
N MET A 133 -3.15 1.84 4.09
CA MET A 133 -4.12 2.87 4.41
C MET A 133 -4.08 3.86 3.27
N ALA A 134 -5.16 3.84 2.48
CA ALA A 134 -5.31 4.62 1.29
C ALA A 134 -6.54 5.49 1.43
N ILE A 135 -6.33 6.83 1.46
CA ILE A 135 -7.39 7.81 1.55
C ILE A 135 -6.99 8.95 0.60
N ILE A 136 -7.95 9.47 -0.19
CA ILE A 136 -7.79 10.44 -1.28
C ILE A 136 -8.83 11.56 -1.22
N ASN A 137 -8.66 12.45 -2.25
CA ASN A 137 -9.45 13.52 -2.81
C ASN A 137 -9.39 13.38 -4.36
N SER A 138 -10.46 13.79 -5.08
CA SER A 138 -10.58 13.63 -6.55
C SER A 138 -11.65 14.46 -7.24
N ARG A 139 -12.76 13.74 -7.58
CA ARG A 139 -13.79 14.04 -8.54
C ARG A 139 -15.19 14.18 -7.93
N ARG A 140 -15.66 13.03 -7.42
CA ARG A 140 -16.84 12.68 -6.65
C ARG A 140 -16.45 12.46 -5.23
N LEU A 141 -15.13 12.66 -5.01
CA LEU A 141 -14.36 12.02 -3.98
C LEU A 141 -14.61 12.83 -2.66
N PRO A 142 -14.73 12.36 -1.42
CA PRO A 142 -15.23 13.10 -0.23
C PRO A 142 -14.82 14.50 0.17
N GLY A 143 -13.52 14.72 0.21
CA GLY A 143 -12.88 15.95 0.60
C GLY A 143 -11.92 16.44 -0.43
N LYS A 144 -11.10 17.39 0.03
CA LYS A 144 -10.07 18.13 -0.71
C LYS A 144 -8.95 18.58 0.20
N ALA A 145 -7.70 18.41 -0.32
CA ALA A 145 -6.40 18.79 0.22
C ALA A 145 -5.24 18.05 -0.47
N SER A 146 -4.26 18.77 -1.11
CA SER A 146 -3.05 18.19 -1.71
C SER A 146 -1.88 19.15 -1.46
N LYS A 147 -0.84 18.66 -0.75
CA LYS A 147 0.39 19.40 -0.44
C LYS A 147 1.50 18.49 -0.02
N ALA A 148 2.21 17.91 -1.04
CA ALA A 148 3.28 16.94 -0.92
C ALA A 148 3.44 16.37 -2.33
N VAL A 149 4.65 16.02 -2.83
CA VAL A 149 4.84 15.48 -4.18
C VAL A 149 6.01 14.49 -4.29
N ILE A 150 5.66 13.19 -4.45
CA ILE A 150 6.45 12.01 -4.70
C ILE A 150 5.79 11.35 -5.91
N LYS A 151 6.49 10.64 -6.88
CA LYS A 151 5.85 9.56 -7.67
C LYS A 151 6.19 8.30 -6.90
N THR A 152 5.14 7.46 -6.80
CA THR A 152 4.82 6.69 -5.60
C THR A 152 5.59 5.40 -5.27
N GLN A 153 6.30 5.49 -4.14
CA GLN A 153 7.27 4.65 -3.43
C GLN A 153 6.98 3.17 -3.04
N MET A 1 -32.26 11.37 -3.49
CA MET A 1 -33.09 10.97 -4.62
C MET A 1 -32.30 9.86 -5.29
N THR A 2 -31.60 9.05 -4.45
CA THR A 2 -30.67 7.99 -4.79
C THR A 2 -31.27 6.59 -4.98
N ILE A 3 -30.65 5.79 -5.89
CA ILE A 3 -31.02 4.45 -6.30
C ILE A 3 -29.97 3.42 -5.83
N ASN A 4 -29.60 3.50 -4.53
CA ASN A 4 -28.57 2.77 -3.74
C ASN A 4 -28.45 1.24 -3.84
N THR A 5 -29.37 0.59 -4.60
CA THR A 5 -29.50 -0.79 -5.03
C THR A 5 -28.41 -1.16 -6.03
N GLU A 6 -28.39 -0.38 -7.16
CA GLU A 6 -27.43 -0.48 -8.27
C GLU A 6 -26.05 0.07 -7.91
N VAL A 7 -26.00 0.80 -6.77
CA VAL A 7 -24.82 1.39 -6.12
C VAL A 7 -24.13 0.36 -5.23
N PHE A 8 -24.93 -0.58 -4.63
CA PHE A 8 -24.50 -1.73 -3.84
C PHE A 8 -23.87 -2.75 -4.77
N ILE A 9 -24.49 -2.86 -5.99
CA ILE A 9 -23.89 -3.53 -7.14
C ILE A 9 -22.57 -2.86 -7.62
N ARG A 10 -22.48 -1.49 -7.71
CA ARG A 10 -21.23 -0.74 -7.97
C ARG A 10 -20.15 -0.93 -6.89
N ARG A 11 -20.44 -0.82 -5.55
CA ARG A 11 -19.58 -1.30 -4.45
C ARG A 11 -19.17 -2.79 -4.43
N ASN A 12 -19.96 -3.72 -5.01
CA ASN A 12 -19.62 -5.14 -5.23
C ASN A 12 -18.67 -5.32 -6.41
N LYS A 13 -18.98 -4.74 -7.62
CA LYS A 13 -18.11 -4.66 -8.80
C LYS A 13 -16.80 -3.97 -8.50
N LEU A 14 -16.88 -3.06 -7.49
CA LEU A 14 -15.72 -2.41 -6.89
C LEU A 14 -14.97 -3.35 -6.00
N ARG A 15 -15.63 -4.12 -5.12
CA ARG A 15 -15.00 -5.17 -4.30
C ARG A 15 -14.29 -6.27 -5.11
N ARG A 16 -14.87 -6.66 -6.30
CA ARG A 16 -14.14 -7.40 -7.34
C ARG A 16 -12.95 -6.64 -8.00
N HIS A 17 -13.11 -5.30 -8.29
CA HIS A 17 -12.10 -4.34 -8.80
C HIS A 17 -10.92 -4.11 -7.85
N PHE A 18 -11.22 -3.85 -6.54
CA PHE A 18 -10.38 -3.61 -5.35
C PHE A 18 -9.50 -4.82 -5.13
N GLU A 19 -10.12 -6.04 -5.05
CA GLU A 19 -9.42 -7.31 -4.97
C GLU A 19 -8.68 -7.81 -6.20
N SER A 20 -9.27 -7.80 -7.44
CA SER A 20 -8.61 -8.28 -8.69
C SER A 20 -7.42 -7.44 -9.14
N GLU A 21 -7.52 -6.10 -8.97
CA GLU A 21 -6.43 -5.14 -9.18
C GLU A 21 -5.46 -5.16 -8.01
N PHE A 22 -5.90 -5.49 -6.74
CA PHE A 22 -4.97 -5.77 -5.60
C PHE A 22 -4.06 -6.97 -5.82
N ARG A 23 -4.60 -8.02 -6.48
CA ARG A 23 -3.86 -9.18 -6.99
C ARG A 23 -2.96 -8.76 -8.14
N GLN A 24 -3.36 -7.79 -9.02
CA GLN A 24 -2.43 -7.21 -9.98
C GLN A 24 -1.24 -6.43 -9.41
N ILE A 25 -1.42 -5.53 -8.40
CA ILE A 25 -0.30 -4.84 -7.77
C ILE A 25 0.51 -5.79 -6.90
N ASN A 26 -0.14 -6.62 -6.05
CA ASN A 26 0.58 -7.52 -5.14
C ASN A 26 1.17 -8.71 -5.87
N ASN A 27 0.64 -9.13 -7.07
CA ASN A 27 1.37 -10.07 -7.92
C ASN A 27 2.51 -9.35 -8.65
N GLU A 28 2.40 -8.07 -9.15
CA GLU A 28 3.54 -7.36 -9.68
C GLU A 28 4.62 -7.00 -8.67
N ILE A 29 4.25 -6.66 -7.41
CA ILE A 29 5.18 -6.41 -6.33
C ILE A 29 5.87 -7.65 -5.77
N ARG A 30 5.13 -8.77 -5.63
CA ARG A 30 5.71 -10.07 -5.28
C ARG A 30 6.48 -10.77 -6.41
N GLU A 31 6.12 -10.61 -7.72
CA GLU A 31 6.78 -11.24 -8.86
C GLU A 31 8.06 -10.53 -9.19
N ALA A 32 8.01 -9.17 -9.06
CA ALA A 32 9.12 -8.29 -9.32
C ALA A 32 10.12 -8.30 -8.22
N SER A 33 9.65 -8.41 -6.95
CA SER A 33 10.49 -8.58 -5.78
C SER A 33 11.16 -9.95 -5.80
N LYS A 34 10.47 -11.04 -6.30
CA LYS A 34 11.19 -12.31 -6.58
C LYS A 34 12.14 -12.29 -7.78
N ALA A 35 11.72 -11.63 -8.89
CA ALA A 35 12.47 -11.45 -10.12
C ALA A 35 13.62 -10.43 -10.04
N ALA A 36 13.54 -9.38 -9.15
CA ALA A 36 14.63 -8.46 -8.86
C ALA A 36 15.64 -9.10 -7.90
N GLY A 37 15.25 -10.22 -7.20
CA GLY A 37 16.22 -11.05 -6.49
C GLY A 37 16.50 -10.62 -5.08
N VAL A 38 15.60 -9.77 -4.52
CA VAL A 38 15.67 -9.26 -3.18
C VAL A 38 14.54 -9.94 -2.47
N SER A 39 14.73 -10.11 -1.14
CA SER A 39 14.04 -10.91 -0.16
C SER A 39 12.63 -11.44 -0.27
N SER A 40 11.77 -10.50 -0.67
CA SER A 40 10.34 -10.53 -0.90
C SER A 40 9.62 -10.24 0.39
N PHE A 41 8.57 -9.40 0.33
CA PHE A 41 7.83 -8.96 1.48
C PHE A 41 6.47 -9.60 1.35
N HIS A 42 5.90 -10.05 2.48
CA HIS A 42 4.63 -10.78 2.51
C HIS A 42 3.56 -9.83 2.96
N LEU A 43 2.69 -9.33 2.10
CA LEU A 43 1.69 -8.33 2.54
C LEU A 43 0.29 -8.83 2.68
N LYS A 44 -0.50 -8.05 3.46
CA LYS A 44 -1.91 -8.28 3.71
C LYS A 44 -2.57 -6.94 3.56
N TYR A 45 -3.88 -6.92 3.19
CA TYR A 45 -4.67 -5.69 3.29
C TYR A 45 -5.66 -5.85 4.43
N SER A 46 -5.80 -4.82 5.29
CA SER A 46 -6.78 -4.75 6.39
C SER A 46 -7.82 -3.78 5.90
N GLN A 47 -9.09 -4.14 6.04
CA GLN A 47 -10.26 -3.47 5.48
C GLN A 47 -10.85 -2.24 6.13
N ALA A 48 -10.55 -1.73 7.37
CA ALA A 48 -11.26 -0.56 7.97
C ALA A 48 -11.08 0.81 7.25
N LEU A 49 -9.80 1.13 6.94
CA LEU A 49 -9.26 2.27 6.20
C LEU A 49 -9.71 2.32 4.74
N LEU A 50 -9.82 1.07 4.26
CA LEU A 50 -10.36 0.67 3.01
C LEU A 50 -11.85 0.82 3.06
N ASP A 51 -12.56 0.38 4.15
CA ASP A 51 -14.01 0.44 4.36
C ASP A 51 -14.50 1.88 4.21
N ARG A 52 -13.60 2.86 4.55
CA ARG A 52 -13.75 4.21 4.00
C ARG A 52 -13.51 4.41 2.52
N ALA A 53 -12.35 4.03 1.94
CA ALA A 53 -12.06 4.25 0.51
C ALA A 53 -12.92 3.56 -0.57
N ILE A 54 -13.40 2.38 -0.17
CA ILE A 54 -14.25 1.40 -0.83
C ILE A 54 -15.68 1.87 -0.84
N GLN A 55 -16.17 2.51 0.28
CA GLN A 55 -17.54 2.99 0.32
C GLN A 55 -17.73 4.51 0.24
N ARG A 56 -16.75 5.41 0.59
CA ARG A 56 -16.99 6.88 0.65
C ARG A 56 -16.82 7.60 -0.69
N GLU A 57 -16.70 6.79 -1.75
CA GLU A 57 -16.53 7.21 -3.12
C GLU A 57 -17.02 6.12 -4.04
N ILE A 58 -16.53 4.84 -3.88
CA ILE A 58 -16.89 3.64 -4.67
C ILE A 58 -16.19 3.70 -6.05
N ASP A 59 -16.06 2.53 -6.77
CA ASP A 59 -15.36 2.22 -8.08
C ASP A 59 -14.08 3.05 -8.28
N GLU A 60 -13.26 3.11 -7.22
CA GLU A 60 -12.01 3.84 -7.09
C GLU A 60 -10.89 3.02 -7.66
N THR A 61 -10.95 2.88 -9.01
CA THR A 61 -10.05 2.21 -9.92
C THR A 61 -8.81 3.04 -10.25
N TYR A 62 -8.99 4.34 -9.96
CA TYR A 62 -8.06 5.46 -9.94
C TYR A 62 -7.00 5.28 -8.83
N VAL A 63 -7.48 4.63 -7.72
CA VAL A 63 -6.83 4.26 -6.45
C VAL A 63 -5.65 3.33 -6.76
N PHE A 64 -6.08 2.36 -7.63
CA PHE A 64 -5.42 1.31 -8.39
C PHE A 64 -4.48 1.83 -9.44
N GLU A 65 -4.79 2.91 -10.21
CA GLU A 65 -3.92 3.57 -11.23
C GLU A 65 -2.68 4.22 -10.67
N LEU A 66 -2.86 4.96 -9.57
CA LEU A 66 -1.77 5.54 -8.77
C LEU A 66 -0.91 4.44 -8.06
N PHE A 67 -1.51 3.44 -7.31
CA PHE A 67 -0.74 2.35 -6.65
C PHE A 67 -0.21 1.32 -7.67
N HIS A 68 -0.75 1.36 -8.92
CA HIS A 68 -0.28 0.75 -10.17
C HIS A 68 0.91 1.49 -10.74
N LYS A 69 1.07 2.83 -10.49
CA LYS A 69 2.43 3.44 -10.65
C LYS A 69 3.39 2.92 -9.53
N ILE A 70 2.84 2.51 -8.34
CA ILE A 70 3.52 1.71 -7.26
C ILE A 70 3.86 0.24 -7.50
N LYS A 71 3.39 -0.39 -8.59
CA LYS A 71 3.69 -1.78 -8.93
C LYS A 71 5.07 -2.00 -9.48
N ASP A 72 5.69 -0.86 -9.83
CA ASP A 72 6.98 -0.67 -10.40
C ASP A 72 8.06 -0.42 -9.35
N HIS A 73 7.59 0.13 -8.21
CA HIS A 73 8.19 0.70 -7.02
C HIS A 73 8.84 -0.28 -6.09
N VAL A 74 8.76 -1.57 -6.51
CA VAL A 74 9.41 -2.80 -6.04
C VAL A 74 10.78 -2.66 -5.38
N LEU A 75 11.74 -1.86 -5.94
CA LEU A 75 13.06 -1.57 -5.43
C LEU A 75 13.03 -0.62 -4.24
N GLU A 76 12.06 0.32 -4.17
CA GLU A 76 11.83 1.28 -3.08
C GLU A 76 11.19 0.61 -1.86
N VAL A 77 10.16 -0.28 -2.10
CA VAL A 77 9.51 -1.16 -1.11
C VAL A 77 10.48 -2.29 -0.66
N ASN A 78 11.38 -2.73 -1.57
CA ASN A 78 12.51 -3.61 -1.29
C ASN A 78 13.67 -2.98 -0.50
N GLU A 79 13.96 -1.65 -0.61
CA GLU A 79 14.83 -0.94 0.33
C GLU A 79 14.13 -0.84 1.70
N PHE A 80 12.78 -0.69 1.64
CA PHE A 80 11.76 -0.71 2.68
C PHE A 80 11.43 -2.10 3.27
N LEU A 81 12.01 -3.24 2.75
CA LEU A 81 11.75 -4.70 3.03
C LEU A 81 11.51 -5.00 4.53
N SER A 82 12.27 -4.48 5.55
CA SER A 82 11.60 -4.29 6.87
C SER A 82 11.39 -2.83 7.32
N MET A 83 12.35 -1.88 7.19
CA MET A 83 12.27 -0.42 7.30
C MET A 83 12.96 0.01 6.03
N PRO A 84 12.96 1.26 5.48
CA PRO A 84 13.95 1.71 4.45
C PRO A 84 15.39 1.63 5.05
N PRO A 85 16.33 0.83 4.48
CA PRO A 85 17.54 0.21 5.08
C PRO A 85 17.53 -0.37 6.49
N ARG A 86 18.10 -1.58 6.71
CA ARG A 86 18.52 -2.39 7.89
C ARG A 86 18.62 -2.29 9.48
N PRO A 87 18.27 -1.41 10.44
CA PRO A 87 19.28 -1.12 11.48
C PRO A 87 18.81 -1.19 12.92
N ASP A 88 19.79 -1.34 13.86
CA ASP A 88 19.54 -1.36 15.31
C ASP A 88 19.98 -0.04 15.94
N ILE A 89 20.74 0.69 15.13
CA ILE A 89 21.42 1.94 15.35
C ILE A 89 20.93 2.92 14.33
N ASP A 90 20.24 3.91 14.88
CA ASP A 90 19.70 5.10 14.22
C ASP A 90 20.66 6.25 14.34
N GLU A 91 21.78 5.96 15.05
CA GLU A 91 22.92 6.84 15.25
C GLU A 91 24.07 6.51 14.33
N ASP A 92 24.09 5.29 13.76
CA ASP A 92 25.25 4.82 13.00
C ASP A 92 24.99 4.30 11.63
N PHE A 93 23.74 3.90 11.36
CA PHE A 93 23.46 3.15 10.12
C PHE A 93 22.31 3.58 9.24
N ILE A 94 21.58 4.65 9.55
CA ILE A 94 20.44 5.14 8.80
C ILE A 94 20.74 6.11 7.67
N ASP A 95 20.01 5.86 6.58
CA ASP A 95 20.10 6.56 5.31
C ASP A 95 18.75 6.71 4.67
N GLY A 96 17.80 5.81 5.01
CA GLY A 96 16.42 5.86 4.58
C GLY A 96 15.56 6.50 5.61
N VAL A 97 16.14 6.89 6.79
CA VAL A 97 15.39 7.51 7.89
C VAL A 97 15.45 9.03 7.86
N GLU A 98 14.25 9.57 7.63
CA GLU A 98 13.79 10.96 7.51
C GLU A 98 13.29 11.58 8.82
N TYR A 99 13.69 10.95 9.95
CA TYR A 99 13.41 11.21 11.38
C TYR A 99 11.92 11.12 11.79
N ARG A 100 11.22 10.17 11.12
CA ARG A 100 9.83 9.76 11.26
C ARG A 100 9.73 8.33 11.82
N PRO A 101 8.57 7.79 12.27
CA PRO A 101 8.36 6.39 12.71
C PRO A 101 8.62 5.28 11.68
N GLY A 102 8.53 4.01 12.15
CA GLY A 102 8.80 2.77 11.40
C GLY A 102 7.70 2.24 10.51
N ARG A 103 6.78 3.16 10.13
CA ARG A 103 5.64 3.07 9.25
C ARG A 103 5.84 4.32 8.41
N LEU A 104 5.51 4.28 7.11
CA LEU A 104 5.69 5.44 6.21
C LEU A 104 4.39 5.88 5.58
N GLU A 105 4.21 7.21 5.29
CA GLU A 105 3.05 7.82 4.67
C GLU A 105 3.62 8.67 3.57
N ILE A 106 3.26 8.45 2.29
CA ILE A 106 3.77 9.18 1.14
C ILE A 106 2.61 9.57 0.20
N THR A 107 2.58 10.81 -0.37
CA THR A 107 1.48 11.31 -1.26
C THR A 107 1.87 11.68 -2.70
N ASP A 108 1.14 11.14 -3.73
CA ASP A 108 1.27 11.45 -5.15
C ASP A 108 -0.09 11.14 -5.67
N GLY A 109 -0.30 11.21 -7.00
CA GLY A 109 -1.56 10.79 -7.63
C GLY A 109 -2.64 11.85 -7.60
N ASN A 110 -3.06 12.10 -6.33
CA ASN A 110 -4.16 12.73 -5.63
C ASN A 110 -4.11 12.09 -4.19
N LEU A 111 -3.66 10.81 -4.01
CA LEU A 111 -3.64 9.89 -2.88
C LEU A 111 -2.60 10.02 -1.78
N TRP A 112 -3.01 9.88 -0.49
CA TRP A 112 -2.12 9.66 0.65
C TRP A 112 -2.03 8.15 0.88
N LEU A 113 -0.92 7.48 0.47
CA LEU A 113 -0.77 6.05 0.72
C LEU A 113 0.17 5.93 1.95
N GLY A 114 -0.19 5.09 2.93
CA GLY A 114 0.61 4.73 4.09
C GLY A 114 1.02 3.30 3.87
N PHE A 115 2.24 2.86 4.22
CA PHE A 115 2.68 1.49 4.06
C PHE A 115 3.21 1.23 5.45
N THR A 116 2.87 0.07 6.09
CA THR A 116 3.20 -0.16 7.49
C THR A 116 3.76 -1.58 7.49
N VAL A 117 4.86 -1.87 8.22
CA VAL A 117 5.49 -3.22 8.32
C VAL A 117 4.96 -4.03 9.51
N CYS A 118 4.95 -5.42 9.44
CA CYS A 118 4.45 -6.39 10.46
C CYS A 118 5.13 -6.26 11.81
N LYS A 119 4.43 -5.53 12.71
CA LYS A 119 4.87 -4.96 13.98
C LYS A 119 6.21 -4.22 13.94
N PRO A 120 6.20 -2.90 13.59
CA PRO A 120 7.37 -2.13 13.09
C PRO A 120 8.72 -2.28 13.80
N ASN A 121 9.65 -2.97 13.07
CA ASN A 121 10.95 -3.50 13.47
C ASN A 121 11.81 -3.68 12.24
N GLU A 122 13.16 -3.56 12.32
CA GLU A 122 14.03 -3.98 11.27
C GLU A 122 15.31 -4.49 11.84
N LYS A 123 15.36 -5.83 11.89
CA LYS A 123 16.54 -6.57 12.20
C LYS A 123 17.01 -7.24 10.90
N PHE A 124 16.15 -7.11 9.86
CA PHE A 124 16.14 -7.88 8.62
C PHE A 124 15.48 -7.27 7.41
N LYS A 125 15.57 -7.98 6.27
CA LYS A 125 14.97 -7.61 5.02
C LYS A 125 14.42 -8.91 4.49
N ASP A 126 13.07 -9.03 4.57
CA ASP A 126 12.20 -10.23 4.39
C ASP A 126 10.78 -10.15 5.03
N PRO A 127 10.41 -9.36 6.11
CA PRO A 127 9.07 -9.26 6.75
C PRO A 127 7.87 -8.96 5.89
N SER A 128 6.74 -8.86 6.58
CA SER A 128 5.39 -8.74 6.07
C SER A 128 4.94 -7.30 6.21
N LEU A 129 4.01 -6.81 5.34
CA LEU A 129 3.48 -5.45 5.44
C LEU A 129 2.08 -5.54 6.07
N GLN A 130 1.85 -4.69 7.13
CA GLN A 130 0.79 -4.74 8.14
C GLN A 130 -0.44 -3.98 7.68
N CYS A 131 -0.75 -4.08 6.36
CA CYS A 131 -1.74 -3.27 5.64
C CYS A 131 -0.97 -2.17 4.92
N ARG A 132 -1.49 -1.85 3.70
CA ARG A 132 -1.11 -0.70 2.90
C ARG A 132 -2.34 0.18 3.08
N MET A 133 -2.16 1.41 3.59
CA MET A 133 -3.19 2.36 3.95
C MET A 133 -3.36 3.21 2.69
N ALA A 134 -4.56 3.22 2.08
CA ALA A 134 -4.82 3.99 0.87
C ALA A 134 -6.01 4.88 1.18
N ILE A 135 -5.84 6.23 1.20
CA ILE A 135 -6.94 7.19 1.43
C ILE A 135 -6.66 8.34 0.46
N ILE A 136 -7.72 8.98 -0.03
CA ILE A 136 -7.74 9.94 -1.11
C ILE A 136 -8.57 11.16 -0.73
N ASN A 137 -8.62 12.05 -1.73
CA ASN A 137 -9.29 13.29 -1.94
C ASN A 137 -9.33 13.40 -3.46
N SER A 138 -10.45 13.85 -4.09
CA SER A 138 -10.62 13.74 -5.56
C SER A 138 -11.72 14.55 -6.28
N ARG A 139 -12.65 13.73 -6.83
CA ARG A 139 -13.63 13.90 -7.87
C ARG A 139 -15.05 14.10 -7.39
N ARG A 140 -15.59 13.00 -6.83
CA ARG A 140 -16.84 12.75 -6.15
C ARG A 140 -16.51 12.47 -4.70
N LEU A 141 -15.21 12.72 -4.36
CA LEU A 141 -14.51 12.14 -3.24
C LEU A 141 -14.88 12.99 -1.97
N PRO A 142 -14.72 12.67 -0.67
CA PRO A 142 -15.08 13.54 0.48
C PRO A 142 -14.56 14.96 0.65
N GLY A 143 -13.37 15.24 0.14
CA GLY A 143 -12.67 16.51 0.14
C GLY A 143 -11.58 16.51 -0.89
N LYS A 144 -10.70 17.51 -0.76
CA LYS A 144 -9.55 17.91 -1.57
C LYS A 144 -8.33 18.22 -0.68
N ALA A 145 -7.10 17.80 -1.10
CA ALA A 145 -5.83 18.00 -0.40
C ALA A 145 -4.67 17.38 -1.20
N SER A 146 -3.42 17.52 -0.67
CA SER A 146 -2.12 16.96 -1.10
C SER A 146 -0.96 17.78 -0.57
N LYS A 147 -0.22 17.22 0.43
CA LYS A 147 0.93 17.92 1.04
C LYS A 147 1.80 17.07 1.95
N ALA A 148 2.84 16.41 1.35
CA ALA A 148 3.79 15.51 1.96
C ALA A 148 4.69 15.20 0.78
N VAL A 149 5.87 14.52 0.90
CA VAL A 149 6.77 14.32 -0.23
C VAL A 149 7.03 12.88 -0.66
N ILE A 150 7.31 12.81 -1.99
CA ILE A 150 7.23 11.68 -2.90
C ILE A 150 8.34 11.24 -3.89
N LYS A 151 8.31 9.89 -4.01
CA LYS A 151 8.74 8.84 -4.92
C LYS A 151 7.69 8.92 -5.98
N THR A 152 7.96 8.60 -7.25
CA THR A 152 6.78 8.48 -8.13
C THR A 152 6.09 7.10 -7.92
N GLN A 153 5.10 7.30 -7.10
CA GLN A 153 4.04 6.61 -6.58
C GLN A 153 2.94 6.64 -7.62
N MET A 1 -29.66 13.03 -7.60
CA MET A 1 -30.35 11.77 -7.29
C MET A 1 -29.31 10.66 -7.31
N THR A 2 -29.44 9.64 -6.41
CA THR A 2 -28.53 8.53 -6.24
C THR A 2 -29.22 7.18 -6.47
N ILE A 3 -28.82 6.37 -7.49
CA ILE A 3 -29.38 5.04 -7.83
C ILE A 3 -28.61 3.95 -7.06
N ASN A 4 -28.70 4.13 -5.74
CA ASN A 4 -28.04 3.51 -4.59
C ASN A 4 -28.07 1.99 -4.41
N THR A 5 -28.78 1.28 -5.30
CA THR A 5 -28.90 -0.15 -5.51
C THR A 5 -27.75 -0.68 -6.36
N GLU A 6 -27.63 -0.11 -7.59
CA GLU A 6 -26.63 -0.39 -8.62
C GLU A 6 -25.25 0.14 -8.25
N VAL A 7 -25.27 0.98 -7.18
CA VAL A 7 -24.18 1.62 -6.49
C VAL A 7 -23.69 0.70 -5.40
N PHE A 8 -24.58 -0.18 -4.82
CA PHE A 8 -24.26 -1.21 -3.82
C PHE A 8 -23.54 -2.36 -4.53
N ILE A 9 -24.05 -2.72 -5.74
CA ILE A 9 -23.45 -3.61 -6.72
C ILE A 9 -22.10 -3.05 -7.21
N ARG A 10 -22.00 -1.71 -7.48
CA ARG A 10 -20.76 -0.99 -7.79
C ARG A 10 -19.72 -0.93 -6.63
N ARG A 11 -20.06 -0.58 -5.33
CA ARG A 11 -19.25 -0.72 -4.09
C ARG A 11 -18.76 -2.13 -3.72
N ASN A 12 -19.54 -3.19 -4.06
CA ASN A 12 -19.18 -4.62 -3.97
C ASN A 12 -18.27 -5.03 -5.12
N LYS A 13 -18.64 -4.62 -6.37
CA LYS A 13 -17.84 -4.73 -7.59
C LYS A 13 -16.51 -4.02 -7.47
N LEU A 14 -16.52 -2.97 -6.62
CA LEU A 14 -15.35 -2.24 -6.14
C LEU A 14 -14.56 -3.06 -5.17
N ARG A 15 -15.19 -3.66 -4.15
CA ARG A 15 -14.55 -4.65 -3.24
C ARG A 15 -13.92 -5.88 -3.99
N ARG A 16 -14.53 -6.36 -5.16
CA ARG A 16 -13.91 -7.30 -6.08
C ARG A 16 -12.81 -6.67 -6.97
N HIS A 17 -13.01 -5.38 -7.47
CA HIS A 17 -12.07 -4.47 -8.22
C HIS A 17 -10.79 -4.25 -7.39
N PHE A 18 -10.98 -3.99 -6.06
CA PHE A 18 -9.99 -3.78 -5.01
C PHE A 18 -9.19 -5.06 -4.75
N GLU A 19 -9.84 -6.23 -4.49
CA GLU A 19 -9.24 -7.53 -4.28
C GLU A 19 -8.57 -8.23 -5.47
N SER A 20 -9.18 -8.15 -6.69
CA SER A 20 -8.68 -8.70 -7.98
C SER A 20 -7.50 -7.90 -8.53
N GLU A 21 -7.53 -6.56 -8.34
CA GLU A 21 -6.40 -5.70 -8.60
C GLU A 21 -5.38 -5.82 -7.46
N PHE A 22 -5.79 -6.13 -6.19
CA PHE A 22 -4.88 -6.50 -5.07
C PHE A 22 -4.07 -7.76 -5.36
N ARG A 23 -4.65 -8.76 -6.10
CA ARG A 23 -3.90 -9.86 -6.72
C ARG A 23 -3.03 -9.42 -7.87
N GLN A 24 -3.46 -8.42 -8.71
CA GLN A 24 -2.58 -7.78 -9.72
C GLN A 24 -1.32 -7.09 -9.18
N ILE A 25 -1.52 -6.22 -8.17
CA ILE A 25 -0.47 -5.45 -7.50
C ILE A 25 0.40 -6.36 -6.66
N ASN A 26 -0.21 -7.29 -5.85
CA ASN A 26 0.60 -8.26 -5.11
C ASN A 26 1.28 -9.31 -5.99
N ASN A 27 0.76 -9.63 -7.22
CA ASN A 27 1.50 -10.47 -8.15
C ASN A 27 2.69 -9.73 -8.83
N GLU A 28 2.61 -8.38 -9.22
CA GLU A 28 3.82 -7.70 -9.70
C GLU A 28 4.88 -7.47 -8.63
N ILE A 29 4.46 -7.19 -7.33
CA ILE A 29 5.37 -7.02 -6.18
C ILE A 29 6.07 -8.30 -5.82
N ARG A 30 5.36 -9.47 -5.75
CA ARG A 30 5.98 -10.79 -5.61
C ARG A 30 6.93 -11.21 -6.76
N GLU A 31 6.65 -10.92 -8.07
CA GLU A 31 7.53 -11.26 -9.18
C GLU A 31 8.72 -10.33 -9.29
N ALA A 32 8.49 -9.01 -9.10
CA ALA A 32 9.50 -7.98 -9.18
C ALA A 32 10.45 -7.95 -8.01
N SER A 33 9.91 -8.17 -6.80
CA SER A 33 10.68 -8.31 -5.56
C SER A 33 11.43 -9.64 -5.54
N LYS A 34 10.86 -10.77 -6.12
CA LYS A 34 11.71 -11.97 -6.33
C LYS A 34 12.77 -11.84 -7.43
N ALA A 35 12.43 -11.16 -8.54
CA ALA A 35 13.28 -10.86 -9.66
C ALA A 35 14.31 -9.76 -9.39
N ALA A 36 14.03 -8.74 -8.48
CA ALA A 36 14.99 -7.77 -8.01
C ALA A 36 15.98 -8.37 -7.02
N GLY A 37 15.64 -9.55 -6.42
CA GLY A 37 16.61 -10.35 -5.64
C GLY A 37 16.63 -10.01 -4.19
N VAL A 38 15.55 -9.34 -3.74
CA VAL A 38 15.43 -8.82 -2.37
C VAL A 38 14.22 -9.46 -1.71
N SER A 39 14.20 -9.37 -0.34
CA SER A 39 13.31 -9.73 0.77
C SER A 39 12.27 -10.83 0.61
N SER A 40 11.46 -10.72 -0.49
CA SER A 40 10.29 -11.50 -0.91
C SER A 40 9.12 -11.18 -0.04
N PHE A 41 8.28 -10.20 -0.45
CA PHE A 41 7.22 -9.68 0.37
C PHE A 41 5.85 -10.01 -0.23
N HIS A 42 4.88 -10.35 0.65
CA HIS A 42 3.46 -10.54 0.43
C HIS A 42 2.81 -9.30 0.96
N LEU A 43 1.54 -9.09 0.65
CA LEU A 43 0.83 -8.04 1.38
C LEU A 43 -0.37 -8.60 2.06
N LYS A 44 -0.82 -7.90 3.12
CA LYS A 44 -1.95 -8.24 3.93
C LYS A 44 -2.56 -6.89 4.12
N TYR A 45 -3.88 -6.84 4.20
CA TYR A 45 -4.60 -5.59 4.33
C TYR A 45 -5.79 -5.77 5.24
N SER A 46 -6.18 -4.67 5.92
CA SER A 46 -7.41 -4.58 6.72
C SER A 46 -8.34 -3.74 5.86
N GLN A 47 -9.63 -4.09 5.82
CA GLN A 47 -10.70 -3.46 5.06
C GLN A 47 -11.30 -2.21 5.67
N ALA A 48 -11.06 -1.74 6.93
CA ALA A 48 -11.74 -0.56 7.56
C ALA A 48 -11.58 0.83 6.88
N LEU A 49 -10.32 1.21 6.54
CA LEU A 49 -9.93 2.40 5.76
C LEU A 49 -10.44 2.36 4.34
N LEU A 50 -10.46 1.07 3.86
CA LEU A 50 -11.00 0.55 2.62
C LEU A 50 -12.49 0.68 2.69
N ASP A 51 -13.20 0.34 3.81
CA ASP A 51 -14.64 0.48 4.06
C ASP A 51 -15.11 1.91 3.86
N ARG A 52 -14.24 2.90 4.27
CA ARG A 52 -14.43 4.27 3.80
C ARG A 52 -14.09 4.52 2.31
N ALA A 53 -13.02 3.95 1.65
CA ALA A 53 -12.84 4.05 0.17
C ALA A 53 -13.94 3.37 -0.69
N ILE A 54 -14.42 2.17 -0.25
CA ILE A 54 -15.45 1.28 -0.71
C ILE A 54 -16.80 1.94 -0.75
N GLN A 55 -17.21 2.70 0.30
CA GLN A 55 -18.44 3.48 0.22
C GLN A 55 -18.33 5.01 0.09
N ARG A 56 -17.23 5.72 0.48
CA ARG A 56 -17.20 7.20 0.37
C ARG A 56 -16.72 7.65 -1.00
N GLU A 57 -15.84 6.81 -1.60
CA GLU A 57 -15.18 7.04 -2.85
C GLU A 57 -15.83 6.22 -3.96
N ILE A 58 -15.89 4.86 -3.81
CA ILE A 58 -16.49 3.83 -4.74
C ILE A 58 -15.95 3.87 -6.19
N ASP A 59 -15.64 2.68 -6.77
CA ASP A 59 -14.99 2.44 -8.10
C ASP A 59 -13.59 3.04 -8.23
N GLU A 60 -12.92 3.22 -7.08
CA GLU A 60 -11.61 3.81 -6.86
C GLU A 60 -10.42 3.08 -7.43
N THR A 61 -10.47 2.92 -8.77
CA THR A 61 -9.49 2.39 -9.70
C THR A 61 -8.39 3.36 -10.07
N TYR A 62 -8.66 4.59 -9.63
CA TYR A 62 -7.78 5.75 -9.52
C TYR A 62 -6.73 5.45 -8.41
N VAL A 63 -7.19 4.71 -7.36
CA VAL A 63 -6.46 4.21 -6.17
C VAL A 63 -5.37 3.27 -6.65
N PHE A 64 -5.88 2.40 -7.56
CA PHE A 64 -5.24 1.53 -8.51
C PHE A 64 -4.37 2.22 -9.55
N GLU A 65 -4.64 3.47 -10.06
CA GLU A 65 -3.84 4.17 -11.07
C GLU A 65 -2.54 4.68 -10.51
N LEU A 66 -2.62 5.28 -9.30
CA LEU A 66 -1.44 5.69 -8.55
C LEU A 66 -0.61 4.50 -7.98
N PHE A 67 -1.27 3.42 -7.46
CA PHE A 67 -0.60 2.19 -6.96
C PHE A 67 -0.12 1.24 -8.05
N HIS A 68 -0.66 1.42 -9.28
CA HIS A 68 -0.17 0.91 -10.56
C HIS A 68 1.06 1.76 -10.99
N LYS A 69 1.13 3.08 -10.62
CA LYS A 69 2.40 3.87 -10.68
C LYS A 69 3.41 3.44 -9.57
N ILE A 70 2.92 2.87 -8.42
CA ILE A 70 3.69 2.24 -7.29
C ILE A 70 4.23 0.86 -7.68
N LYS A 71 3.54 0.09 -8.56
CA LYS A 71 3.80 -1.27 -9.04
C LYS A 71 5.16 -1.58 -9.62
N ASP A 72 5.81 -0.55 -10.11
CA ASP A 72 7.06 -0.57 -10.79
C ASP A 72 8.19 -0.22 -9.79
N HIS A 73 7.82 0.55 -8.72
CA HIS A 73 8.59 1.17 -7.65
C HIS A 73 9.02 0.22 -6.54
N VAL A 74 8.76 -1.13 -6.74
CA VAL A 74 9.29 -2.30 -6.00
C VAL A 74 10.73 -2.21 -5.53
N LEU A 75 11.68 -1.57 -6.29
CA LEU A 75 13.07 -1.38 -5.91
C LEU A 75 13.26 -0.37 -4.77
N GLU A 76 12.41 0.68 -4.73
CA GLU A 76 12.32 1.64 -3.63
C GLU A 76 11.59 1.10 -2.38
N VAL A 77 10.56 0.22 -2.58
CA VAL A 77 9.86 -0.53 -1.50
C VAL A 77 10.79 -1.61 -0.90
N ASN A 78 11.57 -2.24 -1.81
CA ASN A 78 12.69 -3.15 -1.57
C ASN A 78 13.87 -2.46 -0.87
N GLU A 79 14.18 -1.15 -1.07
CA GLU A 79 15.07 -0.38 -0.17
C GLU A 79 14.42 -0.08 1.20
N PHE A 80 13.06 0.05 1.25
CA PHE A 80 12.20 0.11 2.45
C PHE A 80 12.00 -1.27 3.15
N LEU A 81 12.49 -2.44 2.62
CA LEU A 81 12.12 -3.85 3.00
C LEU A 81 11.89 -4.20 4.48
N SER A 82 12.72 -3.85 5.51
CA SER A 82 12.03 -3.40 6.77
C SER A 82 12.24 -1.90 7.08
N MET A 83 13.55 -1.55 7.01
CA MET A 83 14.46 -0.44 6.81
C MET A 83 15.37 -1.06 5.75
N PRO A 84 16.34 -0.48 4.98
CA PRO A 84 17.29 -1.22 4.11
C PRO A 84 18.06 -2.36 4.86
N PRO A 85 18.49 -3.51 4.28
CA PRO A 85 18.68 -4.84 4.91
C PRO A 85 19.12 -5.07 6.36
N ARG A 86 18.61 -6.20 6.98
CA ARG A 86 18.99 -6.68 8.31
C ARG A 86 19.91 -7.94 8.42
N PRO A 87 21.12 -8.05 7.78
CA PRO A 87 22.16 -9.08 7.94
C PRO A 87 22.63 -9.39 9.36
N ASP A 88 23.27 -10.59 9.52
CA ASP A 88 23.75 -11.30 10.70
C ASP A 88 24.50 -10.53 11.76
N ILE A 89 25.38 -9.66 11.26
CA ILE A 89 26.16 -8.67 11.98
C ILE A 89 25.39 -7.42 12.38
N ASP A 90 25.92 -6.81 13.46
CA ASP A 90 25.41 -5.58 14.07
C ASP A 90 26.43 -4.48 13.95
N GLU A 91 27.67 -4.86 13.54
CA GLU A 91 28.83 -3.98 13.46
C GLU A 91 29.21 -3.56 12.06
N ASP A 92 28.88 -4.43 11.09
CA ASP A 92 29.18 -4.31 9.69
C ASP A 92 27.95 -4.03 8.88
N PHE A 93 26.80 -3.90 9.55
CA PHE A 93 25.54 -3.62 8.89
C PHE A 93 24.63 -2.64 9.58
N ILE A 94 23.81 -3.16 10.48
CA ILE A 94 22.70 -2.49 11.13
C ILE A 94 23.00 -1.65 12.34
N ASP A 95 23.30 -0.47 11.87
CA ASP A 95 23.63 0.81 12.48
C ASP A 95 22.45 1.77 12.34
N GLY A 96 21.54 1.44 11.37
CA GLY A 96 20.28 2.11 11.09
C GLY A 96 19.16 1.46 11.85
N VAL A 97 19.45 0.28 12.49
CA VAL A 97 18.51 -0.41 13.38
C VAL A 97 18.84 0.12 14.78
N GLU A 98 18.12 1.18 15.10
CA GLU A 98 18.14 1.94 16.33
C GLU A 98 16.80 1.79 17.01
N TYR A 99 16.07 0.73 16.59
CA TYR A 99 14.71 0.28 16.97
C TYR A 99 13.58 1.31 16.75
N ARG A 100 13.23 1.59 15.47
CA ARG A 100 12.25 2.59 15.06
C ARG A 100 10.99 1.94 14.45
N PRO A 101 9.84 2.65 14.24
CA PRO A 101 8.63 2.11 13.60
C PRO A 101 8.76 1.64 12.15
N GLY A 102 8.19 0.45 11.79
CA GLY A 102 8.20 -0.12 10.43
C GLY A 102 7.05 0.36 9.57
N ARG A 103 6.91 1.68 9.40
CA ARG A 103 5.85 2.24 8.58
C ARG A 103 6.36 3.36 7.71
N LEU A 104 5.59 3.62 6.62
CA LEU A 104 5.89 4.59 5.54
C LEU A 104 4.68 5.48 5.19
N GLU A 105 4.93 6.74 4.69
CA GLU A 105 3.92 7.71 4.30
C GLU A 105 4.31 8.06 2.89
N ILE A 106 3.38 7.78 1.94
CA ILE A 106 3.53 7.91 0.52
C ILE A 106 2.42 8.84 0.03
N THR A 107 2.77 10.00 -0.57
CA THR A 107 1.77 10.96 -1.08
C THR A 107 2.14 11.22 -2.52
N ASP A 108 1.36 10.72 -3.49
CA ASP A 108 1.69 10.76 -4.89
C ASP A 108 0.36 10.58 -5.51
N GLY A 109 0.15 10.92 -6.80
CA GLY A 109 -1.09 10.68 -7.55
C GLY A 109 -2.14 11.72 -7.35
N ASN A 110 -2.18 12.18 -6.05
CA ASN A 110 -3.11 12.87 -5.23
C ASN A 110 -3.67 11.87 -4.18
N LEU A 111 -3.21 10.60 -4.20
CA LEU A 111 -3.50 9.52 -3.28
C LEU A 111 -2.65 9.68 -2.02
N TRP A 112 -3.29 9.62 -0.83
CA TRP A 112 -2.59 9.56 0.44
C TRP A 112 -2.55 8.08 0.80
N LEU A 113 -1.38 7.40 0.57
CA LEU A 113 -1.23 6.02 1.04
C LEU A 113 -0.48 6.08 2.41
N GLY A 114 -0.95 5.40 3.47
CA GLY A 114 -0.17 5.07 4.67
C GLY A 114 0.15 3.58 4.60
N PHE A 115 1.43 3.09 4.68
CA PHE A 115 1.76 1.65 4.64
C PHE A 115 2.43 1.32 5.97
N THR A 116 2.31 0.03 6.41
CA THR A 116 3.10 -0.53 7.48
C THR A 116 3.73 -1.69 6.77
N VAL A 117 5.05 -1.95 7.01
CA VAL A 117 5.74 -3.22 6.64
C VAL A 117 5.49 -4.03 7.87
N CYS A 118 4.96 -5.27 7.70
CA CYS A 118 4.65 -6.17 8.82
C CYS A 118 4.03 -5.63 10.11
N LYS A 119 4.64 -6.20 11.11
CA LYS A 119 4.76 -5.91 12.49
C LYS A 119 5.14 -7.16 13.23
N PRO A 120 4.34 -8.23 13.33
CA PRO A 120 4.69 -9.43 14.11
C PRO A 120 5.75 -10.37 13.47
N ASN A 121 6.97 -9.90 13.06
CA ASN A 121 7.94 -10.79 12.41
C ASN A 121 9.35 -10.24 12.18
N GLU A 122 10.24 -11.17 11.73
CA GLU A 122 11.44 -10.95 11.00
C GLU A 122 11.51 -12.09 9.98
N LYS A 123 12.18 -13.19 10.42
CA LYS A 123 12.64 -14.44 9.84
C LYS A 123 13.45 -14.37 8.55
N PHE A 124 13.89 -13.13 8.31
CA PHE A 124 14.47 -12.55 7.13
C PHE A 124 15.00 -11.21 7.52
N LYS A 125 14.45 -10.19 6.84
CA LYS A 125 14.58 -8.79 7.07
C LYS A 125 13.24 -8.41 7.61
N ASP A 126 12.23 -8.55 6.73
CA ASP A 126 10.81 -8.47 6.96
C ASP A 126 10.09 -8.76 5.63
N PRO A 127 8.88 -9.42 5.58
CA PRO A 127 8.33 -9.82 4.30
C PRO A 127 6.82 -9.84 4.13
N SER A 128 6.17 -8.86 4.69
CA SER A 128 4.78 -8.56 4.49
C SER A 128 4.64 -7.08 4.51
N LEU A 129 3.58 -6.53 3.86
CA LEU A 129 3.07 -5.18 4.15
C LEU A 129 1.82 -5.55 4.94
N GLN A 130 1.57 -4.96 6.13
CA GLN A 130 0.46 -5.44 6.99
C GLN A 130 -0.49 -4.28 7.17
N CYS A 131 -1.23 -3.96 6.08
CA CYS A 131 -2.20 -2.83 5.98
C CYS A 131 -1.59 -1.68 5.18
N ARG A 132 -2.26 -1.39 4.04
CA ARG A 132 -1.97 -0.26 3.17
C ARG A 132 -3.21 0.62 3.24
N MET A 133 -3.11 1.84 3.81
CA MET A 133 -4.19 2.78 4.00
C MET A 133 -4.22 3.71 2.83
N ALA A 134 -5.22 3.59 1.95
CA ALA A 134 -5.26 4.31 0.71
C ALA A 134 -6.55 5.11 0.61
N ILE A 135 -6.41 6.46 0.60
CA ILE A 135 -7.51 7.41 0.47
C ILE A 135 -7.18 8.52 -0.55
N ILE A 136 -8.11 8.87 -1.48
CA ILE A 136 -7.94 9.78 -2.62
C ILE A 136 -9.21 10.65 -2.90
N ASN A 137 -9.03 11.50 -3.96
CA ASN A 137 -10.01 12.12 -4.87
C ASN A 137 -10.16 11.20 -6.09
N SER A 138 -11.30 10.45 -6.24
CA SER A 138 -11.51 9.47 -7.33
C SER A 138 -12.27 9.88 -8.58
N ARG A 139 -13.63 9.64 -8.57
CA ARG A 139 -14.39 9.55 -9.80
C ARG A 139 -15.58 10.49 -9.73
N ARG A 140 -16.30 10.31 -8.60
CA ARG A 140 -17.59 10.83 -8.24
C ARG A 140 -17.53 11.60 -6.95
N LEU A 141 -16.33 12.04 -6.57
CA LEU A 141 -16.06 12.60 -5.27
C LEU A 141 -15.16 13.78 -5.39
N PRO A 142 -15.04 14.64 -4.35
CA PRO A 142 -14.06 15.71 -4.26
C PRO A 142 -12.64 15.26 -3.99
N GLY A 143 -12.58 14.28 -3.06
CA GLY A 143 -11.46 13.83 -2.28
C GLY A 143 -11.04 14.73 -1.17
N LYS A 144 -10.38 14.10 -0.20
CA LYS A 144 -9.78 14.65 0.99
C LYS A 144 -8.35 15.14 0.73
N ALA A 145 -8.22 16.49 0.52
CA ALA A 145 -7.02 17.27 0.27
C ALA A 145 -6.41 17.15 -1.14
N SER A 146 -5.16 17.64 -1.36
CA SER A 146 -4.42 17.58 -2.62
C SER A 146 -3.00 18.07 -2.38
N LYS A 147 -2.02 17.33 -2.95
CA LYS A 147 -0.60 17.54 -2.89
C LYS A 147 -0.07 16.25 -3.45
N ALA A 148 1.15 16.31 -3.98
CA ALA A 148 1.80 15.21 -4.64
C ALA A 148 3.29 15.41 -4.41
N VAL A 149 3.76 14.89 -3.25
CA VAL A 149 5.03 15.05 -2.61
C VAL A 149 6.17 14.23 -3.21
N ILE A 150 5.89 12.91 -3.30
CA ILE A 150 6.69 11.77 -3.70
C ILE A 150 6.31 11.23 -5.08
N LYS A 151 7.31 10.73 -5.84
CA LYS A 151 7.21 9.65 -6.78
C LYS A 151 8.11 8.63 -6.07
N THR A 152 7.80 7.31 -6.23
CA THR A 152 7.73 6.25 -5.19
C THR A 152 8.82 5.51 -4.50
N GLN A 153 8.43 5.26 -3.22
CA GLN A 153 9.00 4.61 -2.09
C GLN A 153 8.03 3.42 -1.77
N MET A 1 -33.90 4.32 0.73
CA MET A 1 -33.56 5.72 0.53
C MET A 1 -32.69 5.79 -0.71
N THR A 2 -33.32 5.93 -1.91
CA THR A 2 -32.72 5.98 -3.21
C THR A 2 -32.19 4.65 -3.79
N ILE A 3 -31.63 4.70 -5.03
CA ILE A 3 -31.23 3.57 -5.89
C ILE A 3 -29.82 3.00 -5.59
N ASN A 4 -29.59 2.84 -4.28
CA ASN A 4 -28.47 2.28 -3.51
C ASN A 4 -28.14 0.81 -3.80
N THR A 5 -28.99 0.13 -4.57
CA THR A 5 -28.95 -1.19 -5.18
C THR A 5 -27.72 -1.35 -6.08
N GLU A 6 -27.62 -0.44 -7.10
CA GLU A 6 -26.54 -0.31 -8.07
C GLU A 6 -25.27 0.30 -7.48
N VAL A 7 -25.42 0.90 -6.28
CA VAL A 7 -24.38 1.56 -5.48
C VAL A 7 -23.69 0.54 -4.56
N PHE A 8 -24.47 -0.43 -4.01
CA PHE A 8 -24.09 -1.57 -3.17
C PHE A 8 -23.33 -2.57 -4.02
N ILE A 9 -23.83 -2.74 -5.28
CA ILE A 9 -23.14 -3.41 -6.38
C ILE A 9 -21.88 -2.61 -6.74
N ARG A 10 -21.92 -1.24 -6.83
CA ARG A 10 -20.71 -0.41 -7.01
C ARG A 10 -19.62 -0.53 -5.90
N ARG A 11 -19.94 -0.46 -4.57
CA ARG A 11 -19.03 -0.77 -3.45
C ARG A 11 -18.51 -2.22 -3.32
N ASN A 12 -19.29 -3.24 -3.75
CA ASN A 12 -18.92 -4.67 -3.81
C ASN A 12 -18.02 -4.97 -5.00
N LYS A 13 -18.45 -4.53 -6.22
CA LYS A 13 -17.77 -4.55 -7.53
C LYS A 13 -16.48 -3.76 -7.46
N LEU A 14 -16.47 -2.75 -6.54
CA LEU A 14 -15.28 -2.01 -6.10
C LEU A 14 -14.39 -2.88 -5.26
N ARG A 15 -14.92 -3.54 -4.22
CA ARG A 15 -14.20 -4.53 -3.36
C ARG A 15 -13.57 -5.69 -4.20
N ARG A 16 -14.31 -6.20 -5.24
CA ARG A 16 -13.77 -7.07 -6.31
C ARG A 16 -12.66 -6.44 -7.20
N HIS A 17 -12.84 -5.13 -7.66
CA HIS A 17 -11.86 -4.26 -8.37
C HIS A 17 -10.58 -4.09 -7.53
N PHE A 18 -10.76 -3.74 -6.20
CA PHE A 18 -9.81 -3.57 -5.12
C PHE A 18 -8.96 -4.82 -4.96
N GLU A 19 -9.63 -6.02 -4.79
CA GLU A 19 -8.96 -7.29 -4.67
C GLU A 19 -8.30 -7.91 -5.89
N SER A 20 -8.94 -7.87 -7.10
CA SER A 20 -8.49 -8.47 -8.37
C SER A 20 -7.29 -7.76 -8.98
N GLU A 21 -7.33 -6.40 -8.94
CA GLU A 21 -6.23 -5.52 -9.28
C GLU A 21 -5.18 -5.54 -8.18
N PHE A 22 -5.55 -5.78 -6.86
CA PHE A 22 -4.56 -6.10 -5.80
C PHE A 22 -3.80 -7.40 -6.05
N ARG A 23 -4.44 -8.44 -6.68
CA ARG A 23 -3.76 -9.63 -7.23
C ARG A 23 -2.80 -9.25 -8.34
N GLN A 24 -3.18 -8.26 -9.21
CA GLN A 24 -2.20 -7.64 -10.14
C GLN A 24 -0.99 -6.96 -9.51
N ILE A 25 -1.20 -6.08 -8.48
CA ILE A 25 -0.13 -5.38 -7.76
C ILE A 25 0.73 -6.31 -6.97
N ASN A 26 0.17 -7.30 -6.20
CA ASN A 26 0.98 -8.31 -5.53
C ASN A 26 1.58 -9.35 -6.44
N ASN A 27 1.02 -9.60 -7.66
CA ASN A 27 1.71 -10.42 -8.66
C ASN A 27 2.89 -9.67 -9.31
N GLU A 28 2.84 -8.30 -9.57
CA GLU A 28 4.02 -7.58 -10.02
C GLU A 28 4.97 -7.39 -8.84
N ILE A 29 4.50 -7.02 -7.61
CA ILE A 29 5.35 -6.90 -6.44
C ILE A 29 6.00 -8.17 -5.99
N ARG A 30 5.29 -9.32 -5.97
CA ARG A 30 5.91 -10.59 -5.64
C ARG A 30 6.85 -11.13 -6.73
N GLU A 31 6.60 -10.89 -8.07
CA GLU A 31 7.50 -11.34 -9.13
C GLU A 31 8.72 -10.48 -9.21
N ALA A 32 8.54 -9.14 -9.04
CA ALA A 32 9.58 -8.14 -9.05
C ALA A 32 10.45 -8.13 -7.81
N SER A 33 9.83 -8.24 -6.61
CA SER A 33 10.52 -8.35 -5.32
C SER A 33 11.23 -9.67 -5.16
N LYS A 34 10.69 -10.76 -5.81
CA LYS A 34 11.50 -11.99 -6.03
C LYS A 34 12.63 -11.82 -7.05
N ALA A 35 12.33 -11.23 -8.23
CA ALA A 35 13.24 -10.96 -9.32
C ALA A 35 14.34 -9.92 -9.04
N ALA A 36 14.08 -8.86 -8.20
CA ALA A 36 15.10 -7.98 -7.68
C ALA A 36 15.96 -8.65 -6.58
N GLY A 37 15.52 -9.82 -6.00
CA GLY A 37 16.37 -10.63 -5.11
C GLY A 37 16.23 -10.26 -3.66
N VAL A 38 15.11 -9.57 -3.36
CA VAL A 38 14.76 -9.00 -2.08
C VAL A 38 13.64 -9.83 -1.51
N SER A 39 13.24 -9.47 -0.28
CA SER A 39 12.25 -9.96 0.67
C SER A 39 11.48 -11.24 0.44
N SER A 40 10.66 -11.13 -0.64
CA SER A 40 9.54 -11.95 -1.10
C SER A 40 8.41 -11.48 -0.22
N PHE A 41 7.66 -10.43 -0.66
CA PHE A 41 6.75 -9.74 0.24
C PHE A 41 5.33 -10.01 -0.18
N HIS A 42 4.47 -10.20 0.85
CA HIS A 42 3.06 -10.46 0.74
C HIS A 42 2.35 -9.17 1.01
N LEU A 43 1.08 -9.12 0.62
CA LEU A 43 0.24 -7.96 0.75
C LEU A 43 -0.91 -8.28 1.66
N LYS A 44 -1.07 -7.52 2.78
CA LYS A 44 -2.19 -7.68 3.66
C LYS A 44 -2.51 -6.23 3.90
N TYR A 45 -3.82 -5.93 3.95
CA TYR A 45 -4.40 -4.68 4.28
C TYR A 45 -5.44 -5.00 5.31
N SER A 46 -5.78 -4.00 6.15
CA SER A 46 -6.94 -4.04 7.04
C SER A 46 -8.02 -3.24 6.31
N GLN A 47 -9.27 -3.71 6.36
CA GLN A 47 -10.46 -3.23 5.65
C GLN A 47 -11.14 -2.01 6.23
N ALA A 48 -10.83 -1.46 7.44
CA ALA A 48 -11.55 -0.29 8.02
C ALA A 48 -11.51 1.03 7.20
N LEU A 49 -10.33 1.36 6.64
CA LEU A 49 -9.98 2.47 5.73
C LEU A 49 -10.57 2.35 4.42
N LEU A 50 -10.54 1.07 4.06
CA LEU A 50 -11.18 0.45 2.92
C LEU A 50 -12.70 0.54 3.09
N ASP A 51 -13.35 0.24 4.26
CA ASP A 51 -14.79 0.48 4.57
C ASP A 51 -15.15 1.96 4.36
N ARG A 52 -14.16 2.85 4.67
CA ARG A 52 -14.17 4.23 4.29
C ARG A 52 -13.83 4.54 2.81
N ALA A 53 -13.05 3.73 2.05
CA ALA A 53 -12.78 3.92 0.61
C ALA A 53 -13.89 3.42 -0.30
N ILE A 54 -14.30 2.15 -0.03
CA ILE A 54 -15.35 1.31 -0.53
C ILE A 54 -16.68 2.02 -0.51
N GLN A 55 -17.04 2.75 0.59
CA GLN A 55 -18.24 3.57 0.54
C GLN A 55 -18.10 5.11 0.45
N ARG A 56 -17.03 5.81 0.91
CA ARG A 56 -17.02 7.30 0.87
C ARG A 56 -16.56 7.85 -0.48
N GLU A 57 -15.91 6.95 -1.24
CA GLU A 57 -15.26 7.15 -2.51
C GLU A 57 -15.88 6.22 -3.56
N ILE A 58 -15.88 4.88 -3.29
CA ILE A 58 -16.36 3.73 -4.13
C ILE A 58 -15.37 3.51 -5.30
N ASP A 59 -15.66 2.67 -6.35
CA ASP A 59 -14.96 2.34 -7.66
C ASP A 59 -13.74 3.23 -8.01
N GLU A 60 -12.68 3.02 -7.22
CA GLU A 60 -11.42 3.72 -7.16
C GLU A 60 -10.41 2.95 -7.92
N THR A 61 -10.68 2.81 -9.23
CA THR A 61 -9.86 2.13 -10.22
C THR A 61 -8.68 2.99 -10.72
N TYR A 62 -8.83 4.25 -10.31
CA TYR A 62 -7.94 5.40 -10.27
C TYR A 62 -6.84 5.17 -9.20
N VAL A 63 -7.23 4.45 -8.09
CA VAL A 63 -6.44 4.10 -6.88
C VAL A 63 -5.29 3.23 -7.31
N PHE A 64 -5.73 2.27 -8.17
CA PHE A 64 -5.08 1.35 -9.07
C PHE A 64 -4.27 2.05 -10.15
N GLU A 65 -4.70 3.11 -10.87
CA GLU A 65 -3.88 3.83 -11.89
C GLU A 65 -2.60 4.48 -11.37
N LEU A 66 -2.76 5.19 -10.24
CA LEU A 66 -1.66 5.71 -9.44
C LEU A 66 -0.83 4.59 -8.72
N PHE A 67 -1.46 3.57 -8.06
CA PHE A 67 -0.78 2.47 -7.35
C PHE A 67 -0.19 1.38 -8.22
N HIS A 68 -0.63 1.35 -9.49
CA HIS A 68 -0.07 0.68 -10.68
C HIS A 68 1.19 1.48 -11.09
N LYS A 69 1.17 2.85 -10.96
CA LYS A 69 2.43 3.64 -11.01
C LYS A 69 3.34 3.54 -9.71
N ILE A 70 2.78 3.03 -8.57
CA ILE A 70 3.46 2.68 -7.28
C ILE A 70 4.04 1.25 -7.26
N LYS A 71 3.35 0.22 -7.81
CA LYS A 71 3.59 -1.25 -8.06
C LYS A 71 4.87 -1.58 -8.80
N ASP A 72 5.39 -0.52 -9.35
CA ASP A 72 6.57 -0.23 -10.11
C ASP A 72 7.78 -0.04 -9.18
N HIS A 73 7.48 0.55 -7.98
CA HIS A 73 8.35 1.08 -6.96
C HIS A 73 8.83 0.12 -5.92
N VAL A 74 8.81 -1.18 -6.37
CA VAL A 74 9.58 -2.34 -5.86
C VAL A 74 11.04 -2.00 -5.44
N LEU A 75 11.72 -1.04 -6.13
CA LEU A 75 13.01 -0.41 -5.85
C LEU A 75 13.08 0.44 -4.58
N GLU A 76 12.01 1.21 -4.23
CA GLU A 76 11.84 1.99 -2.99
C GLU A 76 11.51 1.08 -1.80
N VAL A 77 10.71 0.01 -2.06
CA VAL A 77 10.37 -1.07 -1.12
C VAL A 77 11.57 -2.03 -0.84
N ASN A 78 12.44 -2.13 -1.86
CA ASN A 78 13.82 -2.68 -1.84
C ASN A 78 14.75 -1.84 -0.93
N GLU A 79 14.76 -0.45 -1.03
CA GLU A 79 15.39 0.47 -0.10
C GLU A 79 14.87 0.39 1.36
N PHE A 80 13.57 0.01 1.52
CA PHE A 80 12.88 -0.30 2.78
C PHE A 80 13.39 -1.62 3.43
N LEU A 81 13.72 -2.68 2.62
CA LEU A 81 14.40 -3.96 2.95
C LEU A 81 15.93 -3.75 3.15
N SER A 82 16.45 -2.56 2.75
CA SER A 82 17.86 -2.13 2.71
C SER A 82 18.44 -1.50 3.99
N MET A 83 17.68 -1.41 5.13
CA MET A 83 18.19 -1.00 6.45
C MET A 83 18.90 -2.26 7.04
N PRO A 84 19.91 -2.25 7.94
CA PRO A 84 20.76 -3.42 8.32
C PRO A 84 20.03 -4.62 8.96
N PRO A 85 20.57 -5.80 9.40
CA PRO A 85 19.80 -6.91 10.02
C PRO A 85 19.06 -6.49 11.28
N ARG A 86 17.90 -7.13 11.57
CA ARG A 86 17.14 -6.81 12.79
C ARG A 86 17.18 -7.76 14.09
N PRO A 87 18.36 -8.16 14.71
CA PRO A 87 18.55 -8.87 16.00
C PRO A 87 18.18 -8.10 17.29
N ASP A 88 17.94 -8.74 18.46
CA ASP A 88 17.62 -8.33 19.84
C ASP A 88 17.97 -6.95 20.44
N ILE A 89 19.07 -6.38 19.93
CA ILE A 89 19.77 -5.11 20.18
C ILE A 89 19.03 -3.76 19.95
N ASP A 90 19.79 -2.67 19.70
CA ASP A 90 19.38 -1.28 19.39
C ASP A 90 20.39 -0.67 18.46
N GLU A 91 21.54 -1.36 18.31
CA GLU A 91 22.50 -1.13 17.23
C GLU A 91 22.09 -1.97 16.01
N ASP A 92 21.16 -2.91 16.29
CA ASP A 92 20.64 -3.89 15.39
C ASP A 92 19.15 -4.13 15.49
N PHE A 93 18.41 -3.50 16.43
CA PHE A 93 16.95 -3.60 16.55
C PHE A 93 16.38 -2.23 16.82
N ILE A 94 16.04 -1.66 15.65
CA ILE A 94 15.97 -0.28 15.26
C ILE A 94 14.67 0.43 15.13
N ASP A 95 14.29 1.07 16.23
CA ASP A 95 13.14 1.91 16.55
C ASP A 95 11.78 1.68 15.87
N GLY A 96 11.70 1.84 14.52
CA GLY A 96 10.61 1.39 13.62
C GLY A 96 10.60 -0.12 13.41
N VAL A 97 11.67 -0.80 13.90
CA VAL A 97 11.88 -2.23 14.01
C VAL A 97 11.17 -2.70 15.27
N GLU A 98 9.97 -3.21 15.07
CA GLU A 98 8.98 -3.80 15.97
C GLU A 98 8.56 -3.17 17.31
N TYR A 99 9.45 -2.36 17.86
CA TYR A 99 9.45 -1.54 19.08
C TYR A 99 8.42 -0.42 19.01
N ARG A 100 8.62 0.50 18.03
CA ARG A 100 7.71 1.57 17.64
C ARG A 100 7.28 1.15 16.23
N PRO A 101 6.21 1.68 15.58
CA PRO A 101 5.69 1.23 14.28
C PRO A 101 6.65 1.28 13.08
N GLY A 102 6.55 0.30 12.15
CA GLY A 102 7.35 0.16 10.94
C GLY A 102 6.54 0.56 9.76
N ARG A 103 6.08 1.83 9.77
CA ARG A 103 5.22 2.39 8.75
C ARG A 103 5.82 3.57 8.01
N LEU A 104 5.38 3.66 6.73
CA LEU A 104 5.73 4.62 5.70
C LEU A 104 4.47 5.38 5.29
N GLU A 105 4.57 6.71 5.00
CA GLU A 105 3.49 7.55 4.54
C GLU A 105 4.06 8.23 3.31
N ILE A 106 3.47 7.99 2.12
CA ILE A 106 3.90 8.45 0.81
C ILE A 106 2.68 8.96 0.08
N THR A 107 2.73 10.07 -0.71
CA THR A 107 1.50 10.65 -1.29
C THR A 107 1.80 10.90 -2.73
N ASP A 108 1.00 10.37 -3.68
CA ASP A 108 1.26 10.34 -5.08
C ASP A 108 -0.11 10.43 -5.68
N GLY A 109 -0.20 10.79 -6.98
CA GLY A 109 -1.45 10.71 -7.75
C GLY A 109 -2.39 11.90 -7.61
N ASN A 110 -2.78 12.05 -6.32
CA ASN A 110 -3.77 12.81 -5.59
C ASN A 110 -3.93 12.13 -4.19
N LEU A 111 -3.70 10.76 -4.07
CA LEU A 111 -3.84 9.84 -2.93
C LEU A 111 -2.80 9.73 -1.88
N TRP A 112 -3.27 9.67 -0.61
CA TRP A 112 -2.48 9.47 0.57
C TRP A 112 -2.43 7.93 0.75
N LEU A 113 -1.28 7.27 0.37
CA LEU A 113 -1.07 5.83 0.52
C LEU A 113 -0.31 5.68 1.89
N GLY A 114 -0.76 4.77 2.78
CA GLY A 114 -0.09 4.43 4.03
C GLY A 114 0.36 2.99 3.89
N PHE A 115 1.66 2.64 4.12
CA PHE A 115 2.18 1.28 4.01
C PHE A 115 2.73 0.98 5.40
N THR A 116 2.53 -0.26 5.92
CA THR A 116 3.00 -0.64 7.23
C THR A 116 3.63 -1.94 6.93
N VAL A 117 4.84 -2.27 7.48
CA VAL A 117 5.43 -3.62 7.43
C VAL A 117 4.61 -4.55 8.27
N CYS A 118 4.82 -5.86 8.05
CA CYS A 118 4.33 -6.96 8.87
C CYS A 118 4.35 -6.73 10.41
N LYS A 119 3.21 -6.38 11.01
CA LYS A 119 3.11 -5.90 12.40
C LYS A 119 3.40 -6.88 13.55
N PRO A 120 3.00 -8.16 13.60
CA PRO A 120 3.29 -9.05 14.75
C PRO A 120 4.49 -9.97 14.44
N ASN A 121 5.71 -9.44 14.13
CA ASN A 121 6.90 -10.21 13.73
C ASN A 121 7.97 -9.19 13.34
N GLU A 122 9.12 -9.69 12.82
CA GLU A 122 9.97 -9.01 11.93
C GLU A 122 10.73 -10.06 11.15
N LYS A 123 11.74 -10.63 11.81
CA LYS A 123 12.80 -11.55 11.50
C LYS A 123 13.81 -11.11 10.42
N PHE A 124 13.29 -10.33 9.47
CA PHE A 124 13.86 -9.71 8.31
C PHE A 124 13.95 -8.21 8.50
N LYS A 125 13.82 -7.51 7.35
CA LYS A 125 13.71 -6.08 7.16
C LYS A 125 12.25 -5.78 6.95
N ASP A 126 11.62 -6.46 5.97
CA ASP A 126 10.20 -6.45 5.71
C ASP A 126 9.73 -7.47 4.66
N PRO A 127 9.02 -8.62 4.96
CA PRO A 127 8.49 -9.51 3.94
C PRO A 127 7.00 -9.78 3.92
N SER A 128 6.28 -8.89 4.55
CA SER A 128 4.87 -8.66 4.34
C SER A 128 4.73 -7.21 4.58
N LEU A 129 3.69 -6.58 3.94
CA LEU A 129 3.19 -5.29 4.34
C LEU A 129 1.91 -5.72 5.06
N GLN A 130 1.57 -5.20 6.26
CA GLN A 130 0.42 -5.73 7.00
C GLN A 130 -0.41 -4.55 7.37
N CYS A 131 -1.11 -4.00 6.35
CA CYS A 131 -1.92 -2.77 6.44
C CYS A 131 -1.30 -1.87 5.40
N ARG A 132 -1.66 -2.13 4.11
CA ARG A 132 -1.35 -1.27 2.99
C ARG A 132 -2.67 -0.53 2.75
N MET A 133 -2.70 0.78 3.08
CA MET A 133 -3.85 1.66 3.06
C MET A 133 -3.76 2.65 1.91
N ALA A 134 -4.88 2.85 1.18
CA ALA A 134 -5.04 3.78 0.08
C ALA A 134 -6.28 4.64 0.28
N ILE A 135 -6.15 5.99 0.45
CA ILE A 135 -7.30 6.92 0.53
C ILE A 135 -6.99 8.12 -0.35
N ILE A 136 -7.96 8.52 -1.17
CA ILE A 136 -7.88 9.53 -2.22
C ILE A 136 -8.87 10.64 -2.01
N ASN A 137 -8.98 11.46 -3.09
CA ASN A 137 -9.77 12.61 -3.48
C ASN A 137 -9.41 12.93 -4.87
N SER A 138 -9.99 14.06 -5.25
CA SER A 138 -10.10 14.61 -6.58
C SER A 138 -11.34 15.46 -6.52
N ARG A 139 -12.38 14.78 -5.98
CA ARG A 139 -13.74 15.13 -6.22
C ARG A 139 -14.56 15.15 -4.94
N ARG A 140 -14.92 13.94 -4.51
CA ARG A 140 -15.91 13.56 -3.53
C ARG A 140 -15.46 13.07 -2.18
N LEU A 141 -14.18 12.64 -2.15
CA LEU A 141 -13.51 11.82 -1.20
C LEU A 141 -12.98 12.57 0.04
N PRO A 142 -12.74 11.90 1.18
CA PRO A 142 -12.42 12.54 2.48
C PRO A 142 -10.98 12.99 2.63
N GLY A 143 -10.13 12.10 2.12
CA GLY A 143 -8.73 12.18 1.79
C GLY A 143 -7.72 11.90 2.86
N LYS A 144 -7.30 12.99 3.53
CA LYS A 144 -6.15 13.13 4.40
C LYS A 144 -5.93 12.17 5.58
N ALA A 145 -5.18 11.07 5.30
CA ALA A 145 -4.88 9.99 6.22
C ALA A 145 -3.47 9.40 6.06
N SER A 146 -2.52 10.22 5.62
CA SER A 146 -1.10 10.00 5.39
C SER A 146 -0.70 11.32 4.79
N LYS A 147 0.61 11.73 4.73
CA LYS A 147 0.99 13.04 4.18
C LYS A 147 2.48 13.25 3.93
N ALA A 148 2.93 13.11 2.63
CA ALA A 148 4.32 13.19 2.23
C ALA A 148 4.47 13.08 0.69
N VAL A 149 4.28 14.19 -0.07
CA VAL A 149 4.29 14.36 -1.52
C VAL A 149 5.47 13.84 -2.40
N ILE A 150 5.16 12.78 -3.17
CA ILE A 150 5.95 12.04 -4.15
C ILE A 150 5.23 11.87 -5.51
N LYS A 151 5.96 11.91 -6.65
CA LYS A 151 5.61 11.29 -7.90
C LYS A 151 6.75 10.32 -8.00
N THR A 152 6.38 9.18 -8.61
CA THR A 152 6.69 7.87 -8.09
C THR A 152 8.09 7.30 -8.24
N GLN A 153 8.45 6.67 -7.10
CA GLN A 153 9.77 6.29 -6.64
C GLN A 153 10.27 4.87 -7.00
N MET A 1 -35.67 5.30 -3.40
CA MET A 1 -35.20 6.65 -3.70
C MET A 1 -34.19 6.54 -4.84
N THR A 2 -32.99 7.09 -4.60
CA THR A 2 -31.79 7.09 -5.45
C THR A 2 -31.14 5.70 -5.64
N ILE A 3 -31.06 5.23 -6.92
CA ILE A 3 -30.65 3.94 -7.53
C ILE A 3 -29.34 3.21 -7.08
N ASN A 4 -29.09 3.23 -5.76
CA ASN A 4 -28.03 2.62 -4.93
C ASN A 4 -27.87 1.10 -4.97
N THR A 5 -28.74 0.41 -5.73
CA THR A 5 -28.80 -1.00 -6.11
C THR A 5 -27.59 -1.42 -6.95
N GLU A 6 -27.42 -0.68 -8.09
CA GLU A 6 -26.32 -0.78 -9.05
C GLU A 6 -25.04 -0.15 -8.54
N VAL A 7 -25.18 0.67 -7.45
CA VAL A 7 -24.11 1.35 -6.70
C VAL A 7 -23.54 0.43 -5.62
N PHE A 8 -24.38 -0.45 -5.00
CA PHE A 8 -24.05 -1.52 -4.04
C PHE A 8 -23.25 -2.58 -4.74
N ILE A 9 -23.76 -2.91 -5.97
CA ILE A 9 -23.06 -3.67 -6.99
C ILE A 9 -21.73 -2.99 -7.40
N ARG A 10 -21.69 -1.64 -7.60
CA ARG A 10 -20.43 -0.89 -7.79
C ARG A 10 -19.42 -0.97 -6.62
N ARG A 11 -19.82 -0.73 -5.33
CA ARG A 11 -19.05 -1.02 -4.09
C ARG A 11 -18.58 -2.47 -3.80
N ASN A 12 -19.35 -3.48 -4.25
CA ASN A 12 -19.10 -4.94 -4.23
C ASN A 12 -18.13 -5.34 -5.31
N LYS A 13 -18.37 -4.85 -6.58
CA LYS A 13 -17.52 -4.92 -7.76
C LYS A 13 -16.21 -4.25 -7.47
N LEU A 14 -16.23 -3.25 -6.54
CA LEU A 14 -15.05 -2.64 -5.94
C LEU A 14 -14.35 -3.52 -4.95
N ARG A 15 -15.04 -4.25 -4.06
CA ARG A 15 -14.46 -5.34 -3.21
C ARG A 15 -13.77 -6.45 -4.07
N ARG A 16 -14.42 -6.84 -5.22
CA ARG A 16 -13.80 -7.64 -6.31
C ARG A 16 -12.59 -6.96 -7.05
N HIS A 17 -12.74 -5.64 -7.48
CA HIS A 17 -11.78 -4.70 -8.13
C HIS A 17 -10.54 -4.51 -7.25
N PHE A 18 -10.75 -4.28 -5.92
CA PHE A 18 -9.80 -4.15 -4.80
C PHE A 18 -8.95 -5.40 -4.67
N GLU A 19 -9.61 -6.61 -4.54
CA GLU A 19 -8.91 -7.88 -4.40
C GLU A 19 -8.21 -8.46 -5.63
N SER A 20 -8.89 -8.46 -6.81
CA SER A 20 -8.41 -8.96 -8.11
C SER A 20 -7.24 -8.14 -8.67
N GLU A 21 -7.33 -6.79 -8.52
CA GLU A 21 -6.26 -5.86 -8.83
C GLU A 21 -5.20 -5.85 -7.72
N PHE A 22 -5.52 -6.14 -6.40
CA PHE A 22 -4.51 -6.41 -5.34
C PHE A 22 -3.65 -7.62 -5.64
N ARG A 23 -4.22 -8.65 -6.35
CA ARG A 23 -3.49 -9.75 -6.99
C ARG A 23 -2.67 -9.25 -8.17
N GLN A 24 -3.15 -8.28 -9.01
CA GLN A 24 -2.28 -7.61 -10.00
C GLN A 24 -1.05 -6.87 -9.46
N ILE A 25 -1.22 -6.05 -8.40
CA ILE A 25 -0.12 -5.36 -7.73
C ILE A 25 0.76 -6.31 -6.95
N ASN A 26 0.18 -7.27 -6.13
CA ASN A 26 0.97 -8.26 -5.39
C ASN A 26 1.63 -9.33 -6.29
N ASN A 27 1.07 -9.59 -7.53
CA ASN A 27 1.74 -10.39 -8.59
C ASN A 27 2.93 -9.61 -9.13
N GLU A 28 2.84 -8.28 -9.46
CA GLU A 28 3.97 -7.50 -9.88
C GLU A 28 5.03 -7.33 -8.83
N ILE A 29 4.63 -7.19 -7.53
CA ILE A 29 5.52 -7.20 -6.37
C ILE A 29 6.25 -8.49 -6.18
N ARG A 30 5.60 -9.69 -6.19
CA ARG A 30 6.36 -10.94 -6.08
C ARG A 30 7.24 -11.27 -7.29
N GLU A 31 6.88 -10.83 -8.53
CA GLU A 31 7.64 -11.03 -9.76
C GLU A 31 8.81 -10.11 -9.80
N ALA A 32 8.56 -8.81 -9.46
CA ALA A 32 9.58 -7.78 -9.41
C ALA A 32 10.54 -7.90 -8.27
N SER A 33 10.01 -8.27 -7.07
CA SER A 33 10.79 -8.47 -5.85
C SER A 33 11.64 -9.71 -5.96
N LYS A 34 11.10 -10.81 -6.58
CA LYS A 34 11.93 -11.97 -7.01
C LYS A 34 12.95 -11.67 -8.10
N ALA A 35 12.52 -10.97 -9.18
CA ALA A 35 13.33 -10.55 -10.31
C ALA A 35 14.38 -9.50 -10.00
N ALA A 36 14.14 -8.57 -9.01
CA ALA A 36 15.15 -7.68 -8.47
C ALA A 36 16.16 -8.38 -7.53
N GLY A 37 15.87 -9.64 -7.05
CA GLY A 37 16.86 -10.45 -6.31
C GLY A 37 16.72 -10.35 -4.82
N VAL A 38 15.53 -9.89 -4.36
CA VAL A 38 15.23 -9.63 -2.97
C VAL A 38 14.07 -10.54 -2.62
N SER A 39 13.70 -10.50 -1.32
CA SER A 39 12.65 -11.15 -0.59
C SER A 39 11.23 -11.02 -1.11
N SER A 40 10.38 -11.93 -0.61
CA SER A 40 8.98 -12.05 -0.97
C SER A 40 8.20 -11.25 0.00
N PHE A 41 7.57 -10.13 -0.46
CA PHE A 41 6.76 -9.30 0.40
C PHE A 41 5.32 -9.36 -0.03
N HIS A 42 4.37 -9.32 0.94
CA HIS A 42 2.93 -9.40 0.71
C HIS A 42 2.20 -8.15 1.15
N LEU A 43 0.96 -8.00 0.66
CA LEU A 43 0.10 -6.83 0.85
C LEU A 43 -1.24 -7.13 1.50
N LYS A 44 -1.54 -6.47 2.68
CA LYS A 44 -2.83 -6.50 3.35
C LYS A 44 -3.30 -5.06 3.46
N TYR A 45 -4.61 -4.86 3.69
CA TYR A 45 -5.23 -3.59 4.03
C TYR A 45 -5.80 -3.75 5.43
N SER A 46 -6.28 -2.62 6.00
CA SER A 46 -7.24 -2.64 7.11
C SER A 46 -8.58 -2.46 6.40
N GLN A 47 -9.51 -3.44 6.49
CA GLN A 47 -10.80 -3.42 5.78
C GLN A 47 -11.89 -2.53 6.42
N ALA A 48 -11.71 -1.98 7.66
CA ALA A 48 -12.55 -0.98 8.35
C ALA A 48 -12.28 0.44 7.79
N LEU A 49 -10.97 0.66 7.50
CA LEU A 49 -10.39 1.77 6.74
C LEU A 49 -10.84 1.74 5.29
N LEU A 50 -11.01 0.49 4.77
CA LEU A 50 -11.69 0.22 3.53
C LEU A 50 -13.19 0.33 3.65
N ASP A 51 -13.85 0.10 4.82
CA ASP A 51 -15.29 0.37 5.04
C ASP A 51 -15.58 1.86 4.75
N ARG A 52 -14.54 2.74 5.01
CA ARG A 52 -14.48 4.03 4.36
C ARG A 52 -13.97 4.10 2.91
N ALA A 53 -12.77 3.63 2.42
CA ALA A 53 -12.44 3.77 0.96
C ALA A 53 -13.35 3.07 -0.08
N ILE A 54 -13.97 1.92 0.29
CA ILE A 54 -14.94 1.16 -0.46
C ILE A 54 -16.27 1.88 -0.60
N GLN A 55 -16.84 2.48 0.49
CA GLN A 55 -18.08 3.24 0.36
C GLN A 55 -18.03 4.78 0.35
N ARG A 56 -16.95 5.48 0.83
CA ARG A 56 -16.93 6.96 0.84
C ARG A 56 -16.35 7.53 -0.44
N GLU A 57 -15.82 6.60 -1.28
CA GLU A 57 -15.13 6.85 -2.53
C GLU A 57 -15.80 6.05 -3.62
N ILE A 58 -15.73 4.69 -3.52
CA ILE A 58 -16.31 3.66 -4.44
C ILE A 58 -15.59 3.59 -5.80
N ASP A 59 -15.50 2.37 -6.43
CA ASP A 59 -14.79 2.02 -7.71
C ASP A 59 -13.31 2.31 -7.68
N GLU A 60 -12.93 3.60 -7.52
CA GLU A 60 -11.63 4.28 -7.46
C GLU A 60 -10.55 3.59 -8.25
N THR A 61 -10.77 3.48 -9.58
CA THR A 61 -9.95 2.74 -10.52
C THR A 61 -8.66 3.45 -10.93
N TYR A 62 -8.67 4.71 -10.51
CA TYR A 62 -7.64 5.73 -10.36
C TYR A 62 -6.67 5.35 -9.21
N VAL A 63 -7.24 4.67 -8.16
CA VAL A 63 -6.62 4.20 -6.91
C VAL A 63 -5.65 3.09 -7.23
N PHE A 64 -6.17 2.22 -8.12
CA PHE A 64 -5.54 1.17 -8.92
C PHE A 64 -4.53 1.72 -9.91
N GLU A 65 -4.79 2.83 -10.67
CA GLU A 65 -3.81 3.51 -11.55
C GLU A 65 -2.57 4.04 -10.82
N LEU A 66 -2.77 4.70 -9.66
CA LEU A 66 -1.79 5.13 -8.66
C LEU A 66 -0.97 3.96 -8.07
N PHE A 67 -1.59 2.84 -7.56
CA PHE A 67 -0.86 1.66 -7.05
C PHE A 67 -0.29 0.74 -8.12
N HIS A 68 -0.81 0.89 -9.37
CA HIS A 68 -0.28 0.34 -10.60
C HIS A 68 0.87 1.19 -11.13
N LYS A 69 1.02 2.46 -10.64
CA LYS A 69 2.31 3.14 -10.77
C LYS A 69 3.27 2.74 -9.61
N ILE A 70 2.79 2.60 -8.32
CA ILE A 70 3.55 2.14 -7.10
C ILE A 70 4.16 0.71 -7.23
N LYS A 71 3.57 -0.16 -8.10
CA LYS A 71 3.98 -1.51 -8.49
C LYS A 71 5.31 -1.66 -9.19
N ASP A 72 5.90 -0.54 -9.61
CA ASP A 72 7.09 -0.46 -10.42
C ASP A 72 8.31 -0.42 -9.54
N HIS A 73 8.08 0.30 -8.41
CA HIS A 73 8.97 0.81 -7.41
C HIS A 73 9.30 -0.10 -6.29
N VAL A 74 9.15 -1.41 -6.64
CA VAL A 74 9.70 -2.59 -5.99
C VAL A 74 11.15 -2.43 -5.56
N LEU A 75 12.00 -1.64 -6.27
CA LEU A 75 13.35 -1.24 -5.91
C LEU A 75 13.46 -0.35 -4.66
N GLU A 76 12.56 0.64 -4.39
CA GLU A 76 12.55 1.34 -3.08
C GLU A 76 11.95 0.53 -1.94
N VAL A 77 10.90 -0.30 -2.23
CA VAL A 77 10.33 -1.25 -1.24
C VAL A 77 11.27 -2.46 -0.90
N ASN A 78 12.11 -2.84 -1.90
CA ASN A 78 13.25 -3.79 -1.88
C ASN A 78 14.36 -3.25 -0.98
N GLU A 79 14.68 -1.93 -1.12
CA GLU A 79 15.60 -1.17 -0.27
C GLU A 79 15.09 -1.03 1.17
N PHE A 80 13.73 -1.00 1.36
CA PHE A 80 13.11 -1.09 2.69
C PHE A 80 13.12 -2.51 3.32
N LEU A 81 13.09 -3.63 2.51
CA LEU A 81 13.33 -5.00 2.99
C LEU A 81 14.82 -5.37 3.24
N SER A 82 15.75 -5.04 2.32
CA SER A 82 17.18 -5.43 2.20
C SER A 82 18.20 -4.96 3.23
N MET A 83 17.72 -4.24 4.27
CA MET A 83 18.45 -3.69 5.40
C MET A 83 18.79 -4.76 6.46
N PRO A 84 19.69 -4.55 7.47
CA PRO A 84 20.00 -5.51 8.55
C PRO A 84 18.74 -5.94 9.36
N PRO A 85 18.52 -7.20 9.84
CA PRO A 85 17.19 -7.76 10.17
C PRO A 85 16.35 -7.03 11.21
N ARG A 86 15.01 -7.24 11.20
CA ARG A 86 14.07 -6.74 12.22
C ARG A 86 14.08 -7.25 13.72
N PRO A 87 14.89 -8.14 14.37
CA PRO A 87 14.70 -8.73 15.71
C PRO A 87 14.45 -7.88 16.97
N ASP A 88 13.91 -8.60 17.98
CA ASP A 88 13.40 -8.36 19.33
C ASP A 88 14.16 -7.44 20.26
N ILE A 89 15.47 -7.39 19.98
CA ILE A 89 16.51 -6.63 20.64
C ILE A 89 16.42 -5.15 20.49
N ASP A 90 16.07 -4.86 19.25
CA ASP A 90 15.88 -3.65 18.48
C ASP A 90 17.06 -2.68 18.44
N GLU A 91 18.01 -2.83 19.39
CA GLU A 91 19.23 -2.07 19.52
C GLU A 91 20.44 -2.77 18.94
N ASP A 92 20.35 -4.10 18.74
CA ASP A 92 21.45 -4.92 18.30
C ASP A 92 21.20 -5.48 16.93
N PHE A 93 20.08 -5.09 16.31
CA PHE A 93 19.69 -5.59 14.98
C PHE A 93 19.47 -4.58 13.89
N ILE A 94 18.43 -3.78 14.08
CA ILE A 94 17.95 -2.73 13.19
C ILE A 94 18.76 -1.47 13.26
N ASP A 95 18.96 -0.95 12.05
CA ASP A 95 19.87 0.16 11.75
C ASP A 95 19.27 1.14 10.78
N GLY A 96 18.33 0.63 9.93
CA GLY A 96 17.52 1.42 9.01
C GLY A 96 16.20 1.72 9.64
N VAL A 97 15.94 1.13 10.84
CA VAL A 97 14.79 1.37 11.66
C VAL A 97 15.34 2.06 12.90
N GLU A 98 14.99 3.33 13.11
CA GLU A 98 15.47 4.22 14.16
C GLU A 98 14.81 4.06 15.55
N TYR A 99 14.63 2.80 15.99
CA TYR A 99 14.07 2.31 17.28
C TYR A 99 12.53 2.37 17.39
N ARG A 100 11.90 3.25 16.57
CA ARG A 100 10.49 3.54 16.41
C ARG A 100 9.86 2.60 15.36
N PRO A 101 8.51 2.53 15.19
CA PRO A 101 7.80 1.69 14.21
C PRO A 101 8.18 1.77 12.71
N GLY A 102 7.89 0.67 11.98
CA GLY A 102 8.16 0.48 10.56
C GLY A 102 7.02 0.90 9.67
N ARG A 103 6.57 2.16 9.85
CA ARG A 103 5.51 2.79 9.09
C ARG A 103 5.99 4.02 8.35
N LEU A 104 5.38 4.24 7.16
CA LEU A 104 5.70 5.29 6.21
C LEU A 104 4.43 5.89 5.58
N GLU A 105 4.45 7.19 5.18
CA GLU A 105 3.37 7.94 4.58
C GLU A 105 3.96 8.59 3.35
N ILE A 106 3.29 8.47 2.19
CA ILE A 106 3.70 9.03 0.93
C ILE A 106 2.47 9.67 0.32
N THR A 107 2.61 10.87 -0.30
CA THR A 107 1.49 11.49 -1.03
C THR A 107 1.74 11.25 -2.51
N ASP A 108 0.98 10.35 -3.14
CA ASP A 108 1.26 9.86 -4.45
C ASP A 108 -0.08 9.74 -5.07
N GLY A 109 -0.16 10.05 -6.38
CA GLY A 109 -1.35 9.97 -7.22
C GLY A 109 -2.23 11.22 -7.07
N ASN A 110 -2.07 11.94 -5.91
CA ASN A 110 -2.79 13.02 -5.23
C ASN A 110 -3.32 12.53 -3.85
N LEU A 111 -3.22 11.21 -3.60
CA LEU A 111 -3.60 10.33 -2.49
C LEU A 111 -2.74 10.29 -1.28
N TRP A 112 -3.35 10.27 -0.08
CA TRP A 112 -2.63 10.06 1.15
C TRP A 112 -2.67 8.55 1.33
N LEU A 113 -1.54 7.88 0.91
CA LEU A 113 -1.37 6.46 1.09
C LEU A 113 -0.33 6.21 2.18
N GLY A 114 -0.72 5.52 3.28
CA GLY A 114 0.19 5.15 4.38
C GLY A 114 0.45 3.66 4.31
N PHE A 115 1.73 3.15 4.39
CA PHE A 115 2.04 1.73 4.37
C PHE A 115 2.65 1.48 5.76
N THR A 116 2.43 0.30 6.38
CA THR A 116 3.02 -0.02 7.68
C THR A 116 3.45 -1.43 7.55
N VAL A 117 4.75 -1.77 7.80
CA VAL A 117 5.25 -3.14 7.78
C VAL A 117 4.91 -3.88 9.06
N CYS A 118 4.62 -5.21 8.95
CA CYS A 118 4.09 -6.17 9.94
C CYS A 118 3.90 -5.72 11.38
N LYS A 119 2.73 -5.09 11.68
CA LYS A 119 2.25 -4.55 12.98
C LYS A 119 2.49 -5.44 14.22
N PRO A 120 2.14 -6.77 14.19
CA PRO A 120 2.74 -7.77 15.08
C PRO A 120 4.03 -8.30 14.38
N ASN A 121 5.22 -7.66 14.64
CA ASN A 121 6.57 -7.87 14.07
C ASN A 121 7.14 -9.29 13.98
N GLU A 122 7.40 -9.75 12.71
CA GLU A 122 7.85 -11.03 12.24
C GLU A 122 9.34 -11.36 12.23
N LYS A 123 10.17 -10.35 12.53
CA LYS A 123 11.59 -10.30 12.68
C LYS A 123 12.50 -10.82 11.56
N PHE A 124 12.16 -10.39 10.33
CA PHE A 124 12.83 -10.83 9.11
C PHE A 124 12.70 -9.87 7.98
N LYS A 125 13.50 -10.19 6.91
CA LYS A 125 13.53 -9.54 5.61
C LYS A 125 12.97 -10.50 4.55
N ASP A 126 11.64 -10.60 4.57
CA ASP A 126 10.59 -11.27 3.83
C ASP A 126 9.18 -10.85 4.36
N PRO A 127 8.82 -9.54 4.53
CA PRO A 127 7.66 -9.12 5.32
C PRO A 127 6.44 -8.81 4.50
N SER A 128 5.40 -8.39 5.20
CA SER A 128 4.15 -7.96 4.62
C SER A 128 3.88 -6.58 5.15
N LEU A 129 2.94 -5.85 4.50
CA LEU A 129 2.50 -4.53 4.91
C LEU A 129 1.16 -4.89 5.56
N GLN A 130 0.93 -4.40 6.79
CA GLN A 130 -0.18 -4.84 7.65
C GLN A 130 -1.12 -3.68 7.68
N CYS A 131 -1.54 -3.34 6.42
CA CYS A 131 -2.28 -2.15 6.04
C CYS A 131 -1.40 -1.40 5.05
N ARG A 132 -1.98 -1.24 3.84
CA ARG A 132 -1.60 -0.24 2.85
C ARG A 132 -2.88 0.56 2.88
N MET A 133 -2.84 1.79 3.45
CA MET A 133 -3.98 2.68 3.63
C MET A 133 -4.02 3.60 2.46
N ALA A 134 -5.10 3.62 1.65
CA ALA A 134 -5.15 4.52 0.50
C ALA A 134 -6.44 5.31 0.57
N ILE A 135 -6.36 6.66 0.75
CA ILE A 135 -7.53 7.57 0.85
C ILE A 135 -7.12 8.84 0.12
N ILE A 136 -8.07 9.50 -0.58
CA ILE A 136 -7.81 10.53 -1.59
C ILE A 136 -8.47 11.89 -1.45
N ASN A 137 -8.10 12.76 -2.43
CA ASN A 137 -8.68 13.99 -2.90
C ASN A 137 -8.59 13.70 -4.41
N SER A 138 -9.78 13.63 -5.05
CA SER A 138 -10.01 13.25 -6.43
C SER A 138 -11.42 13.69 -6.69
N ARG A 139 -12.42 13.13 -5.94
CA ARG A 139 -13.83 13.50 -6.21
C ARG A 139 -14.52 12.53 -7.14
N ARG A 140 -15.72 12.20 -6.60
CA ARG A 140 -16.53 11.01 -6.54
C ARG A 140 -16.67 10.88 -4.99
N LEU A 141 -15.50 11.15 -4.32
CA LEU A 141 -15.10 11.35 -2.93
C LEU A 141 -14.70 12.68 -2.22
N PRO A 142 -14.85 12.81 -0.87
CA PRO A 142 -14.43 13.98 -0.09
C PRO A 142 -13.07 13.87 0.59
N GLY A 143 -12.65 12.59 0.80
CA GLY A 143 -11.63 11.93 1.63
C GLY A 143 -10.77 12.75 2.59
N LYS A 144 -9.64 13.25 2.06
CA LYS A 144 -8.67 14.14 2.69
C LYS A 144 -8.07 14.94 1.55
N ALA A 145 -7.98 16.28 1.71
CA ALA A 145 -7.49 17.22 0.70
C ALA A 145 -6.21 17.95 1.05
N SER A 146 -5.17 17.81 0.17
CA SER A 146 -3.83 18.40 0.20
C SER A 146 -3.25 17.71 -1.02
N LYS A 147 -2.08 18.10 -1.63
CA LYS A 147 -1.59 17.37 -2.82
C LYS A 147 -0.14 16.98 -2.78
N ALA A 148 0.84 17.88 -3.07
CA ALA A 148 2.27 17.62 -2.91
C ALA A 148 2.96 16.59 -3.87
N VAL A 149 4.32 16.33 -3.83
CA VAL A 149 5.03 15.51 -4.82
C VAL A 149 5.99 14.42 -4.26
N ILE A 150 5.67 13.14 -4.58
CA ILE A 150 6.29 11.84 -4.34
C ILE A 150 6.35 11.07 -5.66
N LYS A 151 7.37 10.20 -5.74
CA LYS A 151 7.80 9.21 -6.71
C LYS A 151 6.84 8.06 -6.55
N THR A 152 6.51 7.17 -7.50
CA THR A 152 5.52 6.17 -7.02
C THR A 152 6.26 5.02 -6.37
N GLN A 153 6.40 5.14 -5.03
CA GLN A 153 7.32 4.46 -4.09
C GLN A 153 7.42 2.94 -3.85
N MET A 1 -31.81 7.29 2.03
CA MET A 1 -32.10 5.92 1.63
C MET A 1 -31.72 5.73 0.16
N THR A 2 -30.45 6.12 -0.19
CA THR A 2 -29.88 6.21 -1.54
C THR A 2 -29.58 4.92 -2.27
N ILE A 3 -30.68 4.14 -2.57
CA ILE A 3 -30.89 2.88 -3.30
C ILE A 3 -29.72 1.92 -3.25
N ASN A 4 -29.36 1.71 -1.97
CA ASN A 4 -28.21 1.03 -1.36
C ASN A 4 -27.85 -0.38 -1.81
N THR A 5 -28.74 -0.98 -2.62
CA THR A 5 -28.70 -2.16 -3.45
C THR A 5 -27.60 -2.05 -4.52
N GLU A 6 -27.62 -0.89 -5.26
CA GLU A 6 -26.69 -0.59 -6.34
C GLU A 6 -25.33 -0.07 -5.87
N VAL A 7 -25.29 0.38 -4.58
CA VAL A 7 -24.18 0.90 -3.80
C VAL A 7 -23.37 -0.26 -3.27
N PHE A 8 -24.09 -1.34 -2.83
CA PHE A 8 -23.61 -2.64 -2.39
C PHE A 8 -22.94 -3.37 -3.54
N ILE A 9 -23.63 -3.38 -4.71
CA ILE A 9 -23.08 -3.77 -6.02
C ILE A 9 -21.83 -2.95 -6.42
N ARG A 10 -21.83 -1.61 -6.20
CA ARG A 10 -20.67 -0.71 -6.35
C ARG A 10 -19.47 -1.06 -5.41
N ARG A 11 -19.68 -1.24 -4.08
CA ARG A 11 -18.76 -1.82 -3.07
C ARG A 11 -18.30 -3.29 -3.27
N ASN A 12 -19.11 -4.12 -3.96
CA ASN A 12 -18.92 -5.52 -4.38
C ASN A 12 -18.02 -5.62 -5.58
N LYS A 13 -18.35 -4.81 -6.65
CA LYS A 13 -17.55 -4.51 -7.85
C LYS A 13 -16.23 -3.92 -7.46
N LEU A 14 -16.25 -3.21 -6.29
CA LEU A 14 -15.05 -2.83 -5.54
C LEU A 14 -14.30 -4.01 -4.94
N ARG A 15 -14.90 -5.00 -4.20
CA ARG A 15 -14.21 -6.24 -3.76
C ARG A 15 -13.62 -7.08 -4.93
N ARG A 16 -14.36 -7.19 -6.08
CA ARG A 16 -13.84 -7.73 -7.35
C ARG A 16 -12.65 -6.93 -7.97
N HIS A 17 -12.82 -5.57 -8.16
CA HIS A 17 -11.83 -4.57 -8.64
C HIS A 17 -10.57 -4.51 -7.74
N PHE A 18 -10.77 -4.42 -6.39
CA PHE A 18 -9.76 -4.46 -5.31
C PHE A 18 -8.90 -5.70 -5.30
N GLU A 19 -9.52 -6.90 -5.24
CA GLU A 19 -8.81 -8.16 -5.15
C GLU A 19 -8.15 -8.62 -6.43
N SER A 20 -8.79 -8.36 -7.61
CA SER A 20 -8.25 -8.68 -8.94
C SER A 20 -7.03 -7.83 -9.32
N GLU A 21 -7.08 -6.49 -9.05
CA GLU A 21 -5.98 -5.56 -9.19
C GLU A 21 -4.99 -5.65 -8.02
N PHE A 22 -5.39 -6.03 -6.76
CA PHE A 22 -4.42 -6.33 -5.67
C PHE A 22 -3.63 -7.59 -5.94
N ARG A 23 -4.20 -8.54 -6.75
CA ARG A 23 -3.45 -9.61 -7.41
C ARG A 23 -2.51 -9.01 -8.46
N GLN A 24 -2.93 -8.07 -9.35
CA GLN A 24 -1.96 -7.38 -10.23
C GLN A 24 -0.79 -6.63 -9.59
N ILE A 25 -1.03 -5.78 -8.54
CA ILE A 25 0.03 -5.08 -7.81
C ILE A 25 0.86 -6.05 -6.96
N ASN A 26 0.24 -7.03 -6.24
CA ASN A 26 1.02 -8.00 -5.48
C ASN A 26 1.73 -9.08 -6.32
N ASN A 27 1.23 -9.38 -7.57
CA ASN A 27 1.91 -10.18 -8.60
C ASN A 27 3.11 -9.41 -9.18
N GLU A 28 3.05 -8.04 -9.39
CA GLU A 28 4.19 -7.22 -9.74
C GLU A 28 5.23 -7.20 -8.63
N ILE A 29 4.84 -7.13 -7.32
CA ILE A 29 5.77 -7.26 -6.19
C ILE A 29 6.49 -8.58 -6.11
N ARG A 30 5.79 -9.71 -6.36
CA ARG A 30 6.35 -11.05 -6.44
C ARG A 30 7.41 -11.21 -7.54
N GLU A 31 7.10 -10.76 -8.80
CA GLU A 31 7.89 -10.86 -10.02
C GLU A 31 9.01 -9.88 -10.10
N ALA A 32 8.75 -8.64 -9.61
CA ALA A 32 9.73 -7.58 -9.61
C ALA A 32 10.72 -7.68 -8.49
N SER A 33 10.27 -8.28 -7.35
CA SER A 33 11.14 -8.59 -6.24
C SER A 33 11.93 -9.84 -6.52
N LYS A 34 11.36 -10.84 -7.27
CA LYS A 34 12.15 -11.94 -7.90
C LYS A 34 13.21 -11.47 -8.91
N ALA A 35 12.86 -10.43 -9.71
CA ALA A 35 13.69 -9.75 -10.68
C ALA A 35 14.72 -8.81 -10.02
N ALA A 36 14.38 -8.12 -8.88
CA ALA A 36 15.34 -7.41 -8.02
C ALA A 36 16.22 -8.37 -7.20
N GLY A 37 15.75 -9.63 -7.04
CA GLY A 37 16.45 -10.77 -6.44
C GLY A 37 16.22 -10.91 -4.97
N VAL A 38 15.17 -10.26 -4.42
CA VAL A 38 14.89 -10.22 -3.02
C VAL A 38 13.54 -10.84 -2.78
N SER A 39 13.51 -11.44 -1.58
CA SER A 39 12.52 -12.19 -0.81
C SER A 39 11.07 -12.24 -1.22
N SER A 40 10.48 -11.03 -1.28
CA SER A 40 9.07 -10.70 -1.48
C SER A 40 8.46 -10.36 -0.14
N PHE A 41 7.23 -9.87 -0.22
CA PHE A 41 6.39 -9.53 0.90
C PHE A 41 4.96 -9.70 0.43
N HIS A 42 4.01 -9.95 1.37
CA HIS A 42 2.58 -10.03 1.06
C HIS A 42 1.84 -8.93 1.79
N LEU A 43 1.08 -8.07 1.09
CA LEU A 43 0.39 -6.92 1.67
C LEU A 43 -1.05 -7.19 2.06
N LYS A 44 -1.59 -6.32 2.95
CA LYS A 44 -2.94 -6.35 3.47
C LYS A 44 -3.42 -4.91 3.48
N TYR A 45 -4.72 -4.65 3.14
CA TYR A 45 -5.42 -3.38 3.31
C TYR A 45 -6.42 -3.52 4.43
N SER A 46 -6.77 -2.40 5.09
CA SER A 46 -7.78 -2.33 6.18
C SER A 46 -9.14 -1.80 5.71
N GLN A 47 -10.19 -2.66 5.67
CA GLN A 47 -11.59 -2.54 5.21
C GLN A 47 -12.61 -1.74 6.01
N ALA A 48 -12.27 -1.27 7.23
CA ALA A 48 -13.02 -0.27 8.05
C ALA A 48 -12.70 1.17 7.53
N LEU A 49 -11.38 1.43 7.33
CA LEU A 49 -10.76 2.54 6.57
C LEU A 49 -11.21 2.50 5.13
N LEU A 50 -11.34 1.24 4.65
CA LEU A 50 -11.94 0.91 3.39
C LEU A 50 -13.45 1.05 3.43
N ASP A 51 -14.19 0.88 4.56
CA ASP A 51 -15.63 1.18 4.68
C ASP A 51 -15.89 2.69 4.37
N ARG A 52 -14.84 3.54 4.66
CA ARG A 52 -14.73 4.86 4.03
C ARG A 52 -14.30 4.88 2.53
N ALA A 53 -13.19 4.22 2.04
CA ALA A 53 -12.78 4.23 0.59
C ALA A 53 -13.78 3.61 -0.42
N ILE A 54 -14.56 2.63 0.09
CA ILE A 54 -15.58 1.76 -0.49
C ILE A 54 -16.87 2.48 -0.71
N GLN A 55 -17.31 3.38 0.22
CA GLN A 55 -18.48 4.19 -0.07
C GLN A 55 -18.12 5.57 -0.60
N ARG A 56 -16.94 6.12 -0.26
CA ARG A 56 -16.54 7.43 -0.76
C ARG A 56 -16.12 7.38 -2.23
N GLU A 57 -15.20 6.47 -2.60
CA GLU A 57 -14.63 6.35 -3.92
C GLU A 57 -15.03 5.12 -4.74
N ILE A 58 -16.02 4.35 -4.21
CA ILE A 58 -16.81 3.13 -4.65
C ILE A 58 -16.36 2.10 -5.69
N ASP A 59 -15.52 2.51 -6.60
CA ASP A 59 -14.82 1.83 -7.67
C ASP A 59 -13.39 1.81 -7.38
N GLU A 60 -12.82 2.98 -6.98
CA GLU A 60 -11.39 3.32 -6.88
C GLU A 60 -10.33 2.46 -7.54
N THR A 61 -10.56 2.31 -8.87
CA THR A 61 -9.74 1.67 -9.87
C THR A 61 -8.60 2.57 -10.30
N TYR A 62 -8.81 3.86 -9.99
CA TYR A 62 -7.94 5.03 -9.99
C TYR A 62 -6.82 4.91 -8.94
N VAL A 63 -7.17 4.26 -7.80
CA VAL A 63 -6.38 3.93 -6.60
C VAL A 63 -5.21 3.05 -6.98
N PHE A 64 -5.65 2.07 -7.81
CA PHE A 64 -4.95 1.09 -8.62
C PHE A 64 -4.10 1.71 -9.68
N GLU A 65 -4.57 2.70 -10.47
CA GLU A 65 -3.80 3.41 -11.50
C GLU A 65 -2.61 4.22 -10.97
N LEU A 66 -2.82 4.92 -9.85
CA LEU A 66 -1.85 5.61 -9.02
C LEU A 66 -0.82 4.66 -8.34
N PHE A 67 -1.26 3.55 -7.66
CA PHE A 67 -0.41 2.53 -6.99
C PHE A 67 0.24 1.49 -7.91
N HIS A 68 -0.32 1.42 -9.15
CA HIS A 68 0.20 0.80 -10.38
C HIS A 68 1.26 1.75 -10.95
N LYS A 69 1.17 3.09 -10.68
CA LYS A 69 2.36 3.96 -10.81
C LYS A 69 3.40 3.69 -9.68
N ILE A 70 3.00 3.36 -8.40
CA ILE A 70 3.78 3.00 -7.14
C ILE A 70 4.47 1.61 -7.09
N LYS A 71 4.10 0.81 -8.08
CA LYS A 71 4.44 -0.60 -8.37
C LYS A 71 5.84 -1.11 -8.62
N ASP A 72 6.81 -0.28 -9.11
CA ASP A 72 8.14 -0.66 -9.55
C ASP A 72 9.13 -0.32 -8.43
N HIS A 73 8.72 0.60 -7.50
CA HIS A 73 9.39 1.01 -6.26
C HIS A 73 9.22 -0.03 -5.13
N VAL A 74 8.79 -1.26 -5.57
CA VAL A 74 8.94 -2.58 -4.92
C VAL A 74 10.40 -2.83 -4.48
N LEU A 75 11.41 -2.22 -5.19
CA LEU A 75 12.84 -2.22 -4.89
C LEU A 75 13.21 -1.41 -3.62
N GLU A 76 12.41 -0.34 -3.33
CA GLU A 76 12.44 0.49 -2.12
C GLU A 76 11.79 -0.21 -0.92
N VAL A 77 10.65 -0.94 -1.15
CA VAL A 77 9.99 -1.82 -0.17
C VAL A 77 10.83 -3.10 0.11
N ASN A 78 11.62 -3.51 -0.91
CA ASN A 78 12.69 -4.50 -0.85
C ASN A 78 13.92 -4.07 -0.06
N GLU A 79 14.39 -2.78 -0.14
CA GLU A 79 15.44 -2.22 0.72
C GLU A 79 14.96 -2.09 2.18
N PHE A 80 13.62 -1.88 2.32
CA PHE A 80 12.79 -1.96 3.54
C PHE A 80 12.74 -3.42 4.11
N LEU A 81 12.72 -4.52 3.26
CA LEU A 81 12.88 -5.94 3.70
C LEU A 81 14.30 -6.30 4.11
N SER A 82 15.27 -5.88 3.26
CA SER A 82 16.71 -6.14 3.19
C SER A 82 17.58 -5.53 4.26
N MET A 83 17.35 -4.25 4.72
CA MET A 83 18.04 -3.87 5.95
C MET A 83 17.12 -3.34 7.09
N PRO A 84 16.93 -4.35 7.92
CA PRO A 84 16.75 -4.42 9.35
C PRO A 84 17.64 -5.68 9.67
N PRO A 85 17.83 -6.30 10.85
CA PRO A 85 18.76 -7.43 10.91
C PRO A 85 18.22 -8.86 10.57
N ARG A 86 19.04 -9.56 9.75
CA ARG A 86 19.26 -10.96 9.40
C ARG A 86 20.22 -11.77 10.33
N PRO A 87 21.26 -11.24 11.06
CA PRO A 87 22.27 -12.05 11.74
C PRO A 87 21.96 -12.57 13.13
N ASP A 88 22.74 -13.60 13.49
CA ASP A 88 22.82 -14.19 14.84
C ASP A 88 24.16 -13.83 15.49
N ILE A 89 25.09 -13.40 14.60
CA ILE A 89 26.50 -13.11 14.80
C ILE A 89 26.86 -11.66 15.03
N ASP A 90 28.18 -11.54 15.31
CA ASP A 90 28.93 -10.32 15.67
C ASP A 90 30.05 -10.02 14.69
N GLU A 91 30.35 -10.97 13.78
CA GLU A 91 31.43 -10.92 12.79
C GLU A 91 30.98 -10.69 11.37
N ASP A 92 29.84 -11.29 11.03
CA ASP A 92 29.15 -11.29 9.76
C ASP A 92 27.78 -10.68 9.99
N PHE A 93 27.72 -9.71 10.94
CA PHE A 93 26.56 -8.95 11.41
C PHE A 93 25.86 -8.00 10.42
N ILE A 94 25.50 -6.78 10.86
CA ILE A 94 24.86 -5.73 10.11
C ILE A 94 25.80 -4.55 9.93
N ASP A 95 25.70 -4.04 8.72
CA ASP A 95 26.57 -3.03 8.14
C ASP A 95 25.81 -2.10 7.21
N GLY A 96 24.66 -2.57 6.65
CA GLY A 96 23.78 -1.74 5.84
C GLY A 96 22.68 -1.16 6.68
N VAL A 97 22.60 -1.58 7.98
CA VAL A 97 21.59 -1.07 8.91
C VAL A 97 22.05 0.28 9.50
N GLU A 98 21.58 1.28 8.75
CA GLU A 98 21.64 2.71 8.90
C GLU A 98 20.19 3.19 8.81
N TYR A 99 19.31 2.20 9.08
CA TYR A 99 17.85 2.07 8.98
C TYR A 99 16.84 3.22 9.13
N ARG A 100 15.65 2.98 8.53
CA ARG A 100 14.48 3.87 8.52
C ARG A 100 13.36 3.22 9.35
N PRO A 101 12.32 3.92 9.88
CA PRO A 101 11.19 3.33 10.63
C PRO A 101 10.19 2.60 9.73
N GLY A 102 9.42 1.64 10.32
CA GLY A 102 8.56 0.62 9.70
C GLY A 102 7.21 1.01 9.16
N ARG A 103 7.05 2.30 8.81
CA ARG A 103 5.86 2.84 8.19
C ARG A 103 6.31 3.86 7.16
N LEU A 104 5.60 3.85 6.01
CA LEU A 104 5.85 4.67 4.83
C LEU A 104 4.66 5.59 4.62
N GLU A 105 4.87 6.92 4.45
CA GLU A 105 3.83 7.92 4.26
C GLU A 105 4.27 8.69 3.04
N ILE A 106 3.55 8.54 1.90
CA ILE A 106 3.83 9.20 0.64
C ILE A 106 2.54 9.76 0.02
N THR A 107 2.57 10.98 -0.57
CA THR A 107 1.43 11.56 -1.32
C THR A 107 1.86 11.63 -2.79
N ASP A 108 1.04 11.08 -3.73
CA ASP A 108 1.24 10.92 -5.15
C ASP A 108 -0.14 11.27 -5.67
N GLY A 109 -0.42 11.13 -6.99
CA GLY A 109 -1.79 10.92 -7.50
C GLY A 109 -2.79 12.03 -7.58
N ASN A 110 -3.03 12.56 -6.35
CA ASN A 110 -4.24 13.09 -5.75
C ASN A 110 -4.35 12.36 -4.36
N LEU A 111 -3.79 11.12 -4.29
CA LEU A 111 -3.82 10.09 -3.26
C LEU A 111 -2.89 10.25 -2.06
N TRP A 112 -3.42 10.08 -0.83
CA TRP A 112 -2.67 9.93 0.39
C TRP A 112 -2.48 8.38 0.56
N LEU A 113 -1.26 7.83 0.22
CA LEU A 113 -0.89 6.43 0.39
C LEU A 113 -0.16 6.35 1.76
N GLY A 114 -0.65 5.53 2.72
CA GLY A 114 0.01 5.21 3.99
C GLY A 114 0.30 3.72 3.95
N PHE A 115 1.57 3.24 4.10
CA PHE A 115 1.93 1.81 4.13
C PHE A 115 2.52 1.59 5.52
N THR A 116 2.33 0.38 6.11
CA THR A 116 2.84 0.05 7.43
C THR A 116 3.44 -1.32 7.24
N VAL A 117 4.67 -1.58 7.73
CA VAL A 117 5.36 -2.88 7.66
C VAL A 117 5.06 -3.67 8.91
N CYS A 118 4.84 -5.03 8.72
CA CYS A 118 4.53 -6.11 9.68
C CYS A 118 4.55 -5.82 11.19
N LYS A 119 3.50 -5.07 11.60
CA LYS A 119 3.16 -4.42 12.87
C LYS A 119 3.36 -5.24 14.13
N PRO A 120 2.85 -6.47 14.35
CA PRO A 120 3.36 -7.41 15.37
C PRO A 120 4.78 -7.93 14.96
N ASN A 121 5.81 -7.04 15.05
CA ASN A 121 7.21 -7.17 14.63
C ASN A 121 8.07 -8.31 15.14
N GLU A 122 8.86 -8.77 14.16
CA GLU A 122 9.99 -9.63 14.16
C GLU A 122 10.57 -9.12 12.86
N LYS A 123 11.74 -8.46 12.88
CA LYS A 123 12.43 -7.75 11.81
C LYS A 123 13.05 -8.59 10.70
N PHE A 124 12.13 -9.39 10.14
CA PHE A 124 12.18 -10.34 9.02
C PHE A 124 12.62 -9.80 7.65
N LYS A 125 13.29 -10.68 6.84
CA LYS A 125 13.72 -10.41 5.48
C LYS A 125 12.86 -11.28 4.53
N ASP A 126 11.54 -11.19 4.79
CA ASP A 126 10.40 -11.79 4.09
C ASP A 126 9.10 -11.22 4.72
N PRO A 127 8.79 -9.90 4.67
CA PRO A 127 7.65 -9.24 5.31
C PRO A 127 6.26 -9.48 4.76
N SER A 128 5.38 -8.77 5.42
CA SER A 128 4.02 -8.55 5.03
C SER A 128 3.81 -7.07 5.33
N LEU A 129 2.87 -6.40 4.61
CA LEU A 129 2.50 -5.00 4.83
C LEU A 129 1.18 -5.16 5.55
N GLN A 130 0.99 -4.48 6.69
CA GLN A 130 -0.06 -4.94 7.61
C GLN A 130 -0.94 -3.77 7.88
N CYS A 131 -1.65 -3.33 6.80
CA CYS A 131 -2.53 -2.13 6.78
C CYS A 131 -1.79 -1.16 5.88
N ARG A 132 -2.04 -1.36 4.57
CA ARG A 132 -1.63 -0.54 3.45
C ARG A 132 -2.89 0.22 3.14
N MET A 133 -2.90 1.54 3.43
CA MET A 133 -4.01 2.45 3.34
C MET A 133 -3.78 3.33 2.13
N ALA A 134 -4.70 3.34 1.16
CA ALA A 134 -4.57 4.22 0.01
C ALA A 134 -5.89 4.93 -0.04
N ILE A 135 -5.91 6.27 0.19
CA ILE A 135 -7.16 7.05 0.23
C ILE A 135 -6.99 8.28 -0.59
N ILE A 136 -8.11 8.74 -1.16
CA ILE A 136 -8.19 9.87 -2.06
C ILE A 136 -9.28 10.82 -1.56
N ASN A 137 -9.44 11.90 -2.33
CA ASN A 137 -10.24 13.08 -2.06
C ASN A 137 -11.14 13.59 -3.21
N SER A 138 -12.46 13.72 -2.94
CA SER A 138 -13.58 14.21 -3.73
C SER A 138 -14.74 13.43 -3.19
N ARG A 139 -14.87 12.23 -3.76
CA ARG A 139 -15.99 11.26 -3.73
C ARG A 139 -15.68 10.59 -5.01
N ARG A 140 -15.95 9.33 -5.41
CA ARG A 140 -15.59 8.65 -6.72
C ARG A 140 -14.22 8.84 -7.46
N LEU A 141 -13.98 10.13 -7.60
CA LEU A 141 -13.13 11.19 -8.06
C LEU A 141 -13.02 11.46 -9.55
N PRO A 142 -13.14 12.76 -9.95
CA PRO A 142 -12.70 13.26 -11.26
C PRO A 142 -11.19 13.39 -11.33
N GLY A 143 -10.65 13.98 -10.26
CA GLY A 143 -9.26 14.19 -9.90
C GLY A 143 -8.82 15.64 -9.83
N LYS A 144 -8.29 16.06 -8.65
CA LYS A 144 -7.73 17.40 -8.41
C LYS A 144 -6.55 17.37 -7.46
N ALA A 145 -5.45 18.00 -7.90
CA ALA A 145 -4.17 18.15 -7.21
C ALA A 145 -3.26 19.05 -8.05
N SER A 146 -1.94 19.19 -7.71
CA SER A 146 -0.95 19.99 -8.42
C SER A 146 0.29 19.12 -8.56
N LYS A 147 1.43 19.75 -8.93
CA LYS A 147 2.73 19.13 -9.18
C LYS A 147 3.74 19.45 -8.10
N ALA A 148 3.45 18.87 -6.92
CA ALA A 148 4.11 19.17 -5.68
C ALA A 148 4.04 17.93 -4.80
N VAL A 149 4.04 16.73 -5.44
CA VAL A 149 3.84 15.43 -4.83
C VAL A 149 4.93 14.45 -5.26
N ILE A 150 4.70 13.14 -5.00
CA ILE A 150 5.41 11.92 -5.31
C ILE A 150 5.00 11.39 -6.67
N LYS A 151 6.00 10.75 -7.23
CA LYS A 151 6.46 10.12 -8.41
C LYS A 151 5.80 8.80 -8.60
N THR A 152 5.85 8.39 -9.89
CA THR A 152 5.53 7.01 -10.30
C THR A 152 6.80 6.22 -9.84
N GLN A 153 6.47 5.40 -8.89
CA GLN A 153 7.36 4.71 -8.05
C GLN A 153 7.67 3.33 -8.69
N MET A 1 -38.24 5.02 -5.71
CA MET A 1 -37.02 4.27 -5.42
C MET A 1 -35.96 4.73 -6.40
N THR A 2 -34.70 4.90 -5.91
CA THR A 2 -33.53 5.37 -6.63
C THR A 2 -32.72 4.24 -7.25
N ILE A 3 -31.54 4.58 -7.85
CA ILE A 3 -30.58 3.66 -8.45
C ILE A 3 -29.48 3.30 -7.44
N ASN A 4 -29.82 3.39 -6.14
CA ASN A 4 -29.00 3.11 -4.97
C ASN A 4 -29.08 1.66 -4.49
N THR A 5 -29.25 0.82 -5.51
CA THR A 5 -29.11 -0.60 -5.70
C THR A 5 -27.78 -0.83 -6.40
N GLU A 6 -27.64 -0.18 -7.60
CA GLU A 6 -26.47 -0.26 -8.48
C GLU A 6 -25.18 0.35 -7.94
N VAL A 7 -25.35 1.06 -6.80
CA VAL A 7 -24.36 1.75 -5.99
C VAL A 7 -23.63 0.78 -5.06
N PHE A 8 -24.42 -0.20 -4.54
CA PHE A 8 -24.13 -1.31 -3.67
C PHE A 8 -23.35 -2.33 -4.47
N ILE A 9 -23.89 -2.61 -5.71
CA ILE A 9 -23.22 -3.37 -6.77
C ILE A 9 -21.89 -2.71 -7.19
N ARG A 10 -21.82 -1.35 -7.37
CA ARG A 10 -20.52 -0.65 -7.54
C ARG A 10 -19.59 -0.72 -6.31
N ARG A 11 -19.98 -0.42 -5.03
CA ARG A 11 -19.13 -0.65 -3.83
C ARG A 11 -18.62 -2.09 -3.53
N ASN A 12 -19.37 -3.12 -3.95
CA ASN A 12 -19.09 -4.58 -3.95
C ASN A 12 -18.15 -4.99 -5.07
N LYS A 13 -18.47 -4.58 -6.35
CA LYS A 13 -17.64 -4.68 -7.57
C LYS A 13 -16.32 -3.94 -7.37
N LEU A 14 -16.38 -2.90 -6.49
CA LEU A 14 -15.23 -2.23 -5.94
C LEU A 14 -14.45 -3.05 -4.97
N ARG A 15 -15.11 -3.74 -4.02
CA ARG A 15 -14.48 -4.76 -3.13
C ARG A 15 -13.79 -5.91 -3.88
N ARG A 16 -14.43 -6.39 -5.00
CA ARG A 16 -13.81 -7.25 -6.02
C ARG A 16 -12.62 -6.62 -6.80
N HIS A 17 -12.78 -5.35 -7.35
CA HIS A 17 -11.77 -4.47 -8.02
C HIS A 17 -10.57 -4.22 -7.09
N PHE A 18 -10.86 -3.93 -5.80
CA PHE A 18 -9.98 -3.72 -4.64
C PHE A 18 -9.12 -4.94 -4.35
N GLU A 19 -9.76 -6.13 -4.15
CA GLU A 19 -9.02 -7.35 -3.82
C GLU A 19 -8.26 -8.04 -4.98
N SER A 20 -8.86 -8.09 -6.19
CA SER A 20 -8.34 -8.69 -7.45
C SER A 20 -7.23 -7.87 -8.06
N GLU A 21 -7.33 -6.51 -7.98
CA GLU A 21 -6.23 -5.63 -8.30
C GLU A 21 -5.20 -5.59 -7.15
N PHE A 22 -5.58 -5.81 -5.84
CA PHE A 22 -4.64 -6.03 -4.70
C PHE A 22 -3.75 -7.24 -4.88
N ARG A 23 -4.33 -8.29 -5.56
CA ARG A 23 -3.67 -9.45 -6.11
C ARG A 23 -2.76 -9.05 -7.24
N GLN A 24 -3.19 -8.18 -8.21
CA GLN A 24 -2.30 -7.58 -9.21
C GLN A 24 -1.12 -6.77 -8.66
N ILE A 25 -1.35 -6.00 -7.58
CA ILE A 25 -0.33 -5.23 -6.90
C ILE A 25 0.63 -6.13 -6.12
N ASN A 26 0.12 -7.14 -5.34
CA ASN A 26 1.01 -8.12 -4.67
C ASN A 26 1.67 -9.11 -5.63
N ASN A 27 1.07 -9.36 -6.83
CA ASN A 27 1.64 -10.09 -7.98
C ASN A 27 2.72 -9.22 -8.69
N GLU A 28 2.64 -7.84 -8.69
CA GLU A 28 3.66 -6.91 -9.20
C GLU A 28 4.81 -6.86 -8.25
N ILE A 29 4.56 -6.90 -6.90
CA ILE A 29 5.60 -7.12 -5.89
C ILE A 29 6.21 -8.50 -6.02
N ARG A 30 5.46 -9.63 -6.18
CA ARG A 30 6.04 -10.97 -6.40
C ARG A 30 7.00 -11.11 -7.59
N GLU A 31 6.63 -10.54 -8.77
CA GLU A 31 7.33 -10.58 -10.05
C GLU A 31 8.49 -9.64 -10.08
N ALA A 32 8.32 -8.42 -9.52
CA ALA A 32 9.34 -7.39 -9.51
C ALA A 32 10.35 -7.55 -8.41
N SER A 33 9.90 -8.11 -7.26
CA SER A 33 10.70 -8.40 -6.09
C SER A 33 11.55 -9.61 -6.37
N LYS A 34 11.00 -10.59 -7.15
CA LYS A 34 11.89 -11.64 -7.72
C LYS A 34 12.83 -11.19 -8.83
N ALA A 35 12.36 -10.25 -9.68
CA ALA A 35 13.11 -9.67 -10.78
C ALA A 35 14.19 -8.65 -10.37
N ALA A 36 13.99 -7.80 -9.31
CA ALA A 36 15.02 -6.93 -8.78
C ALA A 36 16.06 -7.67 -7.91
N GLY A 37 15.78 -8.94 -7.46
CA GLY A 37 16.79 -9.76 -6.77
C GLY A 37 16.71 -9.69 -5.28
N VAL A 38 15.58 -9.18 -4.74
CA VAL A 38 15.26 -9.10 -3.35
C VAL A 38 14.33 -10.25 -3.06
N SER A 39 13.96 -10.30 -1.78
CA SER A 39 12.87 -11.13 -1.25
C SER A 39 11.54 -10.43 -1.41
N SER A 40 10.53 -11.30 -1.42
CA SER A 40 9.12 -11.00 -1.54
C SER A 40 8.51 -10.86 -0.17
N PHE A 41 7.77 -9.74 0.01
CA PHE A 41 7.08 -9.28 1.20
C PHE A 41 5.60 -9.34 0.85
N HIS A 42 4.71 -9.52 1.87
CA HIS A 42 3.28 -9.79 1.68
C HIS A 42 2.38 -8.58 1.90
N LEU A 43 1.13 -8.64 1.39
CA LEU A 43 0.12 -7.56 1.49
C LEU A 43 -1.12 -8.05 2.17
N LYS A 44 -1.53 -7.44 3.33
CA LYS A 44 -2.81 -7.80 3.94
C LYS A 44 -3.57 -6.52 4.18
N TYR A 45 -4.92 -6.53 3.97
CA TYR A 45 -5.82 -5.44 4.29
C TYR A 45 -6.56 -5.76 5.60
N SER A 46 -6.91 -4.68 6.32
CA SER A 46 -7.84 -4.61 7.44
C SER A 46 -8.81 -3.56 6.93
N GLN A 47 -9.81 -4.03 6.14
CA GLN A 47 -10.76 -3.33 5.29
C GLN A 47 -11.55 -2.13 5.81
N ALA A 48 -11.62 -1.71 7.10
CA ALA A 48 -12.41 -0.56 7.60
C ALA A 48 -12.07 0.83 7.00
N LEU A 49 -10.75 1.06 6.76
CA LEU A 49 -10.21 2.20 6.03
C LEU A 49 -10.58 2.15 4.56
N LEU A 50 -10.46 0.95 3.98
CA LEU A 50 -10.82 0.58 2.62
C LEU A 50 -12.30 0.74 2.42
N ASP A 51 -13.13 0.38 3.44
CA ASP A 51 -14.57 0.58 3.60
C ASP A 51 -14.88 2.09 3.57
N ARG A 52 -13.96 2.99 4.08
CA ARG A 52 -13.98 4.41 3.76
C ARG A 52 -13.75 4.71 2.28
N ALA A 53 -12.75 4.12 1.59
CA ALA A 53 -12.52 4.28 0.14
C ALA A 53 -13.58 3.68 -0.82
N ILE A 54 -14.22 2.61 -0.29
CA ILE A 54 -15.29 1.76 -0.81
C ILE A 54 -16.59 2.49 -0.87
N GLN A 55 -16.91 3.34 0.15
CA GLN A 55 -18.06 4.23 0.04
C GLN A 55 -17.78 5.72 -0.17
N ARG A 56 -16.62 6.30 0.26
CA ARG A 56 -16.32 7.75 0.18
C ARG A 56 -15.77 8.18 -1.18
N GLU A 57 -15.26 7.20 -1.98
CA GLU A 57 -14.95 7.32 -3.37
C GLU A 57 -15.85 6.38 -4.15
N ILE A 58 -15.73 5.02 -4.02
CA ILE A 58 -16.48 4.03 -4.84
C ILE A 58 -15.89 3.94 -6.28
N ASP A 59 -15.72 2.70 -6.81
CA ASP A 59 -15.11 2.26 -8.12
C ASP A 59 -13.77 2.94 -8.46
N GLU A 60 -12.89 3.02 -7.44
CA GLU A 60 -11.55 3.58 -7.41
C GLU A 60 -10.52 2.75 -8.10
N THR A 61 -10.75 2.58 -9.41
CA THR A 61 -9.94 1.91 -10.39
C THR A 61 -8.77 2.76 -10.87
N TYR A 62 -8.91 4.09 -10.68
CA TYR A 62 -7.84 5.10 -10.80
C TYR A 62 -6.75 4.89 -9.73
N VAL A 63 -7.18 4.40 -8.53
CA VAL A 63 -6.41 4.15 -7.29
C VAL A 63 -5.26 3.22 -7.58
N PHE A 64 -5.73 2.17 -8.32
CA PHE A 64 -5.09 1.08 -9.03
C PHE A 64 -4.22 1.57 -10.15
N GLU A 65 -4.62 2.53 -11.00
CA GLU A 65 -3.80 3.08 -12.08
C GLU A 65 -2.57 3.89 -11.60
N LEU A 66 -2.77 4.75 -10.58
CA LEU A 66 -1.74 5.42 -9.79
C LEU A 66 -0.86 4.45 -8.98
N PHE A 67 -1.43 3.50 -8.17
CA PHE A 67 -0.61 2.62 -7.32
C PHE A 67 0.06 1.54 -8.12
N HIS A 68 -0.56 1.09 -9.25
CA HIS A 68 0.09 0.31 -10.33
C HIS A 68 1.18 1.12 -11.04
N LYS A 69 1.07 2.50 -11.09
CA LYS A 69 2.14 3.37 -11.59
C LYS A 69 3.28 3.53 -10.56
N ILE A 70 2.96 3.40 -9.24
CA ILE A 70 3.90 3.50 -8.10
C ILE A 70 4.59 2.20 -7.72
N LYS A 71 3.86 1.06 -7.64
CA LYS A 71 4.09 -0.36 -7.30
C LYS A 71 5.24 -1.11 -7.91
N ASP A 72 5.98 -0.36 -8.74
CA ASP A 72 7.35 -0.49 -9.18
C ASP A 72 8.27 -0.31 -7.94
N HIS A 73 7.75 0.41 -6.89
CA HIS A 73 8.13 0.83 -5.51
C HIS A 73 8.81 -0.16 -4.61
N VAL A 74 9.02 -1.37 -5.20
CA VAL A 74 9.75 -2.58 -4.89
C VAL A 74 11.10 -2.19 -4.50
N LEU A 75 11.76 -1.35 -5.31
CA LEU A 75 13.09 -0.78 -5.07
C LEU A 75 13.28 0.07 -3.78
N GLU A 76 12.20 0.72 -3.29
CA GLU A 76 12.09 1.44 -2.02
C GLU A 76 11.97 0.49 -0.81
N VAL A 77 11.02 -0.46 -0.91
CA VAL A 77 10.73 -1.55 0.04
C VAL A 77 11.91 -2.59 0.12
N ASN A 78 12.63 -2.73 -1.03
CA ASN A 78 13.89 -3.41 -1.33
C ASN A 78 15.10 -2.65 -0.81
N GLU A 79 15.13 -1.28 -0.76
CA GLU A 79 16.20 -0.50 -0.07
C GLU A 79 16.10 -0.71 1.44
N PHE A 80 14.84 -0.97 1.94
CA PHE A 80 14.65 -1.54 3.31
C PHE A 80 15.18 -3.01 3.48
N LEU A 81 14.86 -3.96 2.54
CA LEU A 81 15.28 -5.39 2.44
C LEU A 81 16.70 -5.72 2.05
N SER A 82 17.39 -4.70 1.60
CA SER A 82 18.77 -4.70 1.04
C SER A 82 19.93 -5.07 1.98
N MET A 83 19.63 -5.44 3.24
CA MET A 83 20.50 -5.93 4.29
C MET A 83 19.93 -7.30 4.74
N PRO A 84 20.61 -8.26 5.47
CA PRO A 84 20.10 -9.47 6.16
C PRO A 84 19.15 -9.10 7.34
N PRO A 85 18.48 -9.81 8.33
CA PRO A 85 17.71 -9.15 9.41
C PRO A 85 18.51 -8.06 10.12
N ARG A 86 17.89 -6.88 10.35
CA ARG A 86 18.42 -5.63 10.88
C ARG A 86 19.66 -5.69 11.79
N PRO A 87 19.64 -6.47 12.89
CA PRO A 87 20.78 -6.84 13.74
C PRO A 87 21.94 -7.69 13.20
N ASP A 88 23.13 -7.28 13.67
CA ASP A 88 24.43 -7.92 13.57
C ASP A 88 24.90 -8.46 14.94
N ILE A 89 24.32 -7.83 15.97
CA ILE A 89 24.46 -7.87 17.39
C ILE A 89 23.08 -7.97 17.99
N ASP A 90 23.00 -7.77 19.32
CA ASP A 90 21.75 -7.62 20.04
C ASP A 90 21.63 -6.17 20.52
N GLU A 91 22.78 -5.44 20.55
CA GLU A 91 22.90 -4.12 21.18
C GLU A 91 22.95 -2.85 20.40
N ASP A 92 23.48 -2.84 19.17
CA ASP A 92 23.61 -1.62 18.39
C ASP A 92 22.57 -1.57 17.29
N PHE A 93 21.85 -2.71 17.18
CA PHE A 93 20.87 -3.21 16.21
C PHE A 93 20.77 -2.78 14.76
N ILE A 94 20.78 -1.48 14.52
CA ILE A 94 20.77 -0.79 13.24
C ILE A 94 22.15 -0.49 12.74
N ASP A 95 22.37 -0.88 11.48
CA ASP A 95 23.67 -0.76 10.85
C ASP A 95 23.63 -0.20 9.48
N GLY A 96 22.85 -0.86 8.60
CA GLY A 96 22.54 -0.39 7.27
C GLY A 96 21.11 0.03 7.22
N VAL A 97 20.57 0.49 8.38
CA VAL A 97 19.27 1.12 8.46
C VAL A 97 19.61 2.53 8.83
N GLU A 98 18.87 3.46 8.25
CA GLU A 98 19.01 4.91 8.33
C GLU A 98 18.35 5.60 9.52
N TYR A 99 17.99 4.79 10.56
CA TYR A 99 17.36 5.18 11.84
C TYR A 99 15.91 5.67 11.66
N ARG A 100 15.18 4.96 10.79
CA ARG A 100 13.84 5.25 10.32
C ARG A 100 12.84 4.20 10.83
N PRO A 101 11.53 4.54 10.97
CA PRO A 101 10.47 3.63 11.43
C PRO A 101 9.98 2.67 10.34
N GLY A 102 9.16 1.68 10.77
CA GLY A 102 8.63 0.59 9.97
C GLY A 102 7.34 0.81 9.22
N ARG A 103 7.10 2.04 8.74
CA ARG A 103 5.92 2.36 7.98
C ARG A 103 6.31 3.32 6.88
N LEU A 104 5.52 3.25 5.78
CA LEU A 104 5.61 4.08 4.59
C LEU A 104 4.42 5.00 4.60
N GLU A 105 4.63 6.34 4.51
CA GLU A 105 3.54 7.29 4.38
C GLU A 105 3.99 8.09 3.18
N ILE A 106 3.29 7.92 2.05
CA ILE A 106 3.62 8.50 0.77
C ILE A 106 2.39 9.08 0.05
N THR A 107 2.51 10.25 -0.63
CA THR A 107 1.46 10.85 -1.46
C THR A 107 1.90 10.78 -2.92
N ASP A 108 1.14 10.14 -3.83
CA ASP A 108 1.41 10.06 -5.25
C ASP A 108 0.03 10.24 -5.80
N GLY A 109 -0.17 10.40 -7.12
CA GLY A 109 -1.48 10.56 -7.77
C GLY A 109 -2.03 11.94 -7.65
N ASN A 110 -2.35 12.16 -6.34
CA ASN A 110 -3.31 13.00 -5.65
C ASN A 110 -3.62 12.40 -4.27
N LEU A 111 -3.54 11.06 -4.20
CA LEU A 111 -3.79 10.06 -3.16
C LEU A 111 -2.76 9.83 -2.09
N TRP A 112 -3.23 9.70 -0.83
CA TRP A 112 -2.47 9.40 0.34
C TRP A 112 -2.50 7.85 0.47
N LEU A 113 -1.37 7.19 0.04
CA LEU A 113 -1.12 5.74 0.12
C LEU A 113 -0.30 5.58 1.44
N GLY A 114 -0.72 4.67 2.36
CA GLY A 114 -0.02 4.34 3.59
C GLY A 114 0.17 2.83 3.57
N PHE A 115 1.38 2.27 3.82
CA PHE A 115 1.63 0.82 3.85
C PHE A 115 2.42 0.57 5.12
N THR A 116 2.12 -0.51 5.93
CA THR A 116 2.82 -0.69 7.20
C THR A 116 3.42 -2.06 7.18
N VAL A 117 4.75 -2.24 6.92
CA VAL A 117 5.49 -3.54 7.02
C VAL A 117 5.45 -3.96 8.47
N CYS A 118 4.78 -5.14 8.75
CA CYS A 118 4.22 -5.65 9.99
C CYS A 118 4.29 -4.76 11.22
N LYS A 119 3.20 -4.11 11.68
CA LYS A 119 3.09 -3.19 12.82
C LYS A 119 3.97 -3.46 14.08
N PRO A 120 4.11 -4.71 14.57
CA PRO A 120 5.05 -5.06 15.62
C PRO A 120 6.37 -5.68 15.12
N ASN A 121 6.77 -5.52 13.83
CA ASN A 121 8.00 -6.07 13.22
C ASN A 121 8.52 -5.46 11.88
N GLU A 122 9.64 -4.70 11.94
CA GLU A 122 10.39 -4.19 10.80
C GLU A 122 11.63 -5.00 10.44
N LYS A 123 12.40 -5.36 11.49
CA LYS A 123 13.69 -5.97 11.69
C LYS A 123 14.13 -7.13 10.82
N PHE A 124 13.21 -7.74 10.08
CA PHE A 124 13.42 -8.82 9.17
C PHE A 124 13.22 -8.41 7.72
N LYS A 125 12.76 -7.17 7.43
CA LYS A 125 12.56 -6.56 6.10
C LYS A 125 11.49 -7.18 5.16
N ASP A 126 11.59 -8.52 4.96
CA ASP A 126 10.74 -9.48 4.26
C ASP A 126 9.30 -9.74 4.80
N PRO A 127 8.79 -9.42 6.03
CA PRO A 127 7.38 -9.41 6.47
C PRO A 127 6.28 -8.94 5.55
N SER A 128 5.09 -8.92 6.14
CA SER A 128 3.81 -8.66 5.51
C SER A 128 3.54 -7.24 5.82
N LEU A 129 2.58 -6.60 5.12
CA LEU A 129 2.21 -5.23 5.44
C LEU A 129 0.94 -5.48 6.24
N GLN A 130 0.87 -4.86 7.45
CA GLN A 130 -0.17 -5.09 8.49
C GLN A 130 -1.27 -4.07 8.27
N CYS A 131 -1.86 -4.14 7.04
CA CYS A 131 -2.82 -3.17 6.49
C CYS A 131 -2.04 -2.33 5.50
N ARG A 132 -2.70 -2.06 4.35
CA ARG A 132 -2.31 -1.04 3.42
C ARG A 132 -3.51 -0.10 3.53
N MET A 133 -3.25 1.21 3.66
CA MET A 133 -4.21 2.27 3.78
C MET A 133 -4.15 3.03 2.47
N ALA A 134 -5.26 3.12 1.73
CA ALA A 134 -5.29 3.81 0.45
C ALA A 134 -6.44 4.78 0.54
N ILE A 135 -6.18 6.12 0.47
CA ILE A 135 -7.27 7.13 0.50
C ILE A 135 -6.96 8.23 -0.50
N ILE A 136 -7.96 8.73 -1.26
CA ILE A 136 -7.90 9.80 -2.24
C ILE A 136 -8.99 10.81 -1.90
N ASN A 137 -8.93 11.97 -2.57
CA ASN A 137 -9.77 13.16 -2.44
C ASN A 137 -10.86 13.29 -3.52
N SER A 138 -12.18 13.41 -3.16
CA SER A 138 -13.32 13.63 -4.10
C SER A 138 -14.70 13.53 -3.47
N ARG A 139 -15.31 12.38 -3.88
CA ARG A 139 -16.69 12.09 -3.96
C ARG A 139 -16.84 10.69 -4.53
N ARG A 140 -16.14 10.47 -5.67
CA ARG A 140 -16.22 9.31 -6.55
C ARG A 140 -15.31 9.66 -7.67
N LEU A 141 -14.02 9.59 -7.33
CA LEU A 141 -12.97 10.22 -8.10
C LEU A 141 -12.77 9.76 -9.55
N PRO A 142 -12.63 10.69 -10.51
CA PRO A 142 -12.45 10.38 -11.93
C PRO A 142 -11.01 10.08 -12.29
N GLY A 143 -10.16 10.41 -11.32
CA GLY A 143 -8.73 10.47 -11.39
C GLY A 143 -8.23 11.88 -11.44
N LYS A 144 -7.93 12.43 -10.25
CA LYS A 144 -7.38 13.76 -10.07
C LYS A 144 -5.84 13.74 -9.98
N ALA A 145 -5.22 14.90 -10.31
CA ALA A 145 -3.80 15.18 -10.31
C ALA A 145 -3.67 16.60 -9.79
N SER A 146 -3.13 16.76 -8.56
CA SER A 146 -3.09 18.04 -7.86
C SER A 146 -1.79 18.29 -7.16
N LYS A 147 -0.87 18.93 -7.90
CA LYS A 147 0.49 19.36 -7.54
C LYS A 147 1.49 18.23 -7.56
N ALA A 148 1.07 17.07 -6.98
CA ALA A 148 1.65 15.76 -7.15
C ALA A 148 2.95 15.49 -6.40
N VAL A 149 2.89 15.01 -5.12
CA VAL A 149 4.01 14.80 -4.20
C VAL A 149 5.15 13.86 -4.63
N ILE A 150 4.86 12.55 -4.62
CA ILE A 150 5.71 11.38 -4.87
C ILE A 150 5.82 10.93 -6.31
N LYS A 151 7.03 10.43 -6.49
CA LYS A 151 7.78 9.81 -7.54
C LYS A 151 7.43 8.36 -7.75
N THR A 152 7.55 7.85 -8.97
CA THR A 152 7.45 6.41 -9.13
C THR A 152 8.87 5.84 -9.14
N GLN A 153 9.19 5.38 -7.93
CA GLN A 153 10.31 4.68 -7.36
C GLN A 153 10.09 3.16 -7.53
N MET A 1 -33.74 6.77 0.78
CA MET A 1 -34.09 5.53 0.11
C MET A 1 -33.78 5.58 -1.39
N THR A 2 -32.47 5.70 -1.68
CA THR A 2 -31.85 5.85 -3.00
C THR A 2 -31.58 4.52 -3.69
N ILE A 3 -31.09 4.59 -4.96
CA ILE A 3 -30.75 3.49 -5.85
C ILE A 3 -29.37 2.88 -5.55
N ASN A 4 -29.14 2.62 -4.26
CA ASN A 4 -27.97 2.03 -3.56
C ASN A 4 -27.87 0.50 -3.75
N THR A 5 -28.57 0.00 -4.78
CA THR A 5 -28.71 -1.35 -5.34
C THR A 5 -27.55 -1.65 -6.27
N GLU A 6 -27.45 -0.84 -7.37
CA GLU A 6 -26.35 -0.84 -8.34
C GLU A 6 -25.06 -0.27 -7.76
N VAL A 7 -25.19 0.33 -6.54
CA VAL A 7 -24.11 0.87 -5.69
C VAL A 7 -23.59 -0.24 -4.80
N PHE A 8 -24.45 -1.25 -4.45
CA PHE A 8 -24.10 -2.46 -3.70
C PHE A 8 -23.30 -3.38 -4.61
N ILE A 9 -23.72 -3.44 -5.92
CA ILE A 9 -22.94 -4.00 -7.02
C ILE A 9 -21.65 -3.22 -7.23
N ARG A 10 -21.65 -1.86 -7.20
CA ARG A 10 -20.44 -1.04 -7.23
C ARG A 10 -19.43 -1.30 -6.09
N ARG A 11 -19.85 -1.33 -4.78
CA ARG A 11 -19.07 -1.83 -3.62
C ARG A 11 -18.56 -3.29 -3.65
N ASN A 12 -19.30 -4.24 -4.24
CA ASN A 12 -18.97 -5.68 -4.45
C ASN A 12 -17.99 -5.88 -5.58
N LYS A 13 -18.29 -5.25 -6.75
CA LYS A 13 -17.49 -5.08 -7.96
C LYS A 13 -16.19 -4.38 -7.61
N LEU A 14 -16.26 -3.51 -6.54
CA LEU A 14 -15.10 -2.90 -5.90
C LEU A 14 -14.32 -3.81 -5.01
N ARG A 15 -15.00 -4.70 -4.26
CA ARG A 15 -14.39 -5.86 -3.55
C ARG A 15 -13.63 -6.79 -4.53
N ARG A 16 -14.25 -7.12 -5.73
CA ARG A 16 -13.54 -7.75 -6.86
C ARG A 16 -12.40 -6.91 -7.49
N HIS A 17 -12.62 -5.56 -7.73
CA HIS A 17 -11.68 -4.51 -8.22
C HIS A 17 -10.46 -4.38 -7.32
N PHE A 18 -10.73 -4.40 -5.97
CA PHE A 18 -9.78 -4.35 -4.87
C PHE A 18 -8.89 -5.58 -4.79
N GLU A 19 -9.50 -6.80 -4.73
CA GLU A 19 -8.79 -8.07 -4.60
C GLU A 19 -8.08 -8.56 -5.85
N SER A 20 -8.66 -8.31 -7.05
CA SER A 20 -8.08 -8.60 -8.38
C SER A 20 -6.95 -7.66 -8.73
N GLU A 21 -7.09 -6.35 -8.42
CA GLU A 21 -5.98 -5.42 -8.51
C GLU A 21 -4.98 -5.52 -7.34
N PHE A 22 -5.36 -5.89 -6.07
CA PHE A 22 -4.40 -6.23 -4.98
C PHE A 22 -3.49 -7.42 -5.33
N ARG A 23 -4.04 -8.44 -6.07
CA ARG A 23 -3.26 -9.50 -6.71
C ARG A 23 -2.46 -9.01 -7.87
N GLN A 24 -2.96 -8.01 -8.66
CA GLN A 24 -2.16 -7.33 -9.69
C GLN A 24 -0.94 -6.59 -9.21
N ILE A 25 -1.11 -5.75 -8.15
CA ILE A 25 -0.02 -4.99 -7.56
C ILE A 25 0.91 -5.88 -6.79
N ASN A 26 0.39 -6.82 -5.91
CA ASN A 26 1.29 -7.73 -5.20
C ASN A 26 1.89 -8.84 -6.06
N ASN A 27 1.25 -9.24 -7.23
CA ASN A 27 1.93 -10.11 -8.19
C ASN A 27 3.02 -9.33 -8.95
N GLU A 28 2.88 -7.98 -9.26
CA GLU A 28 4.01 -7.20 -9.75
C GLU A 28 5.08 -7.02 -8.69
N ILE A 29 4.72 -6.77 -7.40
CA ILE A 29 5.67 -6.66 -6.31
C ILE A 29 6.44 -7.89 -5.95
N ARG A 30 5.77 -9.04 -5.88
CA ARG A 30 6.41 -10.35 -5.72
C ARG A 30 7.23 -10.80 -6.92
N GLU A 31 6.77 -10.57 -8.20
CA GLU A 31 7.45 -10.98 -9.43
C GLU A 31 8.61 -10.10 -9.73
N ALA A 32 8.48 -8.78 -9.42
CA ALA A 32 9.56 -7.84 -9.59
C ALA A 32 10.63 -7.95 -8.55
N SER A 33 10.20 -8.30 -7.30
CA SER A 33 11.06 -8.55 -6.16
C SER A 33 11.76 -9.90 -6.32
N LYS A 34 11.08 -10.94 -6.89
CA LYS A 34 11.71 -12.20 -7.32
C LYS A 34 12.65 -12.09 -8.53
N ALA A 35 12.22 -11.35 -9.58
CA ALA A 35 12.96 -11.07 -10.79
C ALA A 35 14.10 -10.07 -10.58
N ALA A 36 13.97 -9.10 -9.60
CA ALA A 36 15.08 -8.24 -9.18
C ALA A 36 16.11 -8.97 -8.30
N GLY A 37 15.74 -10.15 -7.69
CA GLY A 37 16.71 -10.96 -6.94
C GLY A 37 16.69 -10.73 -5.45
N VAL A 38 15.58 -10.16 -4.93
CA VAL A 38 15.36 -9.86 -3.54
C VAL A 38 14.25 -10.82 -3.12
N SER A 39 13.99 -10.84 -1.80
CA SER A 39 12.96 -11.61 -1.06
C SER A 39 11.50 -11.33 -1.46
N SER A 40 10.59 -12.06 -0.82
CA SER A 40 9.15 -11.98 -1.01
C SER A 40 8.54 -11.09 0.04
N PHE A 41 7.76 -10.05 -0.38
CA PHE A 41 7.03 -9.19 0.54
C PHE A 41 5.54 -9.42 0.34
N HIS A 42 4.76 -9.42 1.45
CA HIS A 42 3.33 -9.79 1.41
C HIS A 42 2.40 -8.65 1.80
N LEU A 43 1.10 -8.81 1.49
CA LEU A 43 0.02 -7.82 1.66
C LEU A 43 -1.12 -8.30 2.56
N LYS A 44 -1.58 -7.43 3.52
CA LYS A 44 -2.78 -7.63 4.31
C LYS A 44 -3.42 -6.25 4.39
N TYR A 45 -4.72 -6.20 4.75
CA TYR A 45 -5.55 -5.00 4.87
C TYR A 45 -6.22 -4.87 6.25
N SER A 46 -6.65 -3.62 6.54
CA SER A 46 -7.68 -3.28 7.52
C SER A 46 -8.57 -2.31 6.76
N GLN A 47 -9.62 -2.82 6.06
CA GLN A 47 -10.61 -2.17 5.19
C GLN A 47 -11.30 -0.88 5.69
N ALA A 48 -11.27 -0.33 6.94
CA ALA A 48 -12.03 0.89 7.40
C ALA A 48 -11.91 2.21 6.57
N LEU A 49 -10.70 2.43 6.07
CA LEU A 49 -10.13 3.44 5.17
C LEU A 49 -10.65 3.24 3.74
N LEU A 50 -10.71 1.95 3.39
CA LEU A 50 -11.31 1.39 2.22
C LEU A 50 -12.85 1.39 2.34
N ASP A 51 -13.42 1.30 3.58
CA ASP A 51 -14.82 1.35 3.98
C ASP A 51 -15.34 2.78 3.72
N ARG A 52 -14.46 3.81 3.86
CA ARG A 52 -14.72 5.10 3.24
C ARG A 52 -14.61 5.13 1.73
N ALA A 53 -13.62 4.47 1.08
CA ALA A 53 -13.52 4.54 -0.39
C ALA A 53 -14.57 3.74 -1.20
N ILE A 54 -15.05 2.65 -0.58
CA ILE A 54 -16.07 1.66 -0.97
C ILE A 54 -17.46 2.24 -0.91
N GLN A 55 -17.75 3.15 0.08
CA GLN A 55 -19.02 3.87 0.06
C GLN A 55 -19.02 5.36 -0.26
N ARG A 56 -17.96 6.14 0.06
CA ARG A 56 -17.99 7.61 -0.08
C ARG A 56 -17.54 8.10 -1.46
N GLU A 57 -17.10 7.15 -2.29
CA GLU A 57 -16.59 7.33 -3.59
C GLU A 57 -17.23 6.18 -4.37
N ILE A 58 -16.87 4.91 -4.01
CA ILE A 58 -17.46 3.59 -4.36
C ILE A 58 -16.65 2.52 -5.09
N ASP A 59 -15.70 2.98 -5.88
CA ASP A 59 -14.84 2.29 -6.90
C ASP A 59 -13.51 3.00 -6.89
N GLU A 60 -12.58 2.73 -5.91
CA GLU A 60 -11.22 3.35 -5.86
C GLU A 60 -10.25 2.68 -6.81
N THR A 61 -10.62 2.72 -8.11
CA THR A 61 -9.92 2.24 -9.29
C THR A 61 -8.83 3.17 -9.78
N TYR A 62 -9.00 4.43 -9.37
CA TYR A 62 -8.10 5.56 -9.40
C TYR A 62 -6.91 5.35 -8.46
N VAL A 63 -7.17 4.58 -7.36
CA VAL A 63 -6.22 4.21 -6.32
C VAL A 63 -5.15 3.33 -6.89
N PHE A 64 -5.67 2.38 -7.70
CA PHE A 64 -5.09 1.41 -8.61
C PHE A 64 -4.29 2.06 -9.68
N GLU A 65 -4.72 3.17 -10.31
CA GLU A 65 -3.92 3.92 -11.29
C GLU A 65 -2.68 4.64 -10.75
N LEU A 66 -2.85 5.34 -9.61
CA LEU A 66 -1.79 5.91 -8.80
C LEU A 66 -0.84 4.82 -8.21
N PHE A 67 -1.38 3.72 -7.58
CA PHE A 67 -0.63 2.61 -6.95
C PHE A 67 -0.05 1.61 -7.92
N HIS A 68 -0.58 1.65 -9.16
CA HIS A 68 -0.03 1.07 -10.37
C HIS A 68 1.13 1.91 -10.88
N LYS A 69 1.25 3.25 -10.53
CA LYS A 69 2.68 3.79 -10.55
C LYS A 69 3.56 3.34 -9.33
N ILE A 70 3.05 3.28 -8.06
CA ILE A 70 3.69 2.78 -6.79
C ILE A 70 4.27 1.35 -6.87
N LYS A 71 3.68 0.58 -7.77
CA LYS A 71 3.95 -0.81 -8.16
C LYS A 71 5.34 -1.20 -8.52
N ASP A 72 6.16 -0.25 -9.00
CA ASP A 72 7.52 -0.43 -9.39
C ASP A 72 8.41 0.08 -8.23
N HIS A 73 7.79 0.54 -7.09
CA HIS A 73 8.41 1.06 -5.87
C HIS A 73 8.75 -0.04 -4.89
N VAL A 74 8.70 -1.28 -5.47
CA VAL A 74 9.33 -2.58 -5.13
C VAL A 74 10.74 -2.36 -4.67
N LEU A 75 11.48 -1.66 -5.56
CA LEU A 75 12.86 -1.22 -5.40
C LEU A 75 13.14 -0.31 -4.20
N GLU A 76 12.12 0.49 -3.76
CA GLU A 76 12.15 1.28 -2.53
C GLU A 76 11.96 0.42 -1.27
N VAL A 77 10.98 -0.54 -1.30
CA VAL A 77 10.69 -1.54 -0.23
C VAL A 77 11.82 -2.58 -0.08
N ASN A 78 12.45 -2.87 -1.22
CA ASN A 78 13.61 -3.69 -1.45
C ASN A 78 14.93 -3.05 -1.04
N GLU A 79 15.15 -1.71 -1.27
CA GLU A 79 16.25 -0.93 -0.66
C GLU A 79 16.11 -0.85 0.88
N PHE A 80 14.84 -0.91 1.36
CA PHE A 80 14.45 -1.12 2.77
C PHE A 80 14.73 -2.59 3.30
N LEU A 81 14.64 -3.67 2.46
CA LEU A 81 15.06 -5.10 2.71
C LEU A 81 16.57 -5.24 2.78
N SER A 82 17.25 -4.60 1.82
CA SER A 82 18.64 -4.73 1.40
C SER A 82 19.75 -4.32 2.35
N MET A 83 19.40 -3.90 3.58
CA MET A 83 20.33 -3.47 4.61
C MET A 83 20.92 -4.67 5.41
N PRO A 84 22.02 -4.50 6.20
CA PRO A 84 22.51 -5.49 7.20
C PRO A 84 21.47 -5.68 8.34
N PRO A 85 21.50 -6.60 9.35
CA PRO A 85 20.36 -6.90 10.25
C PRO A 85 19.77 -5.70 11.00
N ARG A 86 18.49 -5.74 11.44
CA ARG A 86 17.84 -4.59 12.13
C ARG A 86 18.41 -4.35 13.55
N PRO A 87 18.33 -5.32 14.49
CA PRO A 87 18.95 -5.27 15.81
C PRO A 87 20.46 -5.13 16.01
N ASP A 88 20.65 -4.74 17.31
CA ASP A 88 21.61 -4.25 18.27
C ASP A 88 20.94 -2.93 18.71
N ILE A 89 19.81 -2.64 17.97
CA ILE A 89 18.63 -1.81 17.99
C ILE A 89 18.68 -0.65 17.07
N ASP A 90 17.54 -0.02 16.72
CA ASP A 90 17.44 1.25 15.97
C ASP A 90 18.10 2.46 16.68
N GLU A 91 18.46 2.22 17.96
CA GLU A 91 19.30 2.98 18.86
C GLU A 91 20.75 2.56 18.89
N ASP A 92 21.10 1.27 18.74
CA ASP A 92 22.50 0.87 18.83
C ASP A 92 23.09 0.12 17.64
N PHE A 93 22.29 -0.16 16.61
CA PHE A 93 22.70 -0.88 15.38
C PHE A 93 22.64 -0.11 14.08
N ILE A 94 21.51 0.54 13.86
CA ILE A 94 21.10 1.18 12.63
C ILE A 94 21.70 2.53 12.32
N ASP A 95 22.04 2.63 11.02
CA ASP A 95 22.81 3.71 10.43
C ASP A 95 22.64 3.67 8.93
N GLY A 96 22.58 2.44 8.34
CA GLY A 96 22.47 2.20 6.90
C GLY A 96 21.05 2.09 6.44
N VAL A 97 20.12 2.65 7.24
CA VAL A 97 18.69 2.68 7.01
C VAL A 97 18.27 4.04 6.51
N GLU A 98 18.13 4.08 5.17
CA GLU A 98 17.79 5.20 4.32
C GLU A 98 16.32 5.41 4.12
N TYR A 99 15.58 4.60 4.90
CA TYR A 99 14.13 4.58 4.98
C TYR A 99 13.70 4.94 6.38
N ARG A 100 12.39 5.23 6.57
CA ARG A 100 11.78 5.64 7.83
C ARG A 100 11.28 4.44 8.65
N PRO A 101 11.02 4.58 9.98
CA PRO A 101 10.49 3.51 10.83
C PRO A 101 9.09 3.01 10.51
N GLY A 102 8.83 1.71 10.75
CA GLY A 102 7.51 1.08 10.87
C GLY A 102 6.59 1.07 9.68
N ARG A 103 6.40 2.25 9.07
CA ARG A 103 5.55 2.36 7.90
C ARG A 103 6.21 3.06 6.75
N LEU A 104 5.62 2.80 5.57
CA LEU A 104 5.91 3.37 4.27
C LEU A 104 4.75 4.32 4.01
N GLU A 105 5.03 5.58 3.65
CA GLU A 105 4.02 6.58 3.41
C GLU A 105 4.39 7.15 2.08
N ILE A 106 3.43 7.29 1.13
CA ILE A 106 3.61 7.81 -0.21
C ILE A 106 2.52 8.85 -0.47
N THR A 107 2.88 10.02 -1.02
CA THR A 107 1.95 11.12 -1.32
C THR A 107 2.20 11.69 -2.73
N ASP A 108 1.22 11.55 -3.67
CA ASP A 108 1.13 12.11 -5.03
C ASP A 108 -0.14 11.48 -5.49
N GLY A 109 -0.58 11.59 -6.77
CA GLY A 109 -1.79 10.90 -7.29
C GLY A 109 -3.07 11.40 -6.85
N ASN A 110 -3.14 12.58 -6.15
CA ASN A 110 -4.30 13.18 -5.48
C ASN A 110 -4.68 12.38 -4.22
N LEU A 111 -3.76 11.45 -3.91
CA LEU A 111 -3.74 10.29 -3.06
C LEU A 111 -2.69 10.33 -1.97
N TRP A 112 -3.10 10.05 -0.73
CA TRP A 112 -2.23 9.93 0.39
C TRP A 112 -2.36 8.43 0.71
N LEU A 113 -1.37 7.60 0.27
CA LEU A 113 -1.38 6.18 0.63
C LEU A 113 -0.28 5.89 1.66
N GLY A 114 -0.60 5.06 2.67
CA GLY A 114 0.36 4.55 3.65
C GLY A 114 0.19 3.04 3.70
N PHE A 115 1.30 2.26 3.86
CA PHE A 115 1.32 0.82 3.99
C PHE A 115 2.22 0.56 5.20
N THR A 116 1.79 -0.31 6.16
CA THR A 116 2.42 -0.44 7.47
C THR A 116 3.10 -1.77 7.51
N VAL A 117 4.45 -1.79 7.48
CA VAL A 117 5.34 -2.96 7.44
C VAL A 117 5.42 -3.65 8.78
N CYS A 118 4.73 -4.83 8.89
CA CYS A 118 4.44 -5.65 10.08
C CYS A 118 4.02 -4.87 11.33
N LYS A 119 2.76 -4.33 11.30
CA LYS A 119 2.06 -3.40 12.22
C LYS A 119 2.41 -3.43 13.72
N PRO A 120 2.23 -4.52 14.53
CA PRO A 120 2.76 -4.65 15.89
C PRO A 120 4.31 -4.86 15.88
N ASN A 121 5.04 -3.79 15.45
CA ASN A 121 6.45 -3.62 15.10
C ASN A 121 7.62 -4.30 15.80
N GLU A 122 8.64 -4.49 14.92
CA GLU A 122 9.91 -5.16 15.08
C GLU A 122 10.93 -4.81 14.01
N LYS A 123 10.50 -4.81 12.74
CA LYS A 123 11.15 -4.55 11.50
C LYS A 123 12.05 -5.72 11.04
N PHE A 124 11.49 -6.51 10.09
CA PHE A 124 12.03 -7.77 9.61
C PHE A 124 12.65 -7.78 8.24
N LYS A 125 13.00 -6.61 7.63
CA LYS A 125 13.73 -6.42 6.36
C LYS A 125 13.79 -7.55 5.29
N ASP A 126 12.54 -7.95 4.96
CA ASP A 126 11.88 -8.97 4.18
C ASP A 126 10.35 -8.87 4.54
N PRO A 127 9.61 -7.73 4.61
CA PRO A 127 8.35 -7.67 5.39
C PRO A 127 7.03 -7.97 4.69
N SER A 128 5.98 -7.86 5.49
CA SER A 128 4.60 -7.98 5.06
C SER A 128 3.94 -6.70 5.52
N LEU A 129 2.90 -6.19 4.81
CA LEU A 129 2.25 -4.92 5.13
C LEU A 129 0.99 -5.38 5.84
N GLN A 130 0.63 -4.84 7.04
CA GLN A 130 -0.47 -5.42 7.85
C GLN A 130 -1.60 -4.44 7.94
N CYS A 131 -1.87 -3.89 6.74
CA CYS A 131 -2.74 -2.77 6.45
C CYS A 131 -2.05 -1.99 5.34
N ARG A 132 -2.82 -1.79 4.26
CA ARG A 132 -2.59 -0.86 3.19
C ARG A 132 -3.76 0.13 3.32
N MET A 133 -3.45 1.39 3.72
CA MET A 133 -4.33 2.54 3.91
C MET A 133 -4.23 3.43 2.69
N ALA A 134 -5.37 3.66 2.03
CA ALA A 134 -5.51 4.49 0.87
C ALA A 134 -6.62 5.48 1.08
N ILE A 135 -6.30 6.82 1.10
CA ILE A 135 -7.27 7.89 1.23
C ILE A 135 -6.87 8.93 0.21
N ILE A 136 -7.83 9.33 -0.62
CA ILE A 136 -7.73 10.31 -1.70
C ILE A 136 -8.36 11.61 -1.25
N ASN A 137 -8.18 12.64 -2.09
CA ASN A 137 -8.93 13.92 -2.08
C ASN A 137 -10.10 13.72 -3.02
N SER A 138 -10.96 14.74 -3.25
CA SER A 138 -12.06 14.63 -4.24
C SER A 138 -11.68 14.50 -5.72
N ARG A 139 -11.24 13.22 -5.99
CA ARG A 139 -11.37 12.46 -7.26
C ARG A 139 -12.85 12.08 -7.39
N ARG A 140 -13.43 12.12 -6.15
CA ARG A 140 -14.67 11.91 -5.42
C ARG A 140 -14.50 11.84 -3.96
N LEU A 141 -13.50 11.07 -3.50
CA LEU A 141 -13.14 10.74 -2.13
C LEU A 141 -13.20 11.88 -1.09
N PRO A 142 -14.17 11.97 -0.22
CA PRO A 142 -14.19 12.90 0.90
C PRO A 142 -13.36 12.38 2.04
N GLY A 143 -12.14 12.90 2.07
CA GLY A 143 -11.09 12.46 3.01
C GLY A 143 -9.77 13.18 3.01
N LYS A 144 -8.73 12.61 2.34
CA LYS A 144 -7.32 13.04 2.31
C LYS A 144 -6.45 13.00 3.63
N ALA A 145 -5.09 13.00 3.51
CA ALA A 145 -4.09 12.99 4.59
C ALA A 145 -2.88 13.88 4.24
N SER A 146 -1.61 13.58 4.67
CA SER A 146 -0.42 14.38 4.38
C SER A 146 0.87 13.57 4.50
N LYS A 147 1.99 14.27 4.19
CA LYS A 147 3.42 13.96 4.22
C LYS A 147 4.17 14.80 3.23
N ALA A 148 3.63 14.93 2.00
CA ALA A 148 4.08 15.88 0.99
C ALA A 148 5.24 15.55 0.02
N VAL A 149 5.80 14.30 -0.04
CA VAL A 149 6.92 13.95 -0.91
C VAL A 149 6.84 12.57 -1.59
N ILE A 150 7.35 12.54 -2.86
CA ILE A 150 7.43 11.48 -3.84
C ILE A 150 8.76 11.11 -4.61
N LYS A 151 8.85 9.78 -4.83
CA LYS A 151 9.57 8.71 -5.56
C LYS A 151 8.66 8.63 -6.72
N THR A 152 9.02 8.29 -7.96
CA THR A 152 8.04 8.67 -9.00
C THR A 152 6.70 7.87 -9.24
N GLN A 153 5.78 8.54 -8.56
CA GLN A 153 4.41 8.56 -8.50
C GLN A 153 3.71 7.41 -7.75
#